data_7X0F
#
_entry.id   7X0F
#
_cell.length_a   198.411
_cell.length_b   71.190
_cell.length_c   172.770
_cell.angle_alpha   90.000
_cell.angle_beta   109.930
_cell.angle_gamma   90.000
#
_symmetry.space_group_name_H-M   'C 1 2 1'
#
loop_
_entity.id
_entity.type
_entity.pdbx_description
1 polymer 'AMB antimetabolite synthase AmbB'
2 non-polymer "4'-PHOSPHOPANTETHEINE"
3 water water
#
_entity_poly.entity_id   1
_entity_poly.type   'polypeptide(L)'
_entity_poly.pdbx_seq_one_letter_code
;TGAEPQALPSDPLEQALHQAWQAQLGAPPRAGQGFYAAGGDSLRAVHLLATLRQRLSRRVPLQAFAGGPATPEALLELLR
QAAPEGDEPEPSAGAAGLSLAERRLWVAQQLAPEDTSYNLLAHLRIVGATADAIEQALRQLLERHVALRRRVETGVDGPQ
PHALAAHAVPLQRLLASDAVHAERLLEDGVRREGARVFDLAHEAPARLLLVVTRDSARADLLLSVHHYAFDDVSLAVFAA
ELKTLLDGGRLGVLASTPEQVAARERAALASGRLDRVAERWAERLLPLAKAPGAAPARPEESGGRAGQRLALPVSAAVHA
ACRALAERTSVSPFSAALQAFAEVLGAELGVDDLLVGVALAGRSRLEMQGLVGCFVNLLPLAVGLRPEQSVEWRLRQVGH
DLLELLEHQDVPLECVTQALRQRGASGLPIRIACGAHNGRAAPAVDAGVRVEADFIPVPGARLDLTLWLEDQPQGWLAVW
TGVSAIFDLHRIERLHQAWERRLLANAGEPISKRMSPEGCNAS
;
_entity_poly.pdbx_strand_id   A,B,C,D
#
# COMPACT_ATOMS: atom_id res chain seq x y z
N GLU A 14 55.89 -19.02 -27.18
CA GLU A 14 55.81 -20.01 -26.07
C GLU A 14 56.74 -19.61 -24.92
N GLN A 15 56.45 -20.12 -23.72
CA GLN A 15 57.20 -19.79 -22.49
C GLN A 15 57.05 -18.28 -22.21
N ALA A 16 55.79 -17.82 -22.24
CA ALA A 16 55.40 -16.42 -22.48
C ALA A 16 53.87 -16.42 -22.59
N LEU A 17 53.30 -17.35 -23.37
CA LEU A 17 51.94 -17.87 -23.13
C LEU A 17 51.90 -18.42 -21.70
N HIS A 18 52.86 -19.30 -21.38
CA HIS A 18 53.06 -19.86 -20.04
C HIS A 18 53.06 -18.79 -18.94
N GLN A 19 53.89 -17.77 -19.14
CA GLN A 19 54.08 -16.67 -18.18
C GLN A 19 52.80 -15.88 -17.97
N ALA A 20 52.16 -15.48 -19.07
CA ALA A 20 50.95 -14.65 -19.03
C ALA A 20 49.79 -15.42 -18.42
N TRP A 21 49.66 -16.71 -18.77
CA TRP A 21 48.58 -17.59 -18.25
C TRP A 21 48.70 -17.73 -16.75
N GLN A 22 49.94 -17.97 -16.28
CA GLN A 22 50.25 -18.09 -14.86
C GLN A 22 49.98 -16.80 -14.09
N ALA A 23 50.42 -15.67 -14.64
CA ALA A 23 50.20 -14.35 -14.04
C ALA A 23 48.71 -14.06 -13.82
N GLN A 24 47.89 -14.50 -14.77
CA GLN A 24 46.45 -14.25 -14.73
C GLN A 24 45.70 -15.14 -13.74
N LEU A 25 46.04 -16.44 -13.72
CA LEU A 25 45.29 -17.43 -12.94
C LEU A 25 46.02 -17.97 -11.69
N GLY A 26 47.26 -17.51 -11.47
CA GLY A 26 48.09 -17.94 -10.35
C GLY A 26 48.46 -19.42 -10.34
N ALA A 27 48.49 -20.04 -11.53
CA ALA A 27 48.82 -21.45 -11.70
C ALA A 27 49.11 -21.72 -13.17
N PRO A 28 50.04 -22.65 -13.49
CA PRO A 28 50.45 -22.88 -14.88
C PRO A 28 49.34 -23.53 -15.71
N PRO A 29 49.41 -23.45 -17.06
CA PRO A 29 48.49 -24.21 -17.91
C PRO A 29 48.71 -25.73 -17.74
N GLY A 34 40.89 -25.96 -21.00
CA GLY A 34 40.30 -24.69 -21.41
C GLY A 34 40.48 -23.62 -20.37
N PHE A 35 40.66 -22.37 -20.83
CA PHE A 35 40.88 -21.21 -19.97
C PHE A 35 39.78 -21.01 -18.91
N TYR A 36 38.51 -21.14 -19.33
CA TYR A 36 37.31 -21.06 -18.44
C TYR A 36 37.36 -22.24 -17.46
N ALA A 37 37.53 -23.47 -17.97
CA ALA A 37 37.70 -24.67 -17.15
C ALA A 37 38.79 -24.52 -16.06
N ALA A 38 39.86 -23.77 -16.38
CA ALA A 38 40.98 -23.54 -15.45
C ALA A 38 40.76 -22.44 -14.39
N GLY A 39 39.60 -21.78 -14.42
CA GLY A 39 39.25 -20.73 -13.48
C GLY A 39 39.09 -19.36 -14.07
N GLY A 40 39.28 -19.25 -15.39
CA GLY A 40 39.28 -17.99 -16.10
C GLY A 40 37.89 -17.43 -16.40
N ASP A 41 37.84 -16.15 -16.78
CA ASP A 41 36.62 -15.53 -17.28
C ASP A 41 36.98 -14.68 -18.48
N SER A 42 35.98 -14.03 -19.09
CA SER A 42 36.17 -13.28 -20.31
C SER A 42 37.10 -12.08 -20.12
N LEU A 43 37.04 -11.43 -18.94
CA LEU A 43 37.85 -10.24 -18.68
C LEU A 43 39.33 -10.61 -18.51
N ARG A 44 39.59 -11.71 -17.79
CA ARG A 44 40.96 -12.26 -17.61
C ARG A 44 41.51 -12.68 -18.99
N ALA A 45 40.63 -13.14 -19.88
CA ALA A 45 41.01 -13.54 -21.22
C ALA A 45 41.50 -12.34 -22.02
N VAL A 46 40.78 -11.21 -21.91
CA VAL A 46 41.18 -9.97 -22.57
C VAL A 46 42.54 -9.52 -22.05
N HIS A 47 42.74 -9.63 -20.75
CA HIS A 47 43.98 -9.18 -20.11
C HIS A 47 45.15 -10.08 -20.52
N LEU A 48 44.91 -11.40 -20.56
CA LEU A 48 45.86 -12.37 -21.09
C LEU A 48 46.36 -11.94 -22.48
N LEU A 49 45.42 -11.69 -23.40
CA LEU A 49 45.74 -11.39 -24.78
C LEU A 49 46.40 -10.03 -24.95
N ALA A 50 46.01 -9.07 -24.10
CA ALA A 50 46.62 -7.73 -24.10
C ALA A 50 48.08 -7.82 -23.65
N THR A 51 48.37 -8.71 -22.71
CA THR A 51 49.72 -8.96 -22.22
C THR A 51 50.57 -9.58 -23.33
N LEU A 52 50.02 -10.61 -23.99
CA LEU A 52 50.66 -11.25 -25.13
C LEU A 52 50.91 -10.27 -26.29
N ARG A 53 49.96 -9.36 -26.53
CA ARG A 53 50.06 -8.33 -27.60
C ARG A 53 51.22 -7.37 -27.26
N GLN A 54 51.33 -6.98 -25.99
CA GLN A 54 52.35 -6.04 -25.54
C GLN A 54 53.74 -6.67 -25.68
N ARG A 55 53.89 -7.91 -25.19
CA ARG A 55 54.98 -8.84 -25.59
C ARG A 55 54.72 -9.29 -27.04
N LEU A 56 55.59 -10.12 -27.61
CA LEU A 56 55.40 -10.78 -28.91
C LEU A 56 54.68 -10.04 -30.06
N SER A 57 54.18 -8.83 -29.77
CA SER A 57 53.54 -7.95 -30.75
C SER A 57 52.53 -8.62 -31.71
N ARG A 58 51.72 -9.52 -31.14
CA ARG A 58 50.71 -10.36 -31.87
C ARG A 58 49.32 -10.20 -31.23
N ARG A 59 48.33 -9.77 -32.02
CA ARG A 59 46.91 -9.69 -31.60
C ARG A 59 46.19 -10.99 -31.98
N VAL A 60 45.91 -11.85 -31.00
CA VAL A 60 44.96 -12.94 -31.14
C VAL A 60 43.55 -12.39 -30.83
N PRO A 61 42.58 -12.49 -31.77
CA PRO A 61 41.20 -12.07 -31.48
C PRO A 61 40.60 -12.87 -30.31
N LEU A 62 39.85 -12.18 -29.45
CA LEU A 62 39.26 -12.78 -28.28
C LEU A 62 38.24 -13.89 -28.65
N GLN A 63 37.43 -13.65 -29.70
CA GLN A 63 36.40 -14.62 -30.14
C GLN A 63 37.04 -15.97 -30.45
N ALA A 64 38.13 -15.93 -31.25
CA ALA A 64 38.90 -17.11 -31.64
C ALA A 64 39.41 -17.91 -30.45
N PHE A 65 39.98 -17.21 -29.46
CA PHE A 65 40.52 -17.87 -28.28
C PHE A 65 39.42 -18.32 -27.31
N ALA A 66 38.67 -17.35 -26.75
CA ALA A 66 37.72 -17.62 -25.67
C ALA A 66 36.43 -18.31 -26.13
N GLY A 67 36.20 -18.34 -27.45
CA GLY A 67 35.28 -19.26 -28.09
C GLY A 67 35.58 -20.73 -27.78
N THR A 71 42.23 -23.65 -24.90
CA THR A 71 43.30 -24.44 -24.29
C THR A 71 44.65 -23.75 -24.53
N PRO A 72 45.70 -24.07 -23.73
CA PRO A 72 47.05 -23.59 -24.03
C PRO A 72 47.44 -23.92 -25.49
N GLU A 73 47.10 -25.13 -25.95
CA GLU A 73 47.35 -25.58 -27.33
C GLU A 73 46.66 -24.72 -28.39
N ALA A 74 45.38 -24.42 -28.18
CA ALA A 74 44.61 -23.59 -29.12
C ALA A 74 45.22 -22.19 -29.21
N LEU A 75 45.59 -21.63 -28.06
CA LEU A 75 46.17 -20.29 -28.00
C LEU A 75 47.56 -20.25 -28.64
N LEU A 76 48.35 -21.29 -28.40
CA LEU A 76 49.71 -21.38 -28.99
C LEU A 76 49.57 -21.38 -30.50
N GLU A 77 48.61 -22.13 -31.03
CA GLU A 77 48.36 -22.22 -32.47
C GLU A 77 47.93 -20.85 -33.05
N LEU A 78 47.03 -20.18 -32.32
CA LEU A 78 46.53 -18.87 -32.71
C LEU A 78 47.66 -17.83 -32.71
N LEU A 79 48.52 -17.88 -31.69
CA LEU A 79 49.70 -17.02 -31.60
C LEU A 79 50.63 -17.18 -32.82
N ARG A 80 50.96 -18.44 -33.15
CA ARG A 80 51.81 -18.78 -34.33
C ARG A 80 51.16 -18.25 -35.60
N GLN A 81 49.84 -18.41 -35.74
CA GLN A 81 49.13 -17.91 -36.92
C GLN A 81 49.11 -16.38 -37.08
N ALA A 82 49.30 -15.66 -35.97
CA ALA A 82 49.13 -14.20 -35.95
C ALA A 82 50.34 -13.42 -36.45
N ALA A 83 50.07 -12.36 -37.23
CA ALA A 83 51.10 -11.47 -37.79
C ALA A 83 51.84 -10.69 -36.70
N PRO A 84 53.16 -10.41 -36.89
CA PRO A 84 53.97 -9.78 -35.84
C PRO A 84 53.36 -8.48 -35.29
N GLY A 97 42.13 16.94 -25.32
CA GLY A 97 40.68 16.71 -25.36
C GLY A 97 40.18 15.66 -24.37
N LEU A 98 38.85 15.52 -24.30
CA LEU A 98 38.17 14.44 -23.59
C LEU A 98 37.84 13.31 -24.55
N SER A 99 37.96 12.07 -24.08
CA SER A 99 37.47 10.88 -24.78
C SER A 99 35.96 10.91 -24.84
N LEU A 100 35.40 10.05 -25.69
CA LEU A 100 33.95 9.95 -25.80
C LEU A 100 33.34 9.42 -24.49
N ALA A 101 34.04 8.48 -23.83
CA ALA A 101 33.60 7.97 -22.53
C ALA A 101 33.50 9.10 -21.49
N GLU A 102 34.50 9.98 -21.46
CA GLU A 102 34.50 11.16 -20.62
C GLU A 102 33.42 12.16 -21.04
N ARG A 103 33.38 12.44 -22.35
CA ARG A 103 32.52 13.49 -22.96
C ARG A 103 31.04 13.14 -22.76
N ARG A 104 30.63 11.87 -22.87
CA ARG A 104 29.17 11.54 -22.79
C ARG A 104 28.67 11.84 -21.36
N LEU A 105 29.49 11.66 -20.33
CA LEU A 105 29.09 12.04 -18.97
C LEU A 105 29.13 13.57 -18.81
N TRP A 106 30.19 14.21 -19.33
CA TRP A 106 30.31 15.66 -19.23
C TRP A 106 29.15 16.34 -19.94
N VAL A 107 28.80 15.88 -21.14
CA VAL A 107 27.69 16.44 -21.94
C VAL A 107 26.34 16.24 -21.24
N ALA A 108 26.09 15.04 -20.76
CA ALA A 108 24.88 14.74 -19.99
C ALA A 108 24.72 15.70 -18.82
N GLN A 109 25.82 16.04 -18.14
CA GLN A 109 25.79 16.98 -17.01
C GLN A 109 25.43 18.39 -17.47
N GLN A 110 25.99 18.83 -18.60
CA GLN A 110 25.66 20.15 -19.17
C GLN A 110 24.16 20.30 -19.53
N LEU A 111 23.54 19.22 -20.04
CA LEU A 111 22.12 19.23 -20.38
C LEU A 111 21.19 19.28 -19.18
N ALA A 112 21.71 18.90 -17.99
CA ALA A 112 20.95 18.96 -16.73
C ALA A 112 21.84 19.41 -15.59
N PRO A 113 22.26 20.71 -15.55
CA PRO A 113 23.30 21.17 -14.65
C PRO A 113 23.04 20.94 -13.16
N GLU A 114 21.77 20.90 -12.75
CA GLU A 114 21.40 20.71 -11.34
C GLU A 114 21.22 19.25 -10.97
N ASP A 115 21.22 18.37 -11.96
CA ASP A 115 21.08 16.92 -11.74
C ASP A 115 22.42 16.41 -11.15
N THR A 116 22.36 15.83 -9.95
CA THR A 116 23.54 15.36 -9.22
C THR A 116 23.74 13.83 -9.30
N SER A 117 23.09 13.19 -10.27
CA SER A 117 23.19 11.75 -10.44
C SER A 117 24.47 11.28 -11.15
N TYR A 118 25.40 12.19 -11.45
CA TYR A 118 26.77 11.87 -11.95
C TYR A 118 27.81 12.10 -10.84
N ASN A 119 27.37 12.35 -9.61
CA ASN A 119 28.28 12.46 -8.50
C ASN A 119 28.57 11.08 -7.95
N LEU A 120 29.82 10.62 -8.04
CA LEU A 120 30.20 9.37 -7.43
C LEU A 120 30.74 9.65 -6.04
N LEU A 121 30.37 8.76 -5.11
CA LEU A 121 30.80 8.83 -3.72
C LEU A 121 31.39 7.50 -3.34
N ALA A 122 32.66 7.52 -2.92
CA ALA A 122 33.34 6.32 -2.48
C ALA A 122 33.79 6.52 -1.04
N HIS A 123 33.54 5.52 -0.22
CA HIS A 123 33.89 5.50 1.18
C HIS A 123 35.00 4.47 1.32
N LEU A 124 36.18 4.95 1.73
CA LEU A 124 37.31 4.10 2.00
C LEU A 124 37.48 4.04 3.50
N ARG A 125 37.56 2.81 4.02
CA ARG A 125 37.79 2.50 5.44
C ARG A 125 39.25 2.04 5.57
N ILE A 126 40.02 2.73 6.39
CA ILE A 126 41.45 2.53 6.47
C ILE A 126 41.80 2.22 7.91
N VAL A 127 42.53 1.13 8.11
CA VAL A 127 42.96 0.72 9.46
C VAL A 127 44.47 0.55 9.46
N GLY A 128 45.15 1.30 10.34
CA GLY A 128 46.56 1.14 10.62
C GLY A 128 47.52 2.22 10.12
N ALA A 129 46.97 3.35 9.66
CA ALA A 129 47.75 4.47 9.20
C ALA A 129 47.39 5.70 10.01
N THR A 130 48.35 6.62 10.16
CA THR A 130 48.09 7.89 10.82
C THR A 130 47.43 8.82 9.79
N ALA A 131 46.84 9.89 10.32
CA ALA A 131 46.15 10.90 9.56
C ALA A 131 47.11 11.62 8.60
N ASP A 132 48.31 11.93 9.10
CA ASP A 132 49.33 12.60 8.32
C ASP A 132 49.79 11.73 7.14
N ALA A 133 49.99 10.43 7.40
CA ALA A 133 50.36 9.50 6.35
C ALA A 133 49.27 9.44 5.25
N ILE A 134 48.01 9.36 5.68
CA ILE A 134 46.90 9.28 4.74
C ILE A 134 46.86 10.53 3.88
N GLU A 135 46.93 11.69 4.54
CA GLU A 135 46.88 12.95 3.82
C GLU A 135 48.02 13.11 2.82
N GLN A 136 49.23 12.72 3.22
CA GLN A 136 50.39 12.79 2.33
C GLN A 136 50.24 11.82 1.16
N ALA A 137 49.76 10.61 1.42
CA ALA A 137 49.52 9.65 0.35
C ALA A 137 48.46 10.17 -0.65
N LEU A 138 47.38 10.78 -0.13
CA LEU A 138 46.33 11.34 -0.95
C LEU A 138 46.88 12.44 -1.87
N ARG A 139 47.74 13.31 -1.33
CA ARG A 139 48.36 14.40 -2.13
C ARG A 139 49.18 13.78 -3.26
N GLN A 140 49.94 12.72 -2.96
CA GLN A 140 50.70 12.04 -4.01
C GLN A 140 49.78 11.45 -5.09
N LEU A 141 48.70 10.78 -4.67
CA LEU A 141 47.75 10.20 -5.61
C LEU A 141 47.09 11.27 -6.47
N LEU A 142 46.79 12.43 -5.88
CA LEU A 142 46.22 13.53 -6.64
C LEU A 142 47.20 14.06 -7.69
N GLU A 143 48.46 14.21 -7.28
CA GLU A 143 49.53 14.60 -8.21
C GLU A 143 49.66 13.59 -9.35
N ARG A 144 49.60 12.31 -9.02
CA ARG A 144 49.78 11.18 -9.97
C ARG A 144 48.61 11.08 -10.97
N HIS A 145 47.37 11.31 -10.52
CA HIS A 145 46.19 11.05 -11.34
C HIS A 145 45.50 12.33 -11.73
N VAL A 146 45.86 12.85 -12.91
CA VAL A 146 45.47 14.17 -13.34
C VAL A 146 43.94 14.30 -13.52
N ALA A 147 43.24 13.18 -13.73
CA ALA A 147 41.79 13.22 -13.93
C ALA A 147 41.10 13.85 -12.71
N LEU A 148 41.71 13.68 -11.54
CA LEU A 148 41.15 14.17 -10.29
C LEU A 148 41.33 15.67 -10.04
N ARG A 149 42.03 16.36 -10.94
CA ARG A 149 42.44 17.78 -10.73
C ARG A 149 42.51 18.51 -12.09
N ARG A 150 41.46 18.43 -12.88
CA ARG A 150 41.33 19.23 -14.13
C ARG A 150 40.04 20.04 -14.07
N ARG A 151 40.03 21.20 -14.70
CA ARG A 151 38.78 21.91 -15.04
C ARG A 151 38.51 21.67 -16.54
N VAL A 152 37.26 21.83 -16.95
CA VAL A 152 36.85 21.63 -18.31
C VAL A 152 36.13 22.87 -18.79
N GLU A 153 36.60 23.46 -19.89
CA GLU A 153 35.87 24.51 -20.61
C GLU A 153 35.07 23.87 -21.74
N THR A 154 33.90 24.44 -22.07
CA THR A 154 33.33 24.22 -23.39
C THR A 154 34.34 24.67 -24.45
N GLY A 155 34.21 24.08 -25.63
CA GLY A 155 35.18 24.27 -26.69
C GLY A 155 34.50 24.09 -28.04
N VAL A 156 35.08 24.71 -29.07
CA VAL A 156 34.42 24.80 -30.37
C VAL A 156 34.28 23.40 -31.01
N ASP A 157 35.34 22.58 -30.94
CA ASP A 157 35.21 21.16 -31.33
C ASP A 157 35.36 20.22 -30.14
N GLY A 158 34.64 20.53 -29.06
CA GLY A 158 34.50 19.65 -27.93
C GLY A 158 35.12 20.23 -26.66
N PRO A 159 34.73 19.70 -25.48
CA PRO A 159 35.23 20.19 -24.21
C PRO A 159 36.76 20.16 -24.12
N GLN A 160 37.37 21.10 -23.40
CA GLN A 160 38.83 21.14 -23.25
C GLN A 160 39.25 21.07 -21.79
N PRO A 161 40.00 20.02 -21.39
CA PRO A 161 40.49 19.93 -20.01
C PRO A 161 41.73 20.81 -19.82
N HIS A 162 41.91 21.33 -18.60
CA HIS A 162 43.13 22.00 -18.17
C HIS A 162 43.47 21.50 -16.78
N ALA A 163 44.73 21.09 -16.60
CA ALA A 163 45.20 20.59 -15.34
C ALA A 163 45.24 21.70 -14.31
N LEU A 164 44.89 21.37 -13.06
CA LEU A 164 45.08 22.23 -11.91
C LEU A 164 46.14 21.60 -11.04
N ALA A 165 46.70 22.38 -10.13
CA ALA A 165 47.62 21.84 -9.11
C ALA A 165 46.87 20.91 -8.13
N ALA A 166 47.58 19.90 -7.64
CA ALA A 166 47.07 18.95 -6.68
C ALA A 166 46.50 19.66 -5.44
N HIS A 167 47.12 20.77 -5.03
CA HIS A 167 46.70 21.51 -3.84
C HIS A 167 45.32 22.12 -3.99
N ALA A 168 44.88 22.31 -5.24
CA ALA A 168 43.53 22.81 -5.53
C ALA A 168 42.36 21.85 -5.23
N VAL A 169 42.66 20.59 -4.89
CA VAL A 169 41.63 19.62 -4.58
C VAL A 169 41.31 19.78 -3.10
N PRO A 170 40.07 20.15 -2.71
CA PRO A 170 39.71 20.30 -1.30
C PRO A 170 39.92 18.99 -0.53
N LEU A 171 40.53 19.10 0.64
CA LEU A 171 40.75 17.99 1.55
C LEU A 171 40.47 18.47 2.96
N GLN A 172 39.29 18.16 3.48
CA GLN A 172 38.90 18.51 4.84
C GLN A 172 39.23 17.35 5.77
N ARG A 173 39.93 17.65 6.86
CA ARG A 173 40.28 16.68 7.93
C ARG A 173 39.49 17.01 9.18
N LEU A 174 38.82 16.02 9.77
CA LEU A 174 38.09 16.20 11.03
C LEU A 174 38.51 15.11 11.99
N LEU A 175 38.49 15.45 13.29
CA LEU A 175 38.69 14.50 14.36
C LEU A 175 37.35 14.17 14.98
N ALA A 176 37.03 12.87 15.05
CA ALA A 176 35.82 12.39 15.69
C ALA A 176 36.19 11.90 17.06
N SER A 177 35.31 12.12 18.04
CA SER A 177 35.59 11.77 19.43
C SER A 177 35.44 10.29 19.69
N ASP A 178 34.69 9.59 18.82
CA ASP A 178 34.48 8.13 18.92
C ASP A 178 33.87 7.60 17.62
N ALA A 179 33.66 6.28 17.55
CA ALA A 179 33.27 5.61 16.32
C ALA A 179 31.89 6.07 15.82
N VAL A 180 30.97 6.34 16.76
CA VAL A 180 29.63 6.78 16.40
C VAL A 180 29.65 8.21 15.86
N HIS A 181 30.43 9.08 16.49
CA HIS A 181 30.64 10.43 16.00
C HIS A 181 31.19 10.39 14.56
N ALA A 182 32.14 9.49 14.30
CA ALA A 182 32.73 9.34 12.97
C ALA A 182 31.63 8.95 11.96
N GLU A 183 30.77 8.00 12.32
CA GLU A 183 29.63 7.61 11.48
C GLU A 183 28.74 8.80 11.12
N ARG A 184 28.44 9.64 12.12
CA ARG A 184 27.57 10.82 11.93
C ARG A 184 28.26 11.82 10.98
N LEU A 185 29.56 12.06 11.17
CA LEU A 185 30.31 12.96 10.30
C LEU A 185 30.30 12.42 8.86
N LEU A 186 30.47 11.11 8.70
CA LEU A 186 30.43 10.49 7.37
C LEU A 186 29.05 10.62 6.70
N GLU A 187 27.99 10.34 7.45
CA GLU A 187 26.62 10.48 6.94
C GLU A 187 26.32 11.90 6.52
N ASP A 188 26.79 12.87 7.30
CA ASP A 188 26.69 14.27 6.97
C ASP A 188 27.39 14.55 5.64
N GLY A 189 28.60 14.01 5.49
CA GLY A 189 29.35 14.15 4.26
C GLY A 189 28.63 13.57 3.07
N VAL A 190 28.06 12.38 3.26
CA VAL A 190 27.36 11.71 2.19
C VAL A 190 26.22 12.56 1.69
N ARG A 191 25.46 13.12 2.62
CA ARG A 191 24.29 13.96 2.26
C ARG A 191 24.78 15.23 1.55
N ARG A 192 25.81 15.89 2.08
CA ARG A 192 26.35 17.14 1.51
C ARG A 192 26.92 16.86 0.12
N GLU A 193 27.74 15.82 -0.03
CA GLU A 193 28.42 15.58 -1.31
C GLU A 193 27.45 15.05 -2.36
N GLY A 194 26.46 14.27 -1.93
CA GLY A 194 25.38 13.83 -2.79
C GLY A 194 24.58 14.96 -3.42
N ALA A 195 24.45 16.08 -2.69
CA ALA A 195 23.65 17.23 -3.15
C ALA A 195 24.49 18.27 -3.87
N ARG A 196 25.81 18.15 -3.81
CA ARG A 196 26.73 19.20 -4.33
C ARG A 196 26.71 19.22 -5.86
N VAL A 197 26.59 20.42 -6.43
CA VAL A 197 26.74 20.63 -7.83
C VAL A 197 28.19 21.00 -8.02
N PHE A 198 28.95 20.15 -8.73
CA PHE A 198 30.35 20.43 -9.03
C PHE A 198 30.39 21.51 -10.07
N ASP A 199 31.27 22.50 -9.86
CA ASP A 199 31.53 23.51 -10.88
C ASP A 199 32.73 23.00 -11.68
N LEU A 200 32.43 22.24 -12.74
CA LEU A 200 33.44 21.54 -13.51
C LEU A 200 34.34 22.44 -14.34
N ALA A 201 33.87 23.66 -14.61
CA ALA A 201 34.62 24.65 -15.40
C ALA A 201 35.70 25.38 -14.60
N HIS A 202 35.56 25.46 -13.28
CA HIS A 202 36.47 26.24 -12.44
C HIS A 202 37.20 25.49 -11.34
N GLU A 203 36.70 24.30 -10.98
CA GLU A 203 37.25 23.56 -9.86
C GLU A 203 37.58 22.14 -10.23
N ALA A 204 38.43 21.52 -9.44
CA ALA A 204 38.74 20.09 -9.59
C ALA A 204 37.44 19.30 -9.45
N PRO A 205 37.29 18.16 -10.15
CA PRO A 205 36.07 17.36 -10.09
C PRO A 205 36.05 16.39 -8.89
N ALA A 206 36.99 16.56 -7.94
CA ALA A 206 37.10 15.72 -6.78
C ALA A 206 37.21 16.52 -5.50
N ARG A 207 36.67 15.96 -4.42
CA ARG A 207 36.74 16.51 -3.05
C ARG A 207 36.97 15.35 -2.09
N LEU A 208 37.74 15.61 -1.03
CA LEU A 208 38.10 14.62 -0.05
C LEU A 208 37.70 15.05 1.35
N LEU A 209 37.07 14.12 2.07
CA LEU A 209 36.80 14.26 3.49
C LEU A 209 37.51 13.12 4.21
N LEU A 210 38.39 13.47 5.16
CA LEU A 210 39.08 12.52 5.99
C LEU A 210 38.67 12.68 7.45
N VAL A 211 38.08 11.62 8.00
CA VAL A 211 37.67 11.58 9.38
C VAL A 211 38.53 10.56 10.12
N VAL A 212 39.27 11.05 11.12
CA VAL A 212 40.05 10.19 12.01
C VAL A 212 39.37 10.12 13.36
N THR A 213 39.40 8.93 13.98
CA THR A 213 38.72 8.67 15.22
C THR A 213 39.75 8.60 16.32
N ARG A 214 39.61 9.49 17.31
CA ARG A 214 40.42 9.52 18.55
C ARG A 214 40.54 8.11 19.14
N ASP A 215 41.76 7.69 19.50
CA ASP A 215 42.03 6.43 20.18
C ASP A 215 41.60 5.20 19.40
N SER A 216 41.84 5.25 18.08
CA SER A 216 41.47 4.18 17.18
C SER A 216 42.46 4.21 16.04
N ALA A 217 42.70 3.05 15.42
CA ALA A 217 43.55 2.97 14.23
C ALA A 217 42.72 3.20 12.94
N ARG A 218 41.41 3.38 13.08
CA ARG A 218 40.47 3.48 11.94
C ARG A 218 40.38 4.93 11.45
N ALA A 219 40.50 5.11 10.13
CA ALA A 219 40.19 6.37 9.48
C ALA A 219 39.18 6.08 8.39
N ASP A 220 38.42 7.12 8.05
CA ASP A 220 37.39 7.06 7.03
C ASP A 220 37.62 8.17 6.04
N LEU A 221 37.57 7.81 4.75
CA LEU A 221 37.75 8.74 3.68
C LEU A 221 36.53 8.70 2.81
N LEU A 222 35.93 9.88 2.56
CA LEU A 222 34.89 10.04 1.56
C LEU A 222 35.48 10.77 0.40
N LEU A 223 35.58 10.06 -0.71
CA LEU A 223 35.95 10.65 -1.98
C LEU A 223 34.68 10.95 -2.75
N SER A 224 34.48 12.22 -3.05
CA SER A 224 33.40 12.67 -3.89
C SER A 224 34.02 13.10 -5.22
N VAL A 225 33.54 12.53 -6.33
CA VAL A 225 34.12 12.76 -7.64
C VAL A 225 33.08 12.67 -8.75
N HIS A 226 33.12 13.63 -9.67
CA HIS A 226 32.23 13.63 -10.81
C HIS A 226 32.58 12.43 -11.71
N HIS A 227 31.52 11.80 -12.24
CA HIS A 227 31.66 10.59 -13.06
C HIS A 227 32.52 10.76 -14.32
N TYR A 228 32.57 11.95 -14.91
CA TYR A 228 33.38 12.21 -16.14
C TYR A 228 34.87 11.97 -15.81
N ALA A 229 35.24 12.02 -14.52
CA ALA A 229 36.60 11.88 -14.04
C ALA A 229 36.91 10.59 -13.29
N PHE A 230 36.01 9.61 -13.32
CA PHE A 230 36.19 8.43 -12.47
C PHE A 230 35.32 7.31 -12.96
N ASP A 231 35.57 6.10 -12.49
CA ASP A 231 34.73 4.96 -12.75
C ASP A 231 35.07 3.86 -11.80
N ASP A 232 34.45 2.69 -11.97
CA ASP A 232 34.59 1.58 -11.05
C ASP A 232 36.02 1.05 -10.88
N VAL A 233 36.70 0.76 -11.99
CA VAL A 233 38.07 0.31 -11.92
C VAL A 233 38.97 1.37 -11.29
N SER A 234 38.67 2.65 -11.52
CA SER A 234 39.45 3.74 -10.97
C SER A 234 39.49 3.67 -9.43
N LEU A 235 38.38 3.26 -8.83
CA LEU A 235 38.34 3.11 -7.39
C LEU A 235 39.28 1.99 -6.94
N ALA A 236 39.27 0.86 -7.66
CA ALA A 236 40.14 -0.26 -7.30
C ALA A 236 41.64 0.19 -7.43
N VAL A 237 41.95 0.92 -8.49
CA VAL A 237 43.29 1.46 -8.69
C VAL A 237 43.67 2.40 -7.55
N PHE A 238 42.79 3.37 -7.28
CA PHE A 238 43.03 4.35 -6.24
C PHE A 238 43.27 3.69 -4.85
N ALA A 239 42.42 2.74 -4.48
CA ALA A 239 42.52 2.06 -3.20
C ALA A 239 43.77 1.21 -3.09
N ALA A 240 44.13 0.51 -4.17
CA ALA A 240 45.33 -0.36 -4.17
C ALA A 240 46.57 0.50 -4.02
N GLU A 241 46.63 1.61 -4.75
CA GLU A 241 47.77 2.52 -4.71
C GLU A 241 47.87 3.24 -3.36
N LEU A 242 46.73 3.60 -2.78
CA LEU A 242 46.69 4.18 -1.46
C LEU A 242 47.35 3.23 -0.45
N LYS A 243 46.97 1.96 -0.51
CA LYS A 243 47.51 0.93 0.38
C LYS A 243 49.04 0.75 0.20
N THR A 244 49.49 0.68 -1.05
CA THR A 244 50.91 0.60 -1.36
C THR A 244 51.68 1.76 -0.69
N LEU A 245 51.20 3.00 -0.87
CA LEU A 245 51.85 4.15 -0.26
C LEU A 245 51.86 4.10 1.26
N LEU A 246 50.71 3.78 1.87
CA LEU A 246 50.63 3.70 3.32
C LEU A 246 51.50 2.56 3.89
N ASP A 247 51.73 1.50 3.11
CA ASP A 247 52.62 0.41 3.52
C ASP A 247 54.11 0.73 3.35
N GLY A 248 54.42 1.86 2.69
CA GLY A 248 55.79 2.30 2.47
C GLY A 248 56.36 1.93 1.13
N GLY A 249 55.51 1.42 0.22
CA GLY A 249 55.91 1.01 -1.10
C GLY A 249 55.99 2.18 -2.05
N ARG A 250 56.45 1.91 -3.26
CA ARG A 250 56.60 2.89 -4.35
C ARG A 250 55.65 2.57 -5.49
N LEU A 251 55.29 3.59 -6.25
CA LEU A 251 54.46 3.40 -7.44
C LEU A 251 55.31 3.62 -8.68
N GLY A 252 55.13 2.76 -9.69
CA GLY A 252 55.78 2.90 -10.97
C GLY A 252 55.26 4.12 -11.70
N VAL A 253 56.07 4.65 -12.62
CA VAL A 253 55.65 5.73 -13.50
C VAL A 253 54.48 5.19 -14.34
N LEU A 254 53.47 6.04 -14.60
CA LEU A 254 52.31 5.62 -15.38
C LEU A 254 52.65 5.56 -16.84
N ALA A 255 52.19 4.51 -17.52
CA ALA A 255 52.44 4.33 -18.92
C ALA A 255 51.56 5.18 -19.83
N SER A 256 50.49 5.81 -19.29
CA SER A 256 49.63 6.69 -20.09
C SER A 256 48.89 7.73 -19.27
N THR A 257 48.02 8.50 -19.95
CA THR A 257 47.19 9.53 -19.37
C THR A 257 45.83 9.54 -20.04
N PRO A 258 44.78 10.14 -19.40
CA PRO A 258 43.49 10.33 -20.05
C PRO A 258 43.57 11.08 -21.40
N GLU A 259 44.40 12.13 -21.47
CA GLU A 259 44.55 12.92 -22.70
C GLU A 259 45.12 12.08 -23.86
N GLN A 260 46.06 11.18 -23.54
CA GLN A 260 46.66 10.29 -24.50
C GLN A 260 45.66 9.26 -24.99
N VAL A 261 44.87 8.70 -24.04
CA VAL A 261 43.78 7.80 -24.39
C VAL A 261 42.83 8.50 -25.36
N ALA A 262 42.49 9.75 -25.07
CA ALA A 262 41.62 10.55 -25.93
C ALA A 262 42.21 10.75 -27.33
N ALA A 263 43.51 11.06 -27.40
CA ALA A 263 44.23 11.29 -28.66
C ALA A 263 44.24 10.05 -29.52
N ARG A 264 44.60 8.90 -28.94
CA ARG A 264 44.51 7.59 -29.62
C ARG A 264 43.11 7.39 -30.19
N GLU A 265 42.07 7.77 -29.44
CA GLU A 265 40.71 7.54 -29.90
C GLU A 265 40.38 8.44 -31.06
N ARG A 266 40.84 9.70 -30.99
CA ARG A 266 40.65 10.70 -32.08
C ARG A 266 41.28 10.12 -33.37
N ALA A 267 42.44 9.49 -33.25
CA ALA A 267 43.10 8.88 -34.40
C ALA A 267 42.32 7.67 -34.92
N ALA A 268 41.90 6.79 -34.01
CA ALA A 268 41.17 5.60 -34.41
C ALA A 268 39.83 5.95 -35.08
N LEU A 269 39.20 7.04 -34.62
CA LEU A 269 37.97 7.54 -35.23
C LEU A 269 38.22 8.06 -36.65
N ALA A 270 39.24 8.91 -36.81
CA ALA A 270 39.67 9.43 -38.11
C ALA A 270 39.96 8.30 -39.11
N SER A 271 40.68 7.26 -38.65
CA SER A 271 41.07 6.11 -39.47
C SER A 271 39.89 5.28 -40.00
N GLY A 272 38.70 5.42 -39.39
CA GLY A 272 37.54 4.62 -39.76
C GLY A 272 37.46 3.18 -39.23
N ARG A 273 38.52 2.70 -38.56
CA ARG A 273 38.58 1.31 -38.01
C ARG A 273 37.41 1.06 -37.03
N LEU A 274 37.09 2.05 -36.17
CA LEU A 274 36.01 1.90 -35.21
C LEU A 274 34.64 1.90 -35.89
N ASP A 275 34.45 2.83 -36.83
CA ASP A 275 33.21 2.96 -37.59
C ASP A 275 32.87 1.71 -38.44
N ARG A 276 33.88 1.03 -38.97
CA ARG A 276 33.68 -0.22 -39.77
C ARG A 276 33.13 -1.32 -38.87
N VAL A 277 33.61 -1.43 -37.63
CA VAL A 277 33.05 -2.40 -36.69
C VAL A 277 31.60 -2.03 -36.38
N ALA A 278 31.36 -0.75 -36.11
CA ALA A 278 30.02 -0.27 -35.81
C ALA A 278 29.04 -0.54 -36.97
N GLU A 279 29.49 -0.30 -38.20
CA GLU A 279 28.67 -0.49 -39.39
C GLU A 279 28.24 -1.94 -39.55
N ARG A 280 29.15 -2.87 -39.28
CA ARG A 280 28.86 -4.33 -39.26
C ARG A 280 27.78 -4.65 -38.20
N TRP A 281 27.89 -4.09 -36.99
CA TRP A 281 26.92 -4.35 -35.92
C TRP A 281 25.56 -3.76 -36.23
N ALA A 282 25.55 -2.61 -36.90
CA ALA A 282 24.33 -1.89 -37.25
C ALA A 282 23.36 -2.76 -38.04
N GLU A 283 23.91 -3.63 -38.90
CA GLU A 283 23.15 -4.57 -39.70
C GLU A 283 22.22 -5.40 -38.83
N ARG A 284 22.79 -6.13 -37.86
CA ARG A 284 22.03 -7.03 -36.94
C ARG A 284 21.09 -6.18 -36.07
N LEU A 285 21.46 -4.94 -35.74
CA LEU A 285 20.71 -4.13 -34.78
C LEU A 285 19.55 -3.36 -35.39
N LEU A 286 19.61 -3.16 -36.72
CA LEU A 286 18.69 -2.26 -37.42
C LEU A 286 17.20 -2.53 -37.10
N PRO A 287 16.72 -3.78 -37.15
CA PRO A 287 15.31 -4.07 -36.85
C PRO A 287 14.91 -3.46 -35.50
N LEU A 288 15.76 -3.58 -34.49
CA LEU A 288 15.47 -3.12 -33.14
C LEU A 288 15.57 -1.59 -32.93
N ALA A 289 16.06 -0.86 -33.94
CA ALA A 289 16.41 0.54 -33.74
C ALA A 289 15.23 1.50 -33.73
N GLN A 308 14.93 2.99 -8.05
CA GLN A 308 14.75 1.93 -7.06
C GLN A 308 15.76 0.79 -7.25
N ARG A 309 16.41 0.40 -6.16
CA ARG A 309 17.54 -0.55 -6.12
C ARG A 309 17.15 -1.74 -5.25
N LEU A 310 17.45 -2.96 -5.70
CA LEU A 310 17.26 -4.15 -4.90
C LEU A 310 18.45 -5.06 -5.08
N ALA A 311 19.06 -5.47 -3.97
CA ALA A 311 20.28 -6.23 -3.96
C ALA A 311 20.03 -7.53 -3.27
N LEU A 312 19.98 -8.62 -4.07
CA LEU A 312 19.58 -9.94 -3.58
C LEU A 312 20.73 -10.91 -3.81
N PRO A 313 21.05 -11.78 -2.82
CA PRO A 313 22.08 -12.78 -3.01
C PRO A 313 21.54 -13.82 -4.01
N VAL A 314 22.39 -14.30 -4.90
CA VAL A 314 22.00 -15.33 -5.84
C VAL A 314 22.07 -16.66 -5.07
N SER A 315 20.98 -17.44 -5.12
CA SER A 315 20.94 -18.74 -4.41
C SER A 315 22.11 -19.60 -4.84
N ALA A 316 22.60 -20.45 -3.94
CA ALA A 316 23.73 -21.35 -4.24
C ALA A 316 23.44 -22.25 -5.44
N ALA A 317 22.21 -22.76 -5.52
CA ALA A 317 21.75 -23.62 -6.60
C ALA A 317 21.71 -22.87 -7.97
N VAL A 318 21.32 -21.60 -7.96
CA VAL A 318 21.34 -20.78 -9.18
C VAL A 318 22.78 -20.51 -9.62
N HIS A 319 23.68 -20.23 -8.66
CA HIS A 319 25.10 -20.01 -8.95
C HIS A 319 25.69 -21.23 -9.62
N ALA A 320 25.45 -22.40 -9.02
CA ALA A 320 25.93 -23.68 -9.55
C ALA A 320 25.33 -23.99 -10.93
N ALA A 321 24.02 -23.79 -11.09
CA ALA A 321 23.33 -23.96 -12.36
C ALA A 321 24.00 -23.13 -13.46
N CYS A 322 24.26 -21.87 -13.13
CA CYS A 322 24.84 -20.94 -14.05
C CYS A 322 26.20 -21.40 -14.53
N ARG A 323 27.03 -21.87 -13.59
CA ARG A 323 28.42 -22.33 -13.83
C ARG A 323 28.41 -23.62 -14.65
N ALA A 324 27.49 -24.55 -14.32
CA ALA A 324 27.35 -25.81 -15.04
C ALA A 324 27.03 -25.55 -16.51
N LEU A 325 25.96 -24.78 -16.74
CA LEU A 325 25.53 -24.34 -18.06
C LEU A 325 26.66 -23.72 -18.86
N ALA A 326 27.46 -22.87 -18.19
CA ALA A 326 28.58 -22.18 -18.82
C ALA A 326 29.64 -23.16 -19.31
N GLU A 327 30.02 -24.09 -18.43
CA GLU A 327 31.08 -25.04 -18.75
C GLU A 327 30.64 -25.99 -19.87
N ARG A 328 29.37 -26.39 -19.85
CA ARG A 328 28.83 -27.30 -20.90
C ARG A 328 28.85 -26.63 -22.27
N THR A 329 28.77 -25.31 -22.31
CA THR A 329 28.66 -24.59 -23.60
C THR A 329 29.92 -23.78 -23.93
N SER A 330 30.96 -23.91 -23.10
CA SER A 330 32.21 -23.15 -23.23
C SER A 330 32.02 -21.62 -23.34
N VAL A 331 31.08 -21.08 -22.57
CA VAL A 331 30.91 -19.63 -22.41
C VAL A 331 31.12 -19.24 -20.94
N SER A 332 31.23 -17.92 -20.71
CA SER A 332 31.41 -17.39 -19.37
C SER A 332 30.14 -17.56 -18.55
N PRO A 333 30.25 -17.76 -17.22
CA PRO A 333 29.07 -17.72 -16.35
C PRO A 333 28.22 -16.46 -16.56
N PHE A 334 28.86 -15.31 -16.77
CA PHE A 334 28.12 -14.09 -17.06
C PHE A 334 27.19 -14.21 -18.28
N SER A 335 27.68 -14.90 -19.32
CA SER A 335 26.93 -15.14 -20.56
C SER A 335 25.60 -15.85 -20.25
N ALA A 336 25.67 -16.86 -19.38
CA ALA A 336 24.49 -17.59 -18.95
C ALA A 336 23.53 -16.70 -18.18
N ALA A 337 24.09 -15.88 -17.28
CA ALA A 337 23.28 -14.97 -16.48
C ALA A 337 22.59 -13.96 -17.37
N LEU A 338 23.32 -13.47 -18.37
CA LEU A 338 22.77 -12.48 -19.29
C LEU A 338 21.65 -13.08 -20.15
N GLN A 339 21.87 -14.30 -20.64
CA GLN A 339 20.83 -15.02 -21.40
C GLN A 339 19.51 -15.06 -20.64
N ALA A 340 19.58 -15.52 -19.39
CA ALA A 340 18.39 -15.66 -18.56
C ALA A 340 17.72 -14.29 -18.33
N PHE A 341 18.54 -13.25 -18.16
CA PHE A 341 18.03 -11.92 -17.95
C PHE A 341 17.24 -11.47 -19.17
N ALA A 342 17.84 -11.61 -20.35
CA ALA A 342 17.19 -11.26 -21.61
C ALA A 342 15.90 -12.07 -21.84
N GLU A 343 15.91 -13.35 -21.47
CA GLU A 343 14.76 -14.23 -21.70
C GLU A 343 13.59 -13.79 -20.85
N VAL A 344 13.88 -13.55 -19.56
CA VAL A 344 12.90 -13.09 -18.61
C VAL A 344 12.32 -11.73 -19.00
N LEU A 345 13.20 -10.77 -19.32
CA LEU A 345 12.72 -9.43 -19.70
C LEU A 345 11.95 -9.46 -21.02
N GLY A 346 12.37 -10.34 -21.94
CA GLY A 346 11.70 -10.49 -23.21
C GLY A 346 10.26 -10.96 -23.03
N ALA A 347 10.09 -11.98 -22.19
CA ALA A 347 8.77 -12.51 -21.84
C ALA A 347 7.92 -11.43 -21.12
N GLU A 348 8.53 -10.71 -20.20
CA GLU A 348 7.81 -9.70 -19.45
C GLU A 348 7.26 -8.60 -20.37
N LEU A 349 8.12 -8.14 -21.29
CA LEU A 349 7.79 -7.06 -22.23
C LEU A 349 7.01 -7.55 -23.47
N GLY A 350 6.97 -8.88 -23.68
CA GLY A 350 6.24 -9.49 -24.75
C GLY A 350 6.82 -9.30 -26.13
N VAL A 351 8.15 -9.41 -26.25
CA VAL A 351 8.85 -9.28 -27.51
C VAL A 351 9.70 -10.52 -27.83
N ASP A 352 9.92 -10.74 -29.14
CA ASP A 352 10.68 -11.88 -29.70
C ASP A 352 12.19 -11.63 -29.78
N ASP A 353 12.56 -10.33 -29.82
CA ASP A 353 13.92 -9.86 -29.84
C ASP A 353 14.09 -8.71 -28.86
N LEU A 354 15.20 -8.70 -28.13
CA LEU A 354 15.44 -7.71 -27.09
C LEU A 354 16.85 -7.09 -27.23
N LEU A 355 16.89 -5.76 -27.15
CA LEU A 355 18.13 -5.00 -27.06
C LEU A 355 18.58 -4.93 -25.61
N VAL A 356 19.77 -5.49 -25.32
CA VAL A 356 20.39 -5.45 -23.99
C VAL A 356 21.75 -4.76 -24.04
N GLY A 357 21.89 -3.69 -23.26
CA GLY A 357 23.15 -3.01 -23.09
C GLY A 357 24.08 -3.86 -22.26
N VAL A 358 25.36 -3.87 -22.62
CA VAL A 358 26.41 -4.51 -21.84
C VAL A 358 27.43 -3.48 -21.42
N ALA A 359 27.64 -3.39 -20.10
CA ALA A 359 28.52 -2.40 -19.50
C ALA A 359 29.92 -2.95 -19.56
N LEU A 360 30.82 -2.16 -20.15
CA LEU A 360 32.20 -2.58 -20.37
C LEU A 360 33.15 -1.59 -19.74
N ALA A 361 34.23 -2.08 -19.14
CA ALA A 361 35.24 -1.27 -18.50
C ALA A 361 35.97 -0.37 -19.48
N GLY A 362 36.08 -0.79 -20.74
CA GLY A 362 36.63 0.01 -21.81
C GLY A 362 38.13 0.29 -21.72
N ARG A 363 38.85 -0.61 -21.05
CA ARG A 363 40.33 -0.50 -20.90
C ARG A 363 40.96 -1.59 -21.78
N SER A 364 41.08 -1.30 -23.07
CA SER A 364 41.43 -2.30 -24.09
C SER A 364 42.93 -2.62 -24.18
N ARG A 365 43.77 -1.73 -23.65
CA ARG A 365 45.25 -1.81 -23.72
C ARG A 365 45.81 -1.92 -22.30
N LEU A 366 46.95 -2.59 -22.17
CA LEU A 366 47.62 -2.79 -20.91
C LEU A 366 47.88 -1.44 -20.22
N GLU A 367 48.27 -0.43 -20.99
CA GLU A 367 48.59 0.89 -20.44
C GLU A 367 47.35 1.66 -19.90
N MET A 368 46.15 1.14 -20.14
CA MET A 368 44.91 1.72 -19.63
C MET A 368 44.48 1.12 -18.29
N GLN A 369 45.07 -0.01 -17.91
CA GLN A 369 44.62 -0.79 -16.75
C GLN A 369 44.83 -0.08 -15.40
N GLY A 370 45.86 0.77 -15.31
CA GLY A 370 46.21 1.44 -14.08
C GLY A 370 45.85 2.92 -14.04
N LEU A 371 45.01 3.35 -15.00
CA LEU A 371 44.63 4.74 -15.11
C LEU A 371 43.46 5.06 -14.19
N VAL A 372 43.35 6.33 -13.80
CA VAL A 372 42.20 6.88 -13.12
C VAL A 372 41.51 7.83 -14.09
N GLY A 373 40.19 7.68 -14.22
CA GLY A 373 39.39 8.40 -15.20
C GLY A 373 38.13 7.61 -15.52
N CYS A 374 37.36 8.11 -16.48
CA CYS A 374 36.18 7.43 -16.95
C CYS A 374 36.48 6.76 -18.28
N PHE A 375 36.50 5.43 -18.30
CA PHE A 375 36.70 4.63 -19.51
C PHE A 375 35.50 3.76 -19.90
N VAL A 376 34.45 3.75 -19.08
CA VAL A 376 33.33 2.83 -19.26
C VAL A 376 32.56 3.10 -20.54
N ASN A 377 32.08 2.02 -21.14
CA ASN A 377 31.33 2.08 -22.37
C ASN A 377 30.13 1.14 -22.24
N LEU A 378 29.08 1.38 -23.00
CA LEU A 378 27.92 0.54 -22.98
C LEU A 378 27.65 0.21 -24.43
N LEU A 379 27.63 -1.07 -24.76
CA LEU A 379 27.41 -1.52 -26.14
C LEU A 379 26.23 -2.46 -26.26
N PRO A 380 25.45 -2.37 -27.36
CA PRO A 380 24.23 -3.17 -27.51
C PRO A 380 24.46 -4.61 -27.98
N LEU A 381 23.68 -5.53 -27.40
CA LEU A 381 23.60 -6.92 -27.78
C LEU A 381 22.12 -7.19 -28.16
N ALA A 382 21.89 -7.88 -29.28
CA ALA A 382 20.54 -8.28 -29.70
C ALA A 382 20.37 -9.70 -29.29
N VAL A 383 19.31 -9.97 -28.51
CA VAL A 383 19.05 -11.33 -28.08
C VAL A 383 17.72 -11.74 -28.69
N GLY A 384 17.78 -12.76 -29.56
CA GLY A 384 16.60 -13.38 -30.13
C GLY A 384 16.04 -14.41 -29.16
N LEU A 385 14.73 -14.36 -28.96
CA LEU A 385 14.04 -15.32 -28.13
C LEU A 385 13.32 -16.35 -29.04
N ARG A 386 14.10 -17.33 -29.55
CA ARG A 386 13.69 -18.36 -30.54
C ARG A 386 13.49 -19.74 -29.90
N PRO A 387 12.23 -20.14 -29.60
CA PRO A 387 11.97 -21.39 -28.87
C PRO A 387 12.39 -22.66 -29.64
N GLU A 388 12.54 -22.57 -30.96
CA GLU A 388 12.96 -23.72 -31.80
C GLU A 388 14.41 -24.20 -31.51
N GLN A 389 15.28 -23.27 -31.12
CA GLN A 389 16.70 -23.59 -30.92
C GLN A 389 16.92 -24.08 -29.49
N SER A 390 17.95 -24.91 -29.30
CA SER A 390 18.31 -25.39 -27.99
C SER A 390 18.81 -24.25 -27.10
N VAL A 391 18.64 -24.43 -25.78
CA VAL A 391 19.18 -23.58 -24.75
C VAL A 391 20.68 -23.34 -25.03
N GLU A 392 21.41 -24.43 -25.30
CA GLU A 392 22.85 -24.43 -25.46
C GLU A 392 23.29 -23.55 -26.63
N TRP A 393 22.51 -23.58 -27.71
CA TRP A 393 22.88 -22.89 -28.93
C TRP A 393 22.64 -21.38 -28.75
N ARG A 394 21.51 -21.04 -28.13
CA ARG A 394 21.13 -19.64 -27.81
C ARG A 394 22.21 -19.04 -26.90
N LEU A 395 22.68 -19.83 -25.93
CA LEU A 395 23.71 -19.42 -25.02
C LEU A 395 25.03 -19.21 -25.73
N ARG A 396 25.43 -20.14 -26.60
CA ARG A 396 26.70 -20.04 -27.38
C ARG A 396 26.66 -18.76 -28.22
N GLN A 397 25.49 -18.42 -28.76
CA GLN A 397 25.32 -17.20 -29.54
C GLN A 397 25.49 -15.93 -28.68
N VAL A 398 24.85 -15.92 -27.51
CA VAL A 398 24.99 -14.84 -26.54
C VAL A 398 26.47 -14.69 -26.13
N GLY A 399 27.10 -15.80 -25.77
CA GLY A 399 28.49 -15.81 -25.38
C GLY A 399 29.41 -15.26 -26.44
N HIS A 400 29.15 -15.63 -27.69
CA HIS A 400 29.98 -15.20 -28.78
C HIS A 400 29.80 -13.71 -29.08
N ASP A 401 28.55 -13.24 -29.05
CA ASP A 401 28.26 -11.82 -29.20
C ASP A 401 28.89 -10.96 -28.07
N LEU A 402 28.92 -11.51 -26.86
CA LEU A 402 29.57 -10.89 -25.70
C LEU A 402 31.07 -10.72 -25.95
N LEU A 403 31.73 -11.80 -26.39
CA LEU A 403 33.16 -11.72 -26.69
C LEU A 403 33.45 -10.76 -27.83
N GLU A 404 32.52 -10.67 -28.78
CA GLU A 404 32.63 -9.69 -29.88
C GLU A 404 32.65 -8.23 -29.31
N LEU A 405 31.75 -7.93 -28.37
CA LEU A 405 31.68 -6.58 -27.78
C LEU A 405 32.92 -6.30 -26.96
N LEU A 406 33.37 -7.31 -26.22
CA LEU A 406 34.52 -7.17 -25.36
C LEU A 406 35.79 -6.94 -26.19
N GLU A 407 35.95 -7.73 -27.25
CA GLU A 407 37.04 -7.58 -28.20
C GLU A 407 37.10 -6.15 -28.74
N HIS A 408 35.92 -5.56 -29.01
CA HIS A 408 35.84 -4.24 -29.62
C HIS A 408 35.30 -3.18 -28.67
N GLN A 409 35.64 -3.30 -27.38
CA GLN A 409 35.09 -2.39 -26.39
C GLN A 409 35.62 -0.96 -26.52
N ASP A 410 36.65 -0.77 -27.36
CA ASP A 410 37.13 0.55 -27.74
C ASP A 410 36.24 1.25 -28.77
N VAL A 411 35.24 0.55 -29.32
CA VAL A 411 34.26 1.18 -30.21
C VAL A 411 33.23 1.92 -29.37
N PRO A 412 33.19 3.26 -29.40
CA PRO A 412 32.25 4.01 -28.57
C PRO A 412 30.80 3.84 -29.03
N LEU A 413 29.87 3.84 -28.08
CA LEU A 413 28.46 3.71 -28.33
C LEU A 413 28.02 4.67 -29.44
N GLU A 414 28.59 5.88 -29.44
CA GLU A 414 28.25 6.91 -30.41
C GLU A 414 28.52 6.48 -31.88
N CYS A 415 29.53 5.64 -32.11
CA CYS A 415 29.77 5.11 -33.47
C CYS A 415 28.64 4.19 -33.92
N VAL A 416 28.11 3.40 -32.99
CA VAL A 416 27.04 2.46 -33.29
C VAL A 416 25.78 3.26 -33.61
N THR A 417 25.52 4.28 -32.80
CA THR A 417 24.40 5.17 -32.98
C THR A 417 24.46 5.83 -34.36
N GLN A 418 25.66 6.34 -34.70
CA GLN A 418 25.87 7.01 -35.97
C GLN A 418 25.64 6.05 -37.15
N ALA A 419 26.19 4.85 -37.06
CA ALA A 419 26.03 3.84 -38.09
C ALA A 419 24.55 3.49 -38.32
N LEU A 420 23.76 3.49 -37.25
CA LEU A 420 22.33 3.21 -37.34
C LEU A 420 21.56 4.33 -38.02
N ARG A 421 21.90 5.59 -37.71
CA ARG A 421 21.31 6.80 -38.35
C ARG A 421 21.59 6.78 -39.85
N GLN A 422 22.81 6.39 -40.25
CA GLN A 422 23.17 6.33 -41.65
C GLN A 422 22.46 5.22 -42.42
N ARG A 423 21.66 4.41 -41.71
CA ARG A 423 20.84 3.33 -42.31
C ARG A 423 19.36 3.60 -41.98
N GLY A 424 19.00 4.83 -41.63
CA GLY A 424 17.63 5.25 -41.50
C GLY A 424 16.97 5.30 -40.14
N ALA A 425 17.56 4.62 -39.13
CA ALA A 425 17.00 4.62 -37.77
C ALA A 425 17.21 5.97 -37.07
N SER A 426 16.31 6.28 -36.13
CA SER A 426 16.36 7.53 -35.37
C SER A 426 17.52 7.53 -34.38
N GLY A 427 17.70 6.40 -33.71
CA GLY A 427 18.84 6.17 -32.83
C GLY A 427 18.87 4.74 -32.37
N LEU A 428 19.44 4.50 -31.18
CA LEU A 428 19.56 3.17 -30.61
C LEU A 428 18.94 3.21 -29.22
N PRO A 429 17.66 2.79 -29.06
CA PRO A 429 16.96 2.94 -27.78
C PRO A 429 17.32 1.81 -26.79
N ILE A 430 18.51 1.87 -26.17
CA ILE A 430 18.87 0.92 -25.10
C ILE A 430 18.17 1.32 -23.82
N ARG A 431 17.28 0.45 -23.34
CA ARG A 431 16.45 0.70 -22.12
C ARG A 431 16.88 -0.24 -20.98
N ILE A 432 17.51 -1.36 -21.32
CA ILE A 432 17.84 -2.41 -20.39
C ILE A 432 19.33 -2.69 -20.55
N ALA A 433 19.99 -3.07 -19.44
CA ALA A 433 21.41 -3.35 -19.45
C ALA A 433 21.81 -4.30 -18.37
N CYS A 434 22.98 -4.90 -18.56
CA CYS A 434 23.54 -5.93 -17.71
C CYS A 434 25.03 -5.65 -17.56
N GLY A 435 25.59 -5.91 -16.38
CA GLY A 435 27.00 -5.71 -16.10
C GLY A 435 27.46 -6.60 -14.97
N ALA A 436 28.79 -6.64 -14.76
CA ALA A 436 29.41 -7.32 -13.61
C ALA A 436 30.61 -6.53 -13.09
N HIS A 437 30.84 -6.60 -11.77
CA HIS A 437 31.81 -5.75 -11.04
C HIS A 437 32.98 -6.59 -10.54
N ALA A 447 48.47 -8.64 4.71
CA ALA A 447 49.48 -7.94 5.52
C ALA A 447 49.45 -6.42 5.31
N GLY A 448 49.76 -5.67 6.39
CA GLY A 448 49.93 -4.22 6.37
C GLY A 448 48.64 -3.46 6.68
N VAL A 449 48.55 -2.23 6.17
CA VAL A 449 47.41 -1.36 6.34
C VAL A 449 46.21 -1.92 5.58
N ARG A 450 45.05 -1.95 6.23
CA ARG A 450 43.78 -2.44 5.64
C ARG A 450 43.08 -1.25 4.95
N VAL A 451 42.75 -1.41 3.67
CA VAL A 451 41.99 -0.42 2.89
C VAL A 451 40.84 -1.13 2.24
N GLU A 452 39.61 -0.76 2.61
CA GLU A 452 38.39 -1.23 1.97
C GLU A 452 37.76 -0.02 1.30
N ALA A 453 37.24 -0.22 0.08
CA ALA A 453 36.68 0.85 -0.72
C ALA A 453 35.35 0.40 -1.30
N ASP A 454 34.33 1.24 -1.20
CA ASP A 454 32.99 0.92 -1.72
C ASP A 454 32.32 2.20 -2.19
N PHE A 455 31.66 2.14 -3.34
CA PHE A 455 30.78 3.19 -3.79
C PHE A 455 29.50 3.16 -2.95
N ILE A 456 28.96 4.35 -2.69
CA ILE A 456 27.61 4.52 -2.18
C ILE A 456 26.76 4.75 -3.42
N PRO A 457 25.79 3.86 -3.71
CA PRO A 457 25.06 3.92 -4.97
C PRO A 457 24.39 5.29 -5.24
N VAL A 458 24.45 5.69 -6.50
CA VAL A 458 23.74 6.82 -7.03
C VAL A 458 22.25 6.51 -7.00
N PRO A 459 21.40 7.40 -6.47
CA PRO A 459 19.95 7.18 -6.51
C PRO A 459 19.40 7.48 -7.91
N GLY A 460 18.22 6.98 -8.21
CA GLY A 460 17.64 7.17 -9.53
C GLY A 460 18.40 6.34 -10.55
N ALA A 461 18.10 6.58 -11.83
CA ALA A 461 18.36 5.60 -12.87
C ALA A 461 18.17 6.27 -14.20
N ARG A 462 19.14 6.08 -15.09
CA ARG A 462 19.07 6.58 -16.49
C ARG A 462 18.38 5.50 -17.33
N LEU A 463 18.76 4.23 -17.17
CA LEU A 463 18.10 3.14 -17.88
C LEU A 463 16.89 2.62 -17.10
N ASP A 464 15.93 2.06 -17.82
CA ASP A 464 14.68 1.54 -17.23
C ASP A 464 14.99 0.47 -16.20
N LEU A 465 15.94 -0.41 -16.53
CA LEU A 465 16.31 -1.52 -15.67
C LEU A 465 17.71 -2.04 -15.98
N THR A 466 18.50 -2.28 -14.94
CA THR A 466 19.80 -2.91 -15.06
C THR A 466 19.94 -4.00 -14.04
N LEU A 467 20.71 -5.02 -14.40
CA LEU A 467 21.14 -6.07 -13.51
C LEU A 467 22.67 -6.04 -13.50
N TRP A 468 23.25 -5.93 -12.31
CA TRP A 468 24.69 -5.98 -12.09
C TRP A 468 24.94 -7.19 -11.19
N LEU A 469 25.88 -8.03 -11.62
CA LEU A 469 26.28 -9.17 -10.81
C LEU A 469 27.60 -8.87 -10.15
N GLU A 470 27.65 -9.02 -8.83
CA GLU A 470 28.84 -8.74 -8.03
C GLU A 470 29.34 -10.05 -7.46
N ASP A 471 30.62 -10.32 -7.72
CA ASP A 471 31.32 -11.50 -7.25
C ASP A 471 31.90 -11.19 -5.89
N GLN A 472 31.01 -11.05 -4.89
CA GLN A 472 31.34 -10.59 -3.54
C GLN A 472 32.80 -10.88 -3.08
N GLY A 475 29.46 -15.83 -2.49
CA GLY A 475 28.64 -16.11 -3.66
C GLY A 475 28.48 -14.90 -4.57
N TRP A 476 27.44 -14.89 -5.39
CA TRP A 476 27.09 -13.71 -6.18
C TRP A 476 25.98 -12.92 -5.55
N LEU A 477 26.04 -11.62 -5.80
CA LEU A 477 25.01 -10.71 -5.45
C LEU A 477 24.41 -10.09 -6.70
N ALA A 478 23.07 -10.14 -6.79
CA ALA A 478 22.34 -9.58 -7.91
C ALA A 478 21.80 -8.21 -7.52
N VAL A 479 22.26 -7.17 -8.22
CA VAL A 479 21.84 -5.83 -7.95
C VAL A 479 21.01 -5.32 -9.10
N TRP A 480 19.70 -5.20 -8.85
CA TRP A 480 18.73 -4.69 -9.82
C TRP A 480 18.43 -3.25 -9.53
N THR A 481 18.49 -2.43 -10.58
CA THR A 481 18.14 -1.02 -10.45
C THR A 481 17.13 -0.64 -11.54
N GLY A 482 15.96 -0.15 -11.13
CA GLY A 482 14.90 0.27 -12.02
C GLY A 482 14.46 1.71 -11.79
N VAL A 483 14.00 2.35 -12.87
CA VAL A 483 13.21 3.57 -12.81
C VAL A 483 11.89 3.23 -12.09
N SER A 484 11.66 3.84 -10.92
CA SER A 484 10.54 3.51 -10.03
C SER A 484 9.18 3.47 -10.72
N ALA A 485 8.93 4.46 -11.59
CA ALA A 485 7.70 4.59 -12.37
C ALA A 485 7.43 3.43 -13.34
N ILE A 486 8.47 2.65 -13.66
CA ILE A 486 8.32 1.51 -14.56
C ILE A 486 8.58 0.19 -13.88
N PHE A 487 9.72 0.08 -13.18
CA PHE A 487 10.06 -1.14 -12.44
C PHE A 487 10.22 -0.76 -10.98
N ASP A 488 9.12 -0.82 -10.24
CA ASP A 488 9.12 -0.61 -8.78
C ASP A 488 9.68 -1.85 -8.10
N LEU A 489 9.85 -1.75 -6.77
CA LEU A 489 10.46 -2.79 -5.97
C LEU A 489 9.84 -4.17 -6.14
N HIS A 490 8.50 -4.22 -6.13
CA HIS A 490 7.78 -5.49 -6.18
C HIS A 490 7.92 -6.17 -7.53
N ARG A 491 7.83 -5.38 -8.60
CA ARG A 491 8.05 -5.89 -9.98
C ARG A 491 9.48 -6.42 -10.12
N ILE A 492 10.47 -5.69 -9.57
CA ILE A 492 11.86 -6.15 -9.65
C ILE A 492 12.02 -7.48 -8.90
N GLU A 493 11.46 -7.58 -7.69
CA GLU A 493 11.48 -8.83 -6.92
C GLU A 493 10.92 -10.00 -7.73
N ARG A 494 9.80 -9.77 -8.41
CA ARG A 494 9.16 -10.80 -9.29
C ARG A 494 10.11 -11.14 -10.45
N LEU A 495 10.75 -10.12 -11.04
CA LEU A 495 11.70 -10.39 -12.13
C LEU A 495 12.90 -11.20 -11.64
N HIS A 496 13.38 -10.91 -10.43
CA HIS A 496 14.52 -11.64 -9.85
C HIS A 496 14.19 -13.11 -9.66
N GLN A 497 12.99 -13.37 -9.14
CA GLN A 497 12.54 -14.76 -8.97
C GLN A 497 12.43 -15.47 -10.32
N ALA A 498 11.83 -14.77 -11.31
CA ALA A 498 11.73 -15.34 -12.67
C ALA A 498 13.12 -15.64 -13.24
N TRP A 499 14.08 -14.73 -12.99
CA TRP A 499 15.45 -14.90 -13.47
C TRP A 499 16.11 -16.14 -12.86
N GLU A 500 15.95 -16.32 -11.55
CA GLU A 500 16.46 -17.51 -10.87
C GLU A 500 15.86 -18.80 -11.42
N ARG A 501 14.53 -18.84 -11.57
CA ARG A 501 13.80 -20.02 -12.12
C ARG A 501 14.29 -20.29 -13.54
N ARG A 502 14.48 -19.23 -14.34
CA ARG A 502 14.89 -19.37 -15.77
C ARG A 502 16.27 -20.04 -15.84
N LEU A 503 17.18 -19.64 -14.95
CA LEU A 503 18.52 -20.20 -14.94
C LEU A 503 18.48 -21.69 -14.59
N LEU A 504 17.68 -22.04 -13.58
CA LEU A 504 17.54 -23.42 -13.14
C LEU A 504 16.97 -24.26 -14.28
N ALA A 505 15.88 -23.79 -14.90
CA ALA A 505 15.27 -24.42 -16.07
C ALA A 505 16.30 -24.65 -17.19
N ASN A 506 16.94 -23.57 -17.64
CA ASN A 506 17.97 -23.64 -18.68
C ASN A 506 19.07 -24.69 -18.41
N ALA A 507 19.35 -24.94 -17.12
CA ALA A 507 20.39 -25.87 -16.71
C ALA A 507 19.91 -27.35 -16.71
N SER B 10 -3.95 28.53 49.20
CA SER B 10 -2.68 27.93 48.68
C SER B 10 -2.83 26.42 48.54
N ASP B 11 -3.25 25.70 49.59
CA ASP B 11 -3.27 24.22 49.53
C ASP B 11 -3.20 23.78 48.07
N PRO B 12 -4.27 23.91 47.24
CA PRO B 12 -4.22 23.42 45.86
C PRO B 12 -3.26 24.16 44.91
N LEU B 13 -3.10 25.48 45.07
CA LEU B 13 -2.14 26.26 44.26
C LEU B 13 -0.70 25.84 44.58
N GLU B 14 -0.36 25.80 45.86
CA GLU B 14 0.99 25.42 46.29
C GLU B 14 1.29 23.99 45.89
N GLN B 15 0.29 23.13 46.01
CA GLN B 15 0.41 21.71 45.64
C GLN B 15 0.73 21.57 44.14
N ALA B 16 -0.04 22.25 43.29
CA ALA B 16 0.13 22.23 41.84
C ALA B 16 1.49 22.83 41.49
N LEU B 17 1.83 23.95 42.13
CA LEU B 17 3.11 24.62 41.95
C LEU B 17 4.23 23.66 42.28
N HIS B 18 4.16 23.06 43.47
CA HIS B 18 5.13 22.07 43.94
C HIS B 18 5.33 20.94 42.93
N GLN B 19 4.23 20.33 42.46
CA GLN B 19 4.27 19.22 41.51
C GLN B 19 4.88 19.60 40.17
N ALA B 20 4.44 20.75 39.62
CA ALA B 20 4.89 21.21 38.31
C ALA B 20 6.38 21.58 38.35
N TRP B 21 6.81 22.24 39.44
CA TRP B 21 8.20 22.65 39.64
C TRP B 21 9.12 21.43 39.72
N GLN B 22 8.67 20.42 40.48
CA GLN B 22 9.39 19.15 40.63
C GLN B 22 9.51 18.40 39.30
N ALA B 23 8.40 18.31 38.56
CA ALA B 23 8.37 17.62 37.26
C ALA B 23 9.38 18.24 36.29
N GLN B 24 9.54 19.57 36.36
CA GLN B 24 10.44 20.28 35.48
C GLN B 24 11.91 20.15 35.83
N LEU B 25 12.23 20.26 37.12
CA LEU B 25 13.62 20.31 37.58
C LEU B 25 14.12 19.05 38.30
N GLY B 26 13.24 18.04 38.46
CA GLY B 26 13.55 16.80 39.16
C GLY B 26 13.91 16.95 40.63
N ALA B 27 13.41 18.01 41.27
CA ALA B 27 13.66 18.30 42.69
C ALA B 27 12.66 19.34 43.19
N PRO B 28 12.25 19.30 44.47
CA PRO B 28 11.18 20.18 44.96
C PRO B 28 11.63 21.63 45.06
N PRO B 29 10.68 22.60 45.06
CA PRO B 29 11.03 24.01 45.21
C PRO B 29 11.63 24.30 46.59
N ARG B 30 12.69 25.12 46.62
CA ARG B 30 13.35 25.62 47.85
C ARG B 30 13.00 27.09 48.05
N ALA B 31 12.57 27.46 49.26
CA ALA B 31 12.16 28.83 49.57
C ALA B 31 13.30 29.78 49.17
N GLY B 32 12.94 30.88 48.50
CA GLY B 32 13.88 31.91 48.11
C GLY B 32 14.89 31.59 47.00
N GLN B 33 14.84 30.37 46.46
CA GLN B 33 15.69 29.97 45.34
C GLN B 33 14.98 30.14 43.98
N GLY B 34 15.48 31.08 43.18
CA GLY B 34 15.00 31.34 41.82
C GLY B 34 15.02 30.11 40.93
N PHE B 35 14.08 30.05 39.99
CA PHE B 35 13.88 28.93 39.06
C PHE B 35 15.14 28.62 38.26
N TYR B 36 15.82 29.67 37.74
CA TYR B 36 17.10 29.53 37.00
C TYR B 36 18.18 29.01 37.95
N ALA B 37 18.33 29.65 39.11
CA ALA B 37 19.23 29.16 40.16
C ALA B 37 19.04 27.66 40.51
N ALA B 38 17.80 27.18 40.45
CA ALA B 38 17.45 25.79 40.76
C ALA B 38 17.69 24.76 39.63
N GLY B 39 18.00 25.21 38.42
CA GLY B 39 18.06 24.27 37.28
C GLY B 39 17.50 24.96 36.07
N GLY B 40 16.59 25.91 36.27
CA GLY B 40 16.11 26.83 35.22
C GLY B 40 15.69 26.41 33.83
N ASP B 41 16.02 27.22 32.83
CA ASP B 41 15.53 27.11 31.41
C ASP B 41 14.27 27.94 31.12
N SER B 42 14.30 28.73 30.05
CA SER B 42 13.09 29.44 29.62
C SER B 42 12.01 28.50 29.12
N LEU B 43 12.43 27.38 28.50
CA LEU B 43 11.51 26.40 27.95
C LEU B 43 10.78 25.63 29.05
N ARG B 44 11.53 25.23 30.09
CA ARG B 44 10.98 24.57 31.29
C ARG B 44 10.02 25.52 32.00
N ALA B 45 10.30 26.84 31.94
CA ALA B 45 9.45 27.84 32.55
C ALA B 45 8.10 27.89 31.83
N VAL B 46 8.11 27.85 30.50
CA VAL B 46 6.89 27.84 29.69
C VAL B 46 6.08 26.61 30.01
N HIS B 47 6.76 25.46 30.15
CA HIS B 47 6.10 24.17 30.38
C HIS B 47 5.50 24.15 31.78
N LEU B 48 6.23 24.66 32.76
CA LEU B 48 5.72 24.86 34.12
C LEU B 48 4.38 25.60 34.10
N LEU B 49 4.36 26.76 33.45
CA LEU B 49 3.19 27.63 33.43
C LEU B 49 2.02 27.04 32.63
N ALA B 50 2.34 26.31 31.56
CA ALA B 50 1.35 25.64 30.74
C ALA B 50 0.66 24.52 31.54
N THR B 51 1.45 23.84 32.38
CA THR B 51 0.95 22.80 33.28
C THR B 51 0.00 23.39 34.31
N LEU B 52 0.44 24.49 34.94
CA LEU B 52 -0.37 25.23 35.90
C LEU B 52 -1.65 25.77 35.29
N ARG B 53 -1.58 26.22 34.04
CA ARG B 53 -2.75 26.76 33.31
C ARG B 53 -3.76 25.63 33.08
N GLN B 54 -3.26 24.43 32.70
CA GLN B 54 -4.12 23.30 32.41
C GLN B 54 -4.81 22.82 33.68
N ARG B 55 -4.04 22.66 34.77
CA ARG B 55 -4.53 22.09 36.05
C ARG B 55 -5.37 23.12 36.81
N LEU B 56 -5.05 24.41 36.75
CA LEU B 56 -5.73 25.41 37.59
C LEU B 56 -6.58 26.45 36.86
N SER B 57 -6.55 26.44 35.51
CA SER B 57 -7.19 27.48 34.69
C SER B 57 -6.73 28.90 35.07
N ARG B 58 -5.44 29.02 35.40
CA ARG B 58 -4.76 30.30 35.79
C ARG B 58 -3.54 30.55 34.89
N ARG B 59 -3.55 31.65 34.13
CA ARG B 59 -2.45 32.06 33.22
C ARG B 59 -1.52 33.02 33.97
N VAL B 60 -0.35 32.53 34.42
CA VAL B 60 0.73 33.37 34.88
C VAL B 60 1.56 33.81 33.67
N PRO B 61 1.72 35.13 33.40
CA PRO B 61 2.55 35.59 32.28
C PRO B 61 4.00 35.12 32.44
N LEU B 62 4.62 34.69 31.34
CA LEU B 62 5.98 34.17 31.40
C LEU B 62 6.99 35.27 31.84
N GLN B 63 6.81 36.50 31.34
CA GLN B 63 7.73 37.61 31.64
C GLN B 63 7.77 37.85 33.14
N ALA B 64 6.57 37.93 33.76
CA ALA B 64 6.40 38.12 35.19
C ALA B 64 7.13 37.08 36.03
N PHE B 65 7.01 35.81 35.65
CA PHE B 65 7.67 34.74 36.37
C PHE B 65 9.16 34.65 36.06
N ALA B 66 9.49 34.32 34.80
CA ALA B 66 10.87 34.01 34.41
C ALA B 66 11.81 35.26 34.32
N GLY B 67 11.24 36.44 34.29
CA GLY B 67 12.16 37.59 34.24
C GLY B 67 12.46 38.04 35.64
N GLY B 68 11.55 37.75 36.56
CA GLY B 68 11.71 38.21 37.95
C GLY B 68 12.50 37.25 38.80
N PRO B 69 12.37 37.35 40.13
CA PRO B 69 13.08 36.47 41.02
C PRO B 69 12.84 35.01 40.63
N ALA B 70 11.62 34.69 40.16
CA ALA B 70 11.26 33.30 39.79
C ALA B 70 11.39 32.36 41.00
N THR B 71 11.18 32.89 42.21
CA THR B 71 11.20 32.02 43.39
C THR B 71 9.85 31.30 43.52
N PRO B 72 9.77 30.18 44.28
CA PRO B 72 8.49 29.54 44.57
C PRO B 72 7.49 30.55 45.15
N GLU B 73 7.97 31.45 46.03
CA GLU B 73 7.15 32.53 46.63
C GLU B 73 6.59 33.50 45.59
N ALA B 74 7.44 33.95 44.66
CA ALA B 74 7.00 34.88 43.62
C ALA B 74 5.95 34.22 42.72
N LEU B 75 6.17 32.95 42.37
CA LEU B 75 5.24 32.21 41.51
C LEU B 75 3.91 31.95 42.23
N LEU B 76 3.99 31.57 43.51
CA LEU B 76 2.82 31.39 44.36
C LEU B 76 1.95 32.64 44.32
N GLU B 77 2.59 33.80 44.50
CA GLU B 77 1.91 35.09 44.51
C GLU B 77 1.28 35.43 43.17
N LEU B 78 2.01 35.14 42.08
CA LEU B 78 1.52 35.34 40.72
C LEU B 78 0.29 34.46 40.45
N LEU B 79 0.37 33.19 40.89
CA LEU B 79 -0.77 32.27 40.79
C LEU B 79 -2.02 32.81 41.50
N ARG B 80 -1.87 33.25 42.75
CA ARG B 80 -2.97 33.84 43.56
C ARG B 80 -3.55 35.05 42.83
N GLN B 81 -2.69 35.90 42.26
CA GLN B 81 -3.14 37.11 41.55
C GLN B 81 -3.92 36.81 40.27
N ALA B 82 -3.71 35.62 39.68
CA ALA B 82 -4.37 35.21 38.47
C ALA B 82 -5.70 34.59 38.82
N ALA B 95 -13.77 21.20 9.14
CA ALA B 95 -12.91 20.87 7.98
C ALA B 95 -11.36 20.86 8.26
N ALA B 96 -10.72 19.69 8.11
CA ALA B 96 -9.28 19.52 8.32
C ALA B 96 -8.48 20.52 7.51
N GLY B 97 -7.60 21.26 8.20
CA GLY B 97 -6.63 22.09 7.52
C GLY B 97 -5.22 21.92 8.06
N LEU B 98 -4.28 22.58 7.38
CA LEU B 98 -2.90 22.72 7.84
C LEU B 98 -2.73 24.02 8.62
N SER B 99 -1.92 23.96 9.69
CA SER B 99 -1.48 25.14 10.43
C SER B 99 -0.57 25.96 9.55
N LEU B 100 -0.30 27.20 9.96
CA LEU B 100 0.63 28.05 9.22
C LEU B 100 2.06 27.48 9.26
N ALA B 101 2.44 26.88 10.41
CA ALA B 101 3.75 26.23 10.55
C ALA B 101 3.90 25.09 9.54
N GLU B 102 2.85 24.28 9.39
CA GLU B 102 2.81 23.22 8.39
C GLU B 102 2.77 23.78 6.97
N ARG B 103 1.89 24.77 6.76
CA ARG B 103 1.58 25.36 5.43
C ARG B 103 2.84 26.04 4.86
N ARG B 104 3.65 26.74 5.67
CA ARG B 104 4.79 27.49 5.10
C ARG B 104 5.81 26.49 4.52
N LEU B 105 5.99 25.32 5.12
CA LEU B 105 6.83 24.29 4.54
C LEU B 105 6.19 23.62 3.32
N TRP B 106 4.90 23.32 3.42
CA TRP B 106 4.17 22.70 2.32
C TRP B 106 4.17 23.61 1.10
N VAL B 107 3.92 24.91 1.31
CA VAL B 107 3.88 25.90 0.23
C VAL B 107 5.24 26.05 -0.42
N ALA B 108 6.28 26.21 0.41
CA ALA B 108 7.64 26.29 -0.10
C ALA B 108 7.98 25.10 -1.02
N GLN B 109 7.52 23.90 -0.65
CA GLN B 109 7.75 22.70 -1.45
C GLN B 109 7.03 22.77 -2.80
N GLN B 110 5.78 23.26 -2.80
CA GLN B 110 5.01 23.40 -4.04
C GLN B 110 5.66 24.36 -5.03
N LEU B 111 6.27 25.44 -4.54
CA LEU B 111 6.95 26.42 -5.39
C LEU B 111 8.24 25.91 -6.00
N ALA B 112 8.81 24.84 -5.41
CA ALA B 112 10.03 24.22 -5.93
C ALA B 112 9.94 22.70 -5.78
N PRO B 113 9.09 22.01 -6.58
CA PRO B 113 8.76 20.60 -6.34
C PRO B 113 9.96 19.64 -6.33
N GLU B 114 11.03 19.97 -7.06
CA GLU B 114 12.21 19.13 -7.17
C GLU B 114 13.25 19.44 -6.11
N ASP B 115 13.07 20.53 -5.36
CA ASP B 115 13.97 20.90 -4.28
C ASP B 115 13.71 19.93 -3.11
N THR B 116 14.78 19.21 -2.69
CA THR B 116 14.68 18.21 -1.64
C THR B 116 15.21 18.69 -0.27
N SER B 117 15.38 20.01 -0.11
CA SER B 117 15.92 20.58 1.11
C SER B 117 14.92 20.69 2.26
N TYR B 118 13.69 20.17 2.08
CA TYR B 118 12.68 19.99 3.16
C TYR B 118 12.57 18.53 3.60
N ASN B 119 13.46 17.67 3.11
CA ASN B 119 13.52 16.29 3.57
C ASN B 119 14.34 16.22 4.84
N LEU B 120 13.69 15.80 5.93
CA LEU B 120 14.42 15.53 7.14
C LEU B 120 14.78 14.07 7.18
N LEU B 121 16.00 13.78 7.67
CA LEU B 121 16.53 12.44 7.82
C LEU B 121 17.02 12.30 9.23
N ALA B 122 16.50 11.31 9.94
CA ALA B 122 16.90 11.03 11.31
C ALA B 122 17.37 9.59 11.37
N HIS B 123 18.53 9.40 12.02
CA HIS B 123 19.13 8.11 12.24
C HIS B 123 18.99 7.80 13.72
N LEU B 124 18.26 6.72 14.02
CA LEU B 124 18.11 6.22 15.36
C LEU B 124 18.94 4.96 15.48
N ARG B 125 19.79 4.92 16.48
CA ARG B 125 20.64 3.75 16.84
C ARG B 125 20.01 3.08 18.06
N ILE B 126 19.71 1.80 17.96
CA ILE B 126 18.97 1.07 18.95
C ILE B 126 19.77 -0.13 19.37
N VAL B 127 19.96 -0.30 20.69
CA VAL B 127 20.68 -1.46 21.22
C VAL B 127 19.79 -2.17 22.24
N GLY B 128 19.52 -3.46 21.98
CA GLY B 128 18.86 -4.33 22.95
C GLY B 128 17.45 -4.80 22.62
N ALA B 129 16.97 -4.54 21.41
CA ALA B 129 15.66 -4.94 20.98
C ALA B 129 15.76 -5.82 19.75
N THR B 130 14.80 -6.71 19.57
CA THR B 130 14.73 -7.54 18.38
C THR B 130 14.09 -6.72 17.26
N ALA B 131 14.27 -7.21 16.03
CA ALA B 131 13.75 -6.57 14.83
C ALA B 131 12.24 -6.55 14.83
N ASP B 132 11.63 -7.67 15.25
CA ASP B 132 10.17 -7.79 15.34
C ASP B 132 9.58 -6.78 16.32
N ALA B 133 10.23 -6.64 17.48
CA ALA B 133 9.80 -5.68 18.49
C ALA B 133 9.86 -4.24 17.93
N ILE B 134 10.96 -3.92 17.24
CA ILE B 134 11.16 -2.59 16.68
C ILE B 134 10.07 -2.32 15.65
N GLU B 135 9.86 -3.27 14.76
CA GLU B 135 8.88 -3.10 13.70
C GLU B 135 7.48 -2.90 14.26
N GLN B 136 7.12 -3.70 15.28
CA GLN B 136 5.82 -3.60 15.90
C GLN B 136 5.65 -2.26 16.61
N ALA B 137 6.69 -1.84 17.34
CA ALA B 137 6.67 -0.53 17.99
C ALA B 137 6.51 0.62 16.98
N LEU B 138 7.22 0.53 15.85
CA LEU B 138 7.13 1.55 14.80
C LEU B 138 5.72 1.64 14.25
N ARG B 139 5.08 0.49 14.01
CA ARG B 139 3.69 0.48 13.48
C ARG B 139 2.78 1.17 14.51
N GLN B 140 2.95 0.88 15.80
CA GLN B 140 2.16 1.54 16.84
C GLN B 140 2.36 3.07 16.83
N LEU B 141 3.63 3.49 16.74
CA LEU B 141 3.95 4.92 16.69
C LEU B 141 3.36 5.60 15.47
N LEU B 142 3.37 4.90 14.33
CA LEU B 142 2.76 5.44 13.12
C LEU B 142 1.26 5.60 13.28
N GLU B 143 0.61 4.59 13.88
CA GLU B 143 -0.83 4.66 14.20
C GLU B 143 -1.10 5.85 15.12
N ARG B 144 -0.26 6.03 16.14
CA ARG B 144 -0.43 7.08 17.18
C ARG B 144 -0.23 8.50 16.59
N HIS B 145 0.73 8.68 15.68
CA HIS B 145 1.11 10.01 15.22
C HIS B 145 0.72 10.24 13.77
N VAL B 146 -0.45 10.81 13.59
CA VAL B 146 -1.11 10.88 12.29
C VAL B 146 -0.34 11.73 11.30
N ALA B 147 0.48 12.67 11.78
CA ALA B 147 1.25 13.53 10.89
C ALA B 147 2.16 12.71 9.96
N LEU B 148 2.59 11.53 10.43
CA LEU B 148 3.45 10.67 9.66
C LEU B 148 2.78 9.87 8.54
N ARG B 149 1.45 9.98 8.42
CA ARG B 149 0.65 9.12 7.52
C ARG B 149 -0.58 9.88 6.99
N ARG B 150 -0.38 11.08 6.48
CA ARG B 150 -1.46 11.86 5.82
C ARG B 150 -1.01 12.23 4.41
N ARG B 151 -1.97 12.35 3.50
CA ARG B 151 -1.75 13.01 2.20
C ARG B 151 -2.39 14.40 2.29
N VAL B 152 -1.94 15.31 1.42
CA VAL B 152 -2.47 16.65 1.37
C VAL B 152 -3.03 16.90 -0.02
N GLU B 153 -4.36 17.07 -0.12
CA GLU B 153 -5.04 17.39 -1.38
C GLU B 153 -5.18 18.90 -1.51
N THR B 154 -5.12 19.43 -2.73
CA THR B 154 -4.88 20.86 -2.95
C THR B 154 -6.16 21.67 -3.12
N PRO B 159 -5.44 23.56 0.84
CA PRO B 159 -4.72 22.32 1.15
C PRO B 159 -5.36 21.59 2.34
N GLN B 160 -5.80 20.34 2.13
CA GLN B 160 -6.55 19.60 3.12
C GLN B 160 -5.89 18.26 3.38
N PRO B 161 -5.47 17.97 4.63
CA PRO B 161 -4.87 16.69 4.96
C PRO B 161 -5.93 15.59 5.14
N HIS B 162 -5.58 14.36 4.72
CA HIS B 162 -6.39 13.19 4.91
C HIS B 162 -5.50 12.06 5.39
N ALA B 163 -5.95 11.40 6.44
CA ALA B 163 -5.25 10.32 7.06
C ALA B 163 -5.18 9.11 6.13
N LEU B 164 -4.04 8.43 6.14
CA LEU B 164 -3.85 7.15 5.49
C LEU B 164 -3.65 6.14 6.59
N ALA B 165 -3.77 4.85 6.26
CA ALA B 165 -3.47 3.78 7.23
C ALA B 165 -1.98 3.75 7.57
N ALA B 166 -1.67 3.35 8.81
CA ALA B 166 -0.31 3.20 9.29
C ALA B 166 0.51 2.30 8.36
N HIS B 167 -0.14 1.25 7.82
CA HIS B 167 0.52 0.28 6.98
C HIS B 167 0.98 0.86 5.66
N ALA B 168 0.35 1.97 5.24
CA ALA B 168 0.76 2.70 4.05
C ALA B 168 2.10 3.46 4.12
N VAL B 169 2.71 3.53 5.30
CA VAL B 169 4.05 4.11 5.44
C VAL B 169 5.06 3.02 5.09
N PRO B 170 5.88 3.19 4.04
CA PRO B 170 6.88 2.19 3.68
C PRO B 170 7.86 1.90 4.83
N LEU B 171 8.09 0.62 5.10
CA LEU B 171 8.98 0.18 6.15
C LEU B 171 9.77 -0.99 5.60
N GLN B 172 11.00 -0.72 5.16
CA GLN B 172 11.86 -1.73 4.60
C GLN B 172 12.78 -2.24 5.69
N ARG B 173 12.83 -3.56 5.84
CA ARG B 173 13.68 -4.25 6.84
C ARG B 173 14.79 -5.02 6.10
N LEU B 174 16.05 -4.80 6.49
CA LEU B 174 17.18 -5.46 5.85
C LEU B 174 18.07 -6.05 6.92
N LEU B 175 18.67 -7.19 6.60
CA LEU B 175 19.63 -7.85 7.48
C LEU B 175 21.03 -7.59 6.95
N ALA B 176 21.90 -7.05 7.80
CA ALA B 176 23.29 -6.80 7.46
C ALA B 176 24.11 -7.93 8.04
N SER B 177 25.15 -8.35 7.32
CA SER B 177 25.96 -9.49 7.70
C SER B 177 26.94 -9.12 8.82
N ASP B 178 27.24 -7.82 8.96
CA ASP B 178 28.15 -7.31 10.01
C ASP B 178 28.03 -5.79 10.11
N ALA B 179 28.76 -5.19 11.04
CA ALA B 179 28.63 -3.76 11.38
C ALA B 179 28.97 -2.86 10.21
N VAL B 180 29.97 -3.24 9.41
CA VAL B 180 30.38 -2.43 8.27
C VAL B 180 29.34 -2.48 7.17
N HIS B 181 28.79 -3.68 6.92
CA HIS B 181 27.69 -3.83 5.97
C HIS B 181 26.51 -2.93 6.37
N ALA B 182 26.19 -2.91 7.67
CA ALA B 182 25.10 -2.09 8.19
C ALA B 182 25.37 -0.60 7.88
N GLU B 183 26.60 -0.15 8.12
CA GLU B 183 27.01 1.22 7.80
C GLU B 183 26.76 1.56 6.33
N ARG B 184 27.16 0.65 5.45
CA ARG B 184 27.01 0.85 3.98
C ARG B 184 25.54 0.92 3.62
N LEU B 185 24.70 0.04 4.18
CA LEU B 185 23.27 0.08 3.91
C LEU B 185 22.68 1.42 4.37
N LEU B 186 23.10 1.90 5.55
CA LEU B 186 22.65 3.19 6.06
C LEU B 186 23.08 4.37 5.17
N GLU B 187 24.34 4.37 4.75
CA GLU B 187 24.86 5.42 3.86
C GLU B 187 24.10 5.44 2.54
N ASP B 188 23.78 4.26 2.01
CA ASP B 188 22.97 4.12 0.82
C ASP B 188 21.60 4.75 1.05
N GLY B 189 20.99 4.47 2.20
CA GLY B 189 19.71 5.04 2.57
C GLY B 189 19.77 6.56 2.64
N VAL B 190 20.83 7.09 3.26
CA VAL B 190 20.98 8.52 3.42
C VAL B 190 20.98 9.19 2.06
N ARG B 191 21.77 8.66 1.12
CA ARG B 191 21.84 9.23 -0.25
C ARG B 191 20.48 9.11 -0.95
N ARG B 192 19.86 7.94 -0.88
CA ARG B 192 18.57 7.69 -1.55
C ARG B 192 17.49 8.62 -0.96
N GLU B 193 17.40 8.71 0.37
CA GLU B 193 16.31 9.47 0.97
C GLU B 193 16.55 10.97 0.84
N GLY B 194 17.81 11.38 0.86
CA GLY B 194 18.19 12.75 0.59
C GLY B 194 17.78 13.25 -0.79
N ALA B 195 17.75 12.34 -1.77
CA ALA B 195 17.41 12.69 -3.16
C ALA B 195 15.94 12.50 -3.48
N ARG B 196 15.19 11.86 -2.60
CA ARG B 196 13.78 11.47 -2.88
C ARG B 196 12.86 12.69 -2.92
N VAL B 197 12.03 12.79 -3.95
CA VAL B 197 10.97 13.76 -3.98
C VAL B 197 9.74 13.03 -3.41
N PHE B 198 9.25 13.49 -2.25
CA PHE B 198 8.04 12.95 -1.66
C PHE B 198 6.86 13.41 -2.48
N ASP B 199 5.95 12.49 -2.75
CA ASP B 199 4.66 12.84 -3.37
C ASP B 199 3.67 13.08 -2.24
N LEU B 200 3.58 14.33 -1.80
CA LEU B 200 2.82 14.69 -0.59
C LEU B 200 1.30 14.61 -0.76
N ALA B 201 0.85 14.69 -2.03
CA ALA B 201 -0.55 14.62 -2.40
C ALA B 201 -1.14 13.19 -2.34
N HIS B 202 -0.30 12.17 -2.53
CA HIS B 202 -0.80 10.79 -2.65
C HIS B 202 -0.24 9.78 -1.69
N GLU B 203 0.87 10.10 -1.01
CA GLU B 203 1.56 9.14 -0.15
C GLU B 203 1.86 9.74 1.20
N ALA B 204 2.13 8.88 2.17
CA ALA B 204 2.56 9.32 3.48
C ALA B 204 3.84 10.13 3.34
N PRO B 205 4.06 11.16 4.18
CA PRO B 205 5.26 11.99 4.11
C PRO B 205 6.46 11.38 4.85
N ALA B 206 6.38 10.10 5.23
CA ALA B 206 7.41 9.42 5.98
C ALA B 206 7.72 8.06 5.39
N ARG B 207 8.99 7.66 5.52
CA ARG B 207 9.50 6.33 5.10
C ARG B 207 10.49 5.86 6.15
N LEU B 208 10.53 4.55 6.38
CA LEU B 208 11.37 3.93 7.35
C LEU B 208 12.25 2.85 6.75
N LEU B 209 13.53 2.90 7.09
CA LEU B 209 14.48 1.85 6.79
C LEU B 209 15.03 1.30 8.09
N LEU B 210 14.84 -0.01 8.31
CA LEU B 210 15.33 -0.69 9.50
C LEU B 210 16.38 -1.71 9.14
N VAL B 211 17.60 -1.49 9.64
CA VAL B 211 18.72 -2.38 9.40
C VAL B 211 19.11 -3.05 10.70
N VAL B 212 19.01 -4.38 10.72
CA VAL B 212 19.48 -5.19 11.83
C VAL B 212 20.75 -5.91 11.45
N THR B 213 21.67 -6.03 12.40
CA THR B 213 22.97 -6.64 12.18
C THR B 213 23.00 -8.00 12.81
N ARG B 214 23.23 -9.03 11.98
CA ARG B 214 23.44 -10.44 12.38
C ARG B 214 24.42 -10.50 13.57
N ASP B 215 24.06 -11.25 14.62
CA ASP B 215 24.94 -11.51 15.78
C ASP B 215 25.35 -10.23 16.52
N SER B 216 24.39 -9.33 16.68
CA SER B 216 24.60 -8.06 17.35
C SER B 216 23.28 -7.64 17.92
N ALA B 217 23.32 -6.87 19.01
CA ALA B 217 22.12 -6.29 19.61
C ALA B 217 21.74 -4.94 18.97
N ARG B 218 22.56 -4.46 18.03
CA ARG B 218 22.41 -3.12 17.43
C ARG B 218 21.46 -3.16 16.23
N ALA B 219 20.51 -2.22 16.21
CA ALA B 219 19.70 -1.93 15.05
C ALA B 219 19.86 -0.47 14.71
N ASP B 220 19.65 -0.15 13.43
CA ASP B 220 19.70 1.19 12.92
C ASP B 220 18.40 1.48 12.18
N LEU B 221 17.84 2.66 12.43
CA LEU B 221 16.62 3.09 11.81
C LEU B 221 16.89 4.42 11.14
N LEU B 222 16.55 4.51 9.85
CA LEU B 222 16.58 5.76 9.13
C LEU B 222 15.14 6.16 8.88
N LEU B 223 14.76 7.27 9.51
CA LEU B 223 13.47 7.87 9.32
C LEU B 223 13.65 9.00 8.35
N SER B 224 13.00 8.93 7.20
CA SER B 224 12.97 10.03 6.28
C SER B 224 11.57 10.60 6.28
N VAL B 225 11.47 11.91 6.48
CA VAL B 225 10.19 12.58 6.65
C VAL B 225 10.23 14.01 6.15
N HIS B 226 9.18 14.40 5.40
CA HIS B 226 9.07 15.77 4.94
C HIS B 226 8.86 16.69 6.14
N HIS B 227 9.49 17.87 6.06
CA HIS B 227 9.51 18.84 7.14
C HIS B 227 8.11 19.36 7.54
N TYR B 228 7.15 19.39 6.61
CA TYR B 228 5.76 19.87 6.90
C TYR B 228 5.12 18.92 7.93
N ALA B 229 5.64 17.69 8.07
CA ALA B 229 5.11 16.69 8.98
C ALA B 229 6.00 16.34 10.18
N PHE B 230 7.03 17.14 10.45
CA PHE B 230 7.99 16.76 11.50
C PHE B 230 8.77 17.99 11.93
N ASP B 231 9.46 17.88 13.05
CA ASP B 231 10.38 18.92 13.50
C ASP B 231 11.27 18.32 14.58
N ASP B 232 12.13 19.16 15.16
CA ASP B 232 13.12 18.73 16.11
C ASP B 232 12.52 18.09 17.39
N VAL B 233 11.56 18.76 18.03
CA VAL B 233 10.92 18.17 19.20
C VAL B 233 10.24 16.83 18.84
N SER B 234 9.70 16.73 17.63
CA SER B 234 9.02 15.53 17.17
C SER B 234 9.96 14.32 17.22
N LEU B 235 11.24 14.53 16.89
CA LEU B 235 12.21 13.46 16.97
C LEU B 235 12.41 13.02 18.39
N ALA B 236 12.51 13.97 19.33
CA ALA B 236 12.69 13.63 20.74
C ALA B 236 11.48 12.86 21.24
N VAL B 237 10.28 13.29 20.86
CA VAL B 237 9.05 12.59 21.23
C VAL B 237 9.07 11.16 20.66
N PHE B 238 9.34 11.06 19.35
CA PHE B 238 9.34 9.79 18.67
C PHE B 238 10.33 8.78 19.29
N ALA B 239 11.55 9.24 19.54
CA ALA B 239 12.59 8.40 20.13
C ALA B 239 12.29 7.98 21.55
N ALA B 240 11.73 8.89 22.35
CA ALA B 240 11.40 8.58 23.75
C ALA B 240 10.30 7.53 23.79
N GLU B 241 9.28 7.72 22.94
CA GLU B 241 8.16 6.79 22.88
C GLU B 241 8.55 5.43 22.31
N LEU B 242 9.47 5.42 21.34
CA LEU B 242 10.02 4.19 20.83
C LEU B 242 10.66 3.38 21.96
N LYS B 243 11.48 4.07 22.76
CA LYS B 243 12.18 3.44 23.90
C LYS B 243 11.18 2.88 24.94
N THR B 244 10.15 3.66 25.28
CA THR B 244 9.10 3.23 26.18
C THR B 244 8.47 1.92 25.68
N LEU B 245 8.07 1.87 24.41
CA LEU B 245 7.49 0.65 23.84
C LEU B 245 8.44 -0.53 23.87
N LEU B 246 9.69 -0.32 23.45
CA LEU B 246 10.68 -1.39 23.46
C LEU B 246 11.00 -1.89 24.89
N ASP B 247 10.88 -1.02 25.89
CA ASP B 247 11.06 -1.39 27.29
C ASP B 247 9.86 -2.09 27.92
N GLY B 248 8.73 -2.11 27.21
CA GLY B 248 7.52 -2.77 27.65
C GLY B 248 6.51 -1.84 28.32
N GLY B 249 6.75 -0.53 28.26
CA GLY B 249 5.87 0.47 28.81
C GLY B 249 4.68 0.77 27.90
N ARG B 250 3.79 1.62 28.38
CA ARG B 250 2.52 2.02 27.71
C ARG B 250 2.57 3.51 27.43
N LEU B 251 1.86 3.96 26.40
CA LEU B 251 1.80 5.36 26.06
C LEU B 251 0.38 5.86 26.31
N GLY B 252 0.26 6.99 27.01
CA GLY B 252 -1.04 7.54 27.33
C GLY B 252 -1.67 8.14 26.10
N VAL B 253 -3.00 8.26 26.11
CA VAL B 253 -3.73 8.80 24.99
C VAL B 253 -3.28 10.26 24.76
N LEU B 254 -3.19 10.67 23.50
CA LEU B 254 -2.77 12.02 23.16
C LEU B 254 -3.92 12.99 23.37
N ALA B 255 -3.61 14.15 23.91
CA ALA B 255 -4.61 15.16 24.19
C ALA B 255 -5.03 15.96 22.95
N SER B 256 -4.29 15.86 21.83
CA SER B 256 -4.59 16.63 20.63
C SER B 256 -3.98 16.01 19.36
N THR B 257 -4.15 16.73 18.23
CA THR B 257 -3.70 16.31 16.92
C THR B 257 -3.30 17.56 16.12
N PRO B 258 -2.53 17.40 15.01
CA PRO B 258 -2.21 18.53 14.15
C PRO B 258 -3.44 19.26 13.59
N GLU B 259 -4.48 18.53 13.20
CA GLU B 259 -5.72 19.14 12.67
C GLU B 259 -6.40 20.06 13.72
N GLN B 260 -6.39 19.62 14.98
CA GLN B 260 -6.95 20.36 16.07
C GLN B 260 -6.12 21.59 16.36
N VAL B 261 -4.79 21.45 16.34
CA VAL B 261 -3.89 22.60 16.48
C VAL B 261 -4.21 23.61 15.41
N ALA B 262 -4.39 23.14 14.16
CA ALA B 262 -4.72 24.04 13.06
C ALA B 262 -6.06 24.78 13.27
N ALA B 263 -7.07 24.04 13.75
CA ALA B 263 -8.42 24.61 14.03
C ALA B 263 -8.35 25.70 15.09
N ARG B 264 -7.68 25.41 16.21
CA ARG B 264 -7.40 26.41 17.27
C ARG B 264 -6.75 27.65 16.66
N GLU B 265 -5.82 27.47 15.71
CA GLU B 265 -5.12 28.61 15.15
C GLU B 265 -6.06 29.42 14.28
N ARG B 266 -6.92 28.73 13.52
CA ARG B 266 -7.96 29.39 12.67
C ARG B 266 -8.85 30.26 13.57
N ALA B 267 -9.21 29.77 14.75
CA ALA B 267 -10.00 30.52 15.70
C ALA B 267 -9.23 31.71 16.26
N ALA B 268 -7.98 31.49 16.69
CA ALA B 268 -7.16 32.54 17.25
C ALA B 268 -6.90 33.66 16.23
N LEU B 269 -6.75 33.30 14.95
CA LEU B 269 -6.62 34.27 13.87
C LEU B 269 -7.89 35.11 13.70
N ALA B 270 -9.05 34.43 13.61
CA ALA B 270 -10.36 35.07 13.52
C ALA B 270 -10.61 36.06 14.69
N SER B 271 -10.25 35.63 15.91
CA SER B 271 -10.40 36.43 17.11
C SER B 271 -9.59 37.72 17.15
N GLY B 272 -8.55 37.83 16.30
CA GLY B 272 -7.68 39.00 16.25
C GLY B 272 -6.58 39.07 17.28
N ARG B 273 -6.57 38.14 18.24
CA ARG B 273 -5.60 38.09 19.38
C ARG B 273 -4.17 38.06 18.83
N LEU B 274 -3.92 37.26 17.79
CA LEU B 274 -2.57 37.08 17.28
C LEU B 274 -2.12 38.33 16.53
N ASP B 275 -3.00 38.88 15.69
CA ASP B 275 -2.72 40.09 14.93
C ASP B 275 -2.43 41.33 15.77
N ARG B 276 -3.11 41.46 16.92
CA ARG B 276 -2.89 42.60 17.85
C ARG B 276 -1.49 42.50 18.46
N VAL B 277 -1.01 41.29 18.78
CA VAL B 277 0.36 41.13 19.28
C VAL B 277 1.33 41.52 18.18
N ALA B 278 1.09 41.04 16.96
CA ALA B 278 1.94 41.33 15.83
C ALA B 278 2.02 42.85 15.58
N GLU B 279 0.87 43.52 15.62
CA GLU B 279 0.79 44.95 15.37
C GLU B 279 1.62 45.75 16.37
N ARG B 280 1.56 45.36 17.64
CA ARG B 280 2.38 45.94 18.73
C ARG B 280 3.88 45.75 18.43
N TRP B 281 4.29 44.54 18.02
CA TRP B 281 5.70 44.27 17.70
C TRP B 281 6.18 45.04 16.49
N ALA B 282 5.30 45.21 15.50
CA ALA B 282 5.62 45.90 14.26
C ALA B 282 6.16 47.31 14.50
N GLU B 283 5.63 47.97 15.54
CA GLU B 283 6.05 49.31 15.94
C GLU B 283 7.55 49.33 16.18
N ARG B 284 8.02 48.49 17.10
CA ARG B 284 9.47 48.39 17.47
C ARG B 284 10.29 47.90 16.27
N LEU B 285 9.72 47.07 15.40
CA LEU B 285 10.46 46.45 14.29
C LEU B 285 10.56 47.30 13.06
N LEU B 286 9.66 48.27 12.92
CA LEU B 286 9.51 49.04 11.68
C LEU B 286 10.80 49.63 11.15
N PRO B 287 11.63 50.31 11.99
CA PRO B 287 12.89 50.88 11.52
C PRO B 287 13.74 49.81 10.82
N LEU B 288 13.80 48.60 11.39
CA LEU B 288 14.61 47.51 10.83
C LEU B 288 14.02 46.82 9.58
N ALA B 289 12.77 47.13 9.21
CA ALA B 289 12.05 46.35 8.20
C ALA B 289 12.18 46.89 6.76
N ALA B 306 23.67 27.53 -1.43
CA ALA B 306 25.06 27.06 -1.28
C ALA B 306 25.54 27.49 0.08
N GLY B 307 25.68 26.50 0.95
CA GLY B 307 25.95 26.74 2.31
C GLY B 307 27.18 26.06 2.85
N GLN B 308 27.61 26.57 4.00
CA GLN B 308 28.78 26.10 4.73
C GLN B 308 28.40 25.96 6.20
N ARG B 309 28.68 24.78 6.75
CA ARG B 309 28.29 24.38 8.11
C ARG B 309 29.54 24.12 8.94
N LEU B 310 29.59 24.63 10.17
CA LEU B 310 30.70 24.41 11.05
C LEU B 310 30.17 24.12 12.45
N ALA B 311 30.58 22.98 13.01
CA ALA B 311 30.09 22.52 14.29
C ALA B 311 31.24 22.43 15.27
N LEU B 312 31.29 23.36 16.22
CA LEU B 312 32.39 23.50 17.16
C LEU B 312 31.90 23.33 18.59
N PRO B 313 32.62 22.58 19.44
CA PRO B 313 32.23 22.44 20.85
C PRO B 313 32.48 23.80 21.52
N VAL B 314 31.58 24.19 22.43
CA VAL B 314 31.74 25.40 23.19
C VAL B 314 32.71 25.07 24.32
N SER B 315 33.76 25.86 24.46
CA SER B 315 34.77 25.63 25.50
C SER B 315 34.10 25.65 26.86
N ALA B 316 34.67 24.87 27.80
CA ALA B 316 34.14 24.75 29.16
C ALA B 316 34.03 26.11 29.86
N ALA B 317 35.05 26.96 29.67
CA ALA B 317 35.12 28.30 30.24
C ALA B 317 34.03 29.23 29.69
N VAL B 318 33.71 29.11 28.40
CA VAL B 318 32.62 29.87 27.77
C VAL B 318 31.27 29.41 28.31
N HIS B 319 31.10 28.09 28.46
CA HIS B 319 29.87 27.52 29.03
C HIS B 319 29.64 28.07 30.43
N ALA B 320 30.68 28.03 31.26
CA ALA B 320 30.61 28.52 32.64
C ALA B 320 30.37 30.05 32.68
N ALA B 321 31.08 30.80 31.84
CA ALA B 321 30.88 32.24 31.73
C ALA B 321 29.42 32.57 31.41
N CYS B 322 28.86 31.83 30.46
CA CYS B 322 27.51 32.03 30.01
C CYS B 322 26.51 31.82 31.15
N ARG B 323 26.71 30.76 31.93
CA ARG B 323 25.85 30.35 33.08
C ARG B 323 25.96 31.38 34.22
N ALA B 324 27.19 31.82 34.51
CA ALA B 324 27.44 32.83 35.54
C ALA B 324 26.69 34.14 35.24
N LEU B 325 26.93 34.66 34.04
CA LEU B 325 26.26 35.84 33.50
C LEU B 325 24.74 35.74 33.61
N ALA B 326 24.22 34.56 33.27
CA ALA B 326 22.78 34.32 33.28
C ALA B 326 22.21 34.43 34.69
N GLU B 327 22.87 33.76 35.64
CA GLU B 327 22.38 33.71 37.01
C GLU B 327 22.45 35.10 37.65
N ARG B 328 23.52 35.84 37.37
CA ARG B 328 23.73 37.23 37.90
C ARG B 328 22.60 38.16 37.41
N THR B 329 22.00 37.89 36.24
CA THR B 329 21.02 38.79 35.66
C THR B 329 19.62 38.22 35.60
N SER B 330 19.43 37.02 36.18
CA SER B 330 18.15 36.29 36.13
C SER B 330 17.57 36.14 34.72
N VAL B 331 18.43 35.83 33.75
CA VAL B 331 18.00 35.40 32.41
C VAL B 331 18.50 33.96 32.14
N SER B 332 17.97 33.38 31.07
CA SER B 332 18.40 32.04 30.63
C SER B 332 19.84 32.08 30.09
N PRO B 333 20.63 31.00 30.25
CA PRO B 333 21.92 30.90 29.57
C PRO B 333 21.81 31.16 28.05
N PHE B 334 20.74 30.70 27.41
CA PHE B 334 20.56 30.99 25.99
C PHE B 334 20.51 32.51 25.69
N SER B 335 19.87 33.27 26.58
CA SER B 335 19.78 34.73 26.48
C SER B 335 21.15 35.36 26.41
N ALA B 336 22.07 34.89 27.25
CA ALA B 336 23.45 35.34 27.23
C ALA B 336 24.15 34.98 25.93
N ALA B 337 23.93 33.75 25.46
CA ALA B 337 24.51 33.29 24.21
C ALA B 337 23.99 34.14 23.05
N LEU B 338 22.70 34.45 23.07
CA LEU B 338 22.08 35.25 22.03
C LEU B 338 22.61 36.67 22.04
N GLN B 339 22.76 37.27 23.23
CA GLN B 339 23.32 38.59 23.37
C GLN B 339 24.67 38.70 22.68
N ALA B 340 25.55 37.76 23.00
CA ALA B 340 26.89 37.75 22.45
C ALA B 340 26.85 37.57 20.93
N PHE B 341 25.93 36.73 20.46
CA PHE B 341 25.78 36.48 19.03
C PHE B 341 25.40 37.77 18.32
N ALA B 342 24.39 38.46 18.85
CA ALA B 342 23.94 39.73 18.29
C ALA B 342 25.02 40.79 18.32
N GLU B 343 25.82 40.83 19.40
CA GLU B 343 26.85 41.84 19.56
C GLU B 343 27.96 41.64 18.53
N VAL B 344 28.39 40.39 18.40
CA VAL B 344 29.39 40.01 17.41
C VAL B 344 28.92 40.26 15.98
N LEU B 345 27.71 39.84 15.64
CA LEU B 345 27.18 40.06 14.27
C LEU B 345 26.92 41.54 14.00
N GLY B 346 26.54 42.29 15.04
CA GLY B 346 26.32 43.71 14.92
C GLY B 346 27.59 44.44 14.56
N ALA B 347 28.68 44.10 15.24
CA ALA B 347 30.01 44.63 14.96
C ALA B 347 30.47 44.23 13.56
N GLU B 348 30.26 42.97 13.19
CA GLU B 348 30.68 42.47 11.89
C GLU B 348 30.00 43.24 10.76
N LEU B 349 28.68 43.46 10.90
CA LEU B 349 27.88 44.14 9.88
C LEU B 349 27.91 45.67 10.00
N GLY B 350 28.45 46.18 11.11
CA GLY B 350 28.60 47.60 11.33
C GLY B 350 27.30 48.35 11.59
N VAL B 351 26.38 47.76 12.38
CA VAL B 351 25.10 48.36 12.71
C VAL B 351 24.88 48.50 14.21
N ASP B 352 24.06 49.48 14.59
CA ASP B 352 23.66 49.77 15.98
C ASP B 352 22.46 48.98 16.48
N ASP B 353 21.67 48.48 15.52
CA ASP B 353 20.48 47.69 15.78
C ASP B 353 20.44 46.53 14.81
N LEU B 354 20.10 45.35 15.33
CA LEU B 354 20.16 44.11 14.56
C LEU B 354 18.86 43.30 14.69
N LEU B 355 18.34 42.86 13.55
CA LEU B 355 17.22 41.96 13.47
C LEU B 355 17.77 40.52 13.56
N VAL B 356 17.38 39.80 14.61
CA VAL B 356 17.75 38.40 14.84
C VAL B 356 16.52 37.52 14.92
N GLY B 357 16.45 36.52 14.02
CA GLY B 357 15.39 35.51 14.08
C GLY B 357 15.65 34.59 15.26
N VAL B 358 14.58 34.23 15.96
CA VAL B 358 14.66 33.25 17.03
C VAL B 358 13.76 32.08 16.68
N ALA B 359 14.35 30.89 16.65
CA ALA B 359 13.63 29.68 16.29
C ALA B 359 12.94 29.16 17.53
N LEU B 360 11.63 28.99 17.42
CA LEU B 360 10.79 28.58 18.54
C LEU B 360 10.09 27.29 18.21
N ALA B 361 9.99 26.43 19.23
CA ALA B 361 9.35 25.14 19.11
C ALA B 361 7.84 25.28 18.78
N GLY B 362 7.23 26.38 19.23
CA GLY B 362 5.87 26.74 18.86
C GLY B 362 4.78 25.85 19.44
N ARG B 363 5.10 25.24 20.58
CA ARG B 363 4.20 24.34 21.33
C ARG B 363 3.68 25.07 22.58
N SER B 364 2.70 25.96 22.39
CA SER B 364 2.29 26.95 23.39
C SER B 364 1.37 26.38 24.49
N ARG B 365 0.75 25.21 24.27
CA ARG B 365 -0.19 24.56 25.21
C ARG B 365 0.37 23.18 25.60
N LEU B 366 0.05 22.73 26.82
CA LEU B 366 0.50 21.44 27.32
C LEU B 366 0.17 20.32 26.33
N GLU B 367 -1.02 20.38 25.73
CA GLU B 367 -1.50 19.38 24.79
C GLU B 367 -0.68 19.27 23.48
N MET B 368 0.19 20.26 23.23
CA MET B 368 1.05 20.29 22.05
C MET B 368 2.44 19.69 22.30
N GLN B 369 2.79 19.47 23.57
CA GLN B 369 4.14 19.08 23.95
C GLN B 369 4.55 17.69 23.51
N GLY B 370 3.58 16.77 23.38
CA GLY B 370 3.85 15.39 23.02
C GLY B 370 3.48 15.03 21.61
N LEU B 371 3.19 16.04 20.78
CA LEU B 371 2.70 15.83 19.44
C LEU B 371 3.88 15.63 18.48
N VAL B 372 3.59 14.94 17.38
CA VAL B 372 4.47 14.80 16.25
C VAL B 372 3.87 15.59 15.09
N GLY B 373 4.72 16.40 14.46
CA GLY B 373 4.30 17.33 13.42
C GLY B 373 5.25 18.49 13.36
N CYS B 374 4.92 19.47 12.53
CA CYS B 374 5.70 20.68 12.39
C CYS B 374 5.01 21.80 13.12
N PHE B 375 5.61 22.25 14.23
CA PHE B 375 5.09 23.37 15.01
C PHE B 375 6.06 24.56 15.06
N VAL B 376 7.24 24.43 14.45
CA VAL B 376 8.28 25.44 14.58
C VAL B 376 7.89 26.76 13.96
N ASN B 377 8.34 27.83 14.62
CA ASN B 377 8.02 29.18 14.21
C ASN B 377 9.30 29.97 14.36
N LEU B 378 9.42 31.06 13.61
CA LEU B 378 10.61 31.87 13.66
C LEU B 378 10.08 33.25 13.84
N LEU B 379 10.47 33.91 14.93
CA LEU B 379 10.00 35.26 15.22
C LEU B 379 11.17 36.23 15.37
N PRO B 380 10.98 37.50 14.95
CA PRO B 380 12.06 38.48 15.00
C PRO B 380 12.25 39.12 16.38
N LEU B 381 13.52 39.33 16.75
CA LEU B 381 13.96 40.08 17.90
C LEU B 381 14.80 41.26 17.37
N ALA B 382 14.54 42.46 17.90
CA ALA B 382 15.36 43.64 17.65
C ALA B 382 16.35 43.75 18.79
N VAL B 383 17.64 43.77 18.46
CA VAL B 383 18.67 43.88 19.48
C VAL B 383 19.37 45.21 19.25
N GLY B 384 19.27 46.10 20.25
CA GLY B 384 20.01 47.35 20.26
C GLY B 384 21.43 47.13 20.78
N LEU B 385 22.40 47.65 20.04
CA LEU B 385 23.79 47.57 20.43
C LEU B 385 24.21 48.97 20.89
N ARG B 386 23.89 49.27 22.16
CA ARG B 386 24.13 50.58 22.83
C ARG B 386 25.33 50.48 23.77
N PRO B 387 26.53 50.97 23.39
CA PRO B 387 27.72 50.86 24.27
C PRO B 387 27.58 51.66 25.58
N GLU B 388 26.68 52.64 25.61
CA GLU B 388 26.39 53.44 26.80
C GLU B 388 25.78 52.65 27.98
N GLN B 389 25.02 51.59 27.67
CA GLN B 389 24.34 50.80 28.71
C GLN B 389 25.24 49.70 29.24
N SER B 390 25.00 49.27 30.47
CA SER B 390 25.74 48.13 31.04
C SER B 390 25.44 46.83 30.30
N VAL B 391 26.42 45.91 30.30
CA VAL B 391 26.28 44.57 29.80
C VAL B 391 25.02 43.93 30.41
N GLU B 392 24.84 44.08 31.73
CA GLU B 392 23.77 43.44 32.49
C GLU B 392 22.38 43.91 32.02
N TRP B 393 22.28 45.19 31.69
CA TRP B 393 21.00 45.77 31.32
C TRP B 393 20.63 45.34 29.90
N ARG B 394 21.61 45.31 29.01
CA ARG B 394 21.45 44.84 27.61
C ARG B 394 21.00 43.36 27.63
N LEU B 395 21.59 42.57 28.52
CA LEU B 395 21.25 41.18 28.70
C LEU B 395 19.83 41.02 29.21
N ARG B 396 19.47 41.79 30.23
CA ARG B 396 18.10 41.74 30.81
C ARG B 396 17.08 42.09 29.72
N GLN B 397 17.42 43.03 28.85
CA GLN B 397 16.55 43.42 27.75
C GLN B 397 16.39 42.30 26.72
N VAL B 398 17.50 41.67 26.35
CA VAL B 398 17.48 40.53 25.43
C VAL B 398 16.66 39.40 26.04
N GLY B 399 16.91 39.07 27.30
CA GLY B 399 16.18 38.05 28.02
C GLY B 399 14.70 38.31 28.06
N HIS B 400 14.32 39.57 28.30
CA HIS B 400 12.91 39.95 28.39
C HIS B 400 12.24 39.89 27.04
N ASP B 401 12.91 40.33 25.98
CA ASP B 401 12.37 40.25 24.61
C ASP B 401 12.22 38.78 24.16
N LEU B 402 13.15 37.92 24.59
CA LEU B 402 13.07 36.49 24.37
C LEU B 402 11.83 35.87 25.02
N LEU B 403 11.59 36.21 26.29
CA LEU B 403 10.41 35.73 27.02
C LEU B 403 9.14 36.25 26.38
N GLU B 404 9.17 37.47 25.84
CA GLU B 404 8.06 38.02 25.07
C GLU B 404 7.72 37.13 23.85
N LEU B 405 8.75 36.73 23.09
CA LEU B 405 8.52 35.89 21.90
C LEU B 405 8.03 34.52 22.29
N LEU B 406 8.60 33.98 23.36
CA LEU B 406 8.24 32.68 23.87
C LEU B 406 6.81 32.63 24.37
N GLU B 407 6.42 33.65 25.13
CA GLU B 407 5.05 33.84 25.62
C GLU B 407 4.09 33.83 24.45
N HIS B 408 4.47 34.46 23.33
CA HIS B 408 3.58 34.61 22.18
C HIS B 408 4.02 33.80 20.98
N GLN B 409 4.61 32.62 21.24
CA GLN B 409 5.17 31.82 20.15
C GLN B 409 4.09 31.24 19.22
N ASP B 410 2.82 31.34 19.63
CA ASP B 410 1.67 30.99 18.82
C ASP B 410 1.35 32.05 17.75
N VAL B 411 2.02 33.21 17.81
CA VAL B 411 1.83 34.24 16.77
C VAL B 411 2.67 33.87 15.56
N PRO B 412 2.07 33.50 14.42
CA PRO B 412 2.83 33.07 13.25
C PRO B 412 3.59 34.25 12.62
N LEU B 413 4.78 33.94 12.09
CA LEU B 413 5.62 34.90 11.44
C LEU B 413 4.82 35.72 10.42
N GLU B 414 3.90 35.05 9.72
CA GLU B 414 3.07 35.71 8.70
C GLU B 414 2.24 36.91 9.24
N CYS B 415 1.81 36.84 10.50
CA CYS B 415 1.10 37.97 11.13
C CYS B 415 2.02 39.18 11.30
N VAL B 416 3.28 38.92 11.66
CA VAL B 416 4.25 39.98 11.87
C VAL B 416 4.56 40.64 10.54
N THR B 417 4.75 39.82 9.51
CA THR B 417 5.00 40.29 8.16
C THR B 417 3.86 41.18 7.70
N GLN B 418 2.62 40.71 7.91
CA GLN B 418 1.43 41.43 7.49
C GLN B 418 1.34 42.78 8.20
N ALA B 419 1.55 42.77 9.52
CA ALA B 419 1.51 43.97 10.32
C ALA B 419 2.52 45.01 9.83
N LEU B 420 3.69 44.56 9.38
CA LEU B 420 4.72 45.44 8.87
C LEU B 420 4.34 46.07 7.53
N ARG B 421 3.73 45.28 6.64
CA ARG B 421 3.21 45.76 5.32
C ARG B 421 2.14 46.83 5.55
N GLN B 422 1.25 46.64 6.53
CA GLN B 422 0.22 47.60 6.82
C GLN B 422 0.76 48.91 7.41
N ARG B 423 2.07 48.98 7.66
CA ARG B 423 2.77 50.19 8.16
C ARG B 423 3.83 50.62 7.13
N GLY B 424 3.72 50.16 5.88
CA GLY B 424 4.53 50.65 4.79
C GLY B 424 5.76 49.86 4.35
N ALA B 425 6.25 48.95 5.20
CA ALA B 425 7.43 48.12 4.86
C ALA B 425 7.10 47.04 3.82
N SER B 426 8.11 46.63 3.06
CA SER B 426 7.95 45.61 2.00
C SER B 426 7.73 44.23 2.62
N GLY B 427 8.51 43.93 3.66
CA GLY B 427 8.33 42.73 4.44
C GLY B 427 9.23 42.78 5.66
N LEU B 428 9.70 41.62 6.10
CA LEU B 428 10.54 41.49 7.27
C LEU B 428 11.82 40.77 6.86
N PRO B 429 12.92 41.49 6.56
CA PRO B 429 14.13 40.85 6.07
C PRO B 429 14.97 40.20 7.18
N ILE B 430 14.56 39.04 7.69
CA ILE B 430 15.36 38.26 8.64
C ILE B 430 16.45 37.54 7.87
N ARG B 431 17.70 37.92 8.14
CA ARG B 431 18.90 37.37 7.45
C ARG B 431 19.71 36.49 8.41
N ILE B 432 19.58 36.72 9.71
CA ILE B 432 20.34 36.07 10.73
C ILE B 432 19.36 35.47 11.74
N ALA B 433 19.74 34.32 12.30
CA ALA B 433 18.91 33.65 13.28
C ALA B 433 19.72 32.83 14.22
N CYS B 434 19.10 32.52 15.36
CA CYS B 434 19.71 31.83 16.48
C CYS B 434 18.65 30.85 17.00
N GLY B 435 19.11 29.70 17.51
CA GLY B 435 18.22 28.67 18.03
C GLY B 435 18.97 27.73 18.92
N ALA B 436 18.22 26.86 19.60
CA ALA B 436 18.75 25.78 20.42
C ALA B 436 17.88 24.52 20.31
N HIS B 437 18.51 23.34 20.39
CA HIS B 437 17.87 22.06 20.10
C HIS B 437 17.71 21.23 21.36
N GLY B 448 17.73 -0.54 30.42
CA GLY B 448 16.80 -0.86 29.35
C GLY B 448 17.40 -0.68 27.96
N VAL B 449 16.53 -0.66 26.95
CA VAL B 449 16.95 -0.54 25.55
C VAL B 449 17.50 0.87 25.31
N ARG B 450 18.64 0.95 24.63
CA ARG B 450 19.32 2.23 24.30
C ARG B 450 18.77 2.75 22.97
N VAL B 451 18.30 3.99 22.95
CA VAL B 451 17.85 4.67 21.74
C VAL B 451 18.53 6.01 21.65
N GLU B 452 19.34 6.21 20.60
CA GLU B 452 19.98 7.48 20.31
C GLU B 452 19.40 7.95 18.97
N ALA B 453 19.16 9.26 18.84
CA ALA B 453 18.51 9.80 17.67
C ALA B 453 19.22 11.09 17.27
N ASP B 454 19.52 11.24 15.98
CA ASP B 454 20.18 12.43 15.45
C ASP B 454 19.68 12.69 14.03
N PHE B 455 19.43 13.95 13.72
CA PHE B 455 19.22 14.40 12.37
C PHE B 455 20.54 14.41 11.62
N ILE B 456 20.49 14.08 10.33
CA ILE B 456 21.57 14.31 9.39
C ILE B 456 21.29 15.67 8.76
N PRO B 457 22.17 16.67 8.94
CA PRO B 457 21.87 18.03 8.51
C PRO B 457 21.51 18.16 7.02
N VAL B 458 20.51 18.98 6.74
CA VAL B 458 20.12 19.38 5.41
C VAL B 458 21.24 20.27 4.87
N PRO B 459 21.76 20.02 3.65
CA PRO B 459 22.78 20.88 3.07
C PRO B 459 22.20 22.21 2.59
N GLY B 460 23.04 23.23 2.42
CA GLY B 460 22.57 24.52 1.98
C GLY B 460 22.28 25.45 3.15
N ALA B 461 21.71 26.60 2.83
CA ALA B 461 21.41 27.60 3.80
C ALA B 461 20.39 28.54 3.23
N ARG B 462 19.30 28.75 3.97
CA ARG B 462 18.20 29.67 3.61
C ARG B 462 18.58 31.06 4.12
N LEU B 463 19.02 31.16 5.37
CA LEU B 463 19.42 32.44 5.95
C LEU B 463 20.90 32.66 5.71
N ASP B 464 21.33 33.93 5.74
CA ASP B 464 22.73 34.30 5.53
C ASP B 464 23.62 33.63 6.58
N LEU B 465 23.14 33.60 7.83
CA LEU B 465 23.90 33.03 8.93
C LEU B 465 22.99 32.62 10.10
N THR B 466 23.21 31.42 10.62
CA THR B 466 22.53 30.96 11.81
C THR B 466 23.48 30.35 12.78
N LEU B 467 23.15 30.46 14.07
CA LEU B 467 23.84 29.78 15.15
C LEU B 467 22.79 28.93 15.86
N TRP B 468 23.07 27.62 15.98
CA TRP B 468 22.26 26.70 16.76
C TRP B 468 23.11 26.13 17.85
N LEU B 469 22.62 26.18 19.08
CA LEU B 469 23.30 25.58 20.23
C LEU B 469 22.64 24.24 20.55
N GLU B 470 23.44 23.18 20.61
CA GLU B 470 23.00 21.84 20.87
C GLU B 470 23.55 21.41 22.22
N ASP B 471 22.64 20.92 23.05
CA ASP B 471 22.92 20.27 24.32
C ASP B 471 23.37 18.81 24.09
N LEU B 477 27.46 22.39 22.05
CA LEU B 477 27.94 22.38 20.67
C LEU B 477 27.35 23.53 19.88
N ALA B 478 28.22 24.34 19.27
CA ALA B 478 27.81 25.46 18.44
C ALA B 478 27.85 25.08 16.97
N VAL B 479 26.68 25.15 16.31
CA VAL B 479 26.55 24.83 14.91
C VAL B 479 26.22 26.10 14.13
N TRP B 480 27.21 26.56 13.38
CA TRP B 480 27.12 27.75 12.54
C TRP B 480 26.90 27.39 11.11
N THR B 481 25.91 28.00 10.48
CA THR B 481 25.62 27.77 9.07
C THR B 481 25.54 29.10 8.33
N GLY B 482 26.40 29.26 7.32
CA GLY B 482 26.44 30.46 6.48
C GLY B 482 26.28 30.17 5.00
N VAL B 483 25.61 31.08 4.29
CA VAL B 483 25.64 31.16 2.84
C VAL B 483 27.11 31.42 2.40
N SER B 484 27.67 30.45 1.67
CA SER B 484 29.09 30.45 1.28
C SER B 484 29.60 31.74 0.68
N ALA B 485 28.79 32.32 -0.21
CA ALA B 485 29.07 33.59 -0.89
C ALA B 485 29.20 34.80 0.04
N ILE B 486 28.70 34.70 1.27
CA ILE B 486 28.78 35.79 2.24
C ILE B 486 29.63 35.43 3.44
N PHE B 487 29.37 34.26 4.04
CA PHE B 487 30.11 33.79 5.19
C PHE B 487 30.74 32.47 4.82
N ASP B 488 31.97 32.53 4.29
CA ASP B 488 32.78 31.35 4.02
C ASP B 488 33.29 30.77 5.36
N LEU B 489 33.87 29.57 5.27
CA LEU B 489 34.27 28.80 6.43
C LEU B 489 35.18 29.57 7.41
N HIS B 490 36.17 30.27 6.87
CA HIS B 490 37.15 30.96 7.69
C HIS B 490 36.55 32.13 8.45
N ARG B 491 35.68 32.91 7.78
CA ARG B 491 34.93 34.02 8.43
C ARG B 491 34.03 33.46 9.55
N ILE B 492 33.35 32.33 9.31
CA ILE B 492 32.50 31.75 10.33
C ILE B 492 33.32 31.31 11.54
N GLU B 493 34.46 30.66 11.29
CA GLU B 493 35.37 30.24 12.38
C GLU B 493 35.78 31.45 13.23
N ARG B 494 36.10 32.55 12.57
CA ARG B 494 36.46 33.81 13.28
C ARG B 494 35.24 34.35 14.01
N LEU B 495 34.02 34.26 13.46
CA LEU B 495 32.82 34.64 14.19
C LEU B 495 32.64 33.83 15.48
N HIS B 496 32.91 32.53 15.39
CA HIS B 496 32.80 31.66 16.57
C HIS B 496 33.78 32.06 17.67
N GLN B 497 35.03 32.34 17.27
CA GLN B 497 36.03 32.80 18.21
C GLN B 497 35.62 34.13 18.83
N ALA B 498 35.14 35.06 18.00
CA ALA B 498 34.67 36.36 18.48
C ALA B 498 33.53 36.17 19.50
N TRP B 499 32.63 35.24 19.19
CA TRP B 499 31.48 34.96 20.06
C TRP B 499 31.95 34.42 21.42
N GLU B 500 32.91 33.50 21.41
CA GLU B 500 33.49 32.97 22.64
C GLU B 500 34.16 34.08 23.48
N ARG B 501 34.99 34.90 22.84
CA ARG B 501 35.70 36.03 23.51
C ARG B 501 34.65 37.00 24.07
N ARG B 502 33.59 37.28 23.31
CA ARG B 502 32.56 38.25 23.72
C ARG B 502 31.86 37.76 25.00
N LEU B 503 31.58 36.46 25.09
CA LEU B 503 30.95 35.90 26.26
C LEU B 503 31.83 36.01 27.47
N LEU B 504 33.12 35.70 27.30
CA LEU B 504 34.09 35.77 28.39
C LEU B 504 34.20 37.21 28.89
N ALA B 505 34.37 38.16 27.95
CA ALA B 505 34.39 39.59 28.26
C ALA B 505 33.14 40.03 29.04
N ASN B 506 31.96 39.79 28.47
CA ASN B 506 30.68 40.11 29.09
C ASN B 506 30.56 39.58 30.53
N ALA B 507 31.20 38.44 30.80
CA ALA B 507 31.14 37.80 32.12
C ALA B 507 32.15 38.37 33.11
N GLY B 508 33.21 38.97 32.58
CA GLY B 508 34.42 39.26 33.34
C GLY B 508 35.19 37.97 33.60
N ASP C 11 -28.24 -39.69 49.65
CA ASP C 11 -28.51 -38.24 49.81
C ASP C 11 -29.10 -37.61 48.55
N PRO C 12 -30.32 -37.01 48.63
CA PRO C 12 -31.01 -36.53 47.43
C PRO C 12 -30.37 -35.33 46.71
N LEU C 13 -29.73 -34.40 47.44
CA LEU C 13 -28.99 -33.30 46.80
C LEU C 13 -27.81 -33.80 45.99
N GLU C 14 -27.00 -34.67 46.59
CA GLU C 14 -25.85 -35.28 45.91
C GLU C 14 -26.29 -36.02 44.65
N GLN C 15 -27.39 -36.77 44.76
CA GLN C 15 -27.93 -37.55 43.64
C GLN C 15 -28.36 -36.65 42.48
N ALA C 16 -29.10 -35.58 42.81
CA ALA C 16 -29.58 -34.61 41.80
C ALA C 16 -28.35 -33.92 41.15
N LEU C 17 -27.42 -33.51 42.02
CA LEU C 17 -26.20 -32.86 41.59
C LEU C 17 -25.42 -33.77 40.67
N HIS C 18 -25.21 -35.02 41.11
CA HIS C 18 -24.53 -36.06 40.33
C HIS C 18 -25.13 -36.22 38.93
N GLN C 19 -26.46 -36.35 38.86
CA GLN C 19 -27.15 -36.53 37.56
C GLN C 19 -27.00 -35.34 36.64
N ALA C 20 -27.23 -34.13 37.20
CA ALA C 20 -27.17 -32.90 36.42
C ALA C 20 -25.73 -32.65 35.90
N TRP C 21 -24.74 -32.88 36.77
CA TRP C 21 -23.32 -32.69 36.46
C TRP C 21 -22.89 -33.61 35.32
N GLN C 22 -23.31 -34.87 35.42
CA GLN C 22 -23.03 -35.89 34.40
C GLN C 22 -23.66 -35.55 33.04
N ALA C 23 -24.94 -35.14 33.06
CA ALA C 23 -25.65 -34.75 31.85
C ALA C 23 -24.92 -33.61 31.10
N GLN C 24 -24.35 -32.67 31.87
CA GLN C 24 -23.67 -31.51 31.32
C GLN C 24 -22.28 -31.82 30.75
N LEU C 25 -21.49 -32.62 31.47
CA LEU C 25 -20.10 -32.89 31.10
C LEU C 25 -19.81 -34.29 30.52
N GLY C 26 -20.85 -35.14 30.45
CA GLY C 26 -20.72 -36.52 30.00
C GLY C 26 -19.80 -37.40 30.84
N ALA C 27 -19.64 -37.06 32.12
CA ALA C 27 -18.82 -37.82 33.07
C ALA C 27 -19.16 -37.40 34.49
N PRO C 28 -19.10 -38.32 35.47
CA PRO C 28 -19.57 -38.02 36.83
C PRO C 28 -18.65 -37.05 37.57
N PRO C 29 -19.16 -36.37 38.62
CA PRO C 29 -18.34 -35.44 39.40
C PRO C 29 -17.23 -36.18 40.14
N ARG C 30 -16.04 -35.59 40.22
CA ARG C 30 -14.91 -36.05 41.06
C ARG C 30 -14.78 -35.13 42.28
N ALA C 31 -14.65 -35.69 43.48
CA ALA C 31 -14.39 -34.93 44.69
C ALA C 31 -13.22 -33.98 44.46
N GLY C 32 -13.40 -32.72 44.87
CA GLY C 32 -12.38 -31.69 44.77
C GLY C 32 -11.98 -31.17 43.39
N GLN C 33 -12.61 -31.68 42.33
CA GLN C 33 -12.36 -31.21 40.95
C GLN C 33 -13.40 -30.17 40.52
N GLY C 34 -12.93 -28.93 40.34
CA GLY C 34 -13.71 -27.82 39.86
C GLY C 34 -14.39 -28.09 38.54
N PHE C 35 -15.56 -27.45 38.35
CA PHE C 35 -16.40 -27.64 37.17
C PHE C 35 -15.64 -27.33 35.87
N TYR C 36 -14.88 -26.22 35.86
CA TYR C 36 -14.01 -25.80 34.74
C TYR C 36 -12.92 -26.86 34.50
N ALA C 37 -12.19 -27.23 35.56
CA ALA C 37 -11.20 -28.31 35.52
C ALA C 37 -11.75 -29.62 34.91
N ALA C 38 -13.05 -29.91 35.15
CA ALA C 38 -13.70 -31.13 34.65
C ALA C 38 -14.20 -31.07 33.19
N GLY C 39 -14.02 -29.92 32.53
CA GLY C 39 -14.42 -29.76 31.15
C GLY C 39 -15.50 -28.72 30.91
N GLY C 40 -15.96 -28.09 32.00
CA GLY C 40 -17.05 -27.14 31.97
C GLY C 40 -16.63 -25.75 31.49
N ASP C 41 -17.62 -24.93 31.13
CA ASP C 41 -17.42 -23.50 30.86
C ASP C 41 -18.58 -22.76 31.51
N SER C 42 -18.59 -21.43 31.37
CA SER C 42 -19.55 -20.59 32.07
C SER C 42 -20.99 -20.86 31.60
N LEU C 43 -21.16 -21.16 30.30
CA LEU C 43 -22.49 -21.38 29.74
C LEU C 43 -23.09 -22.72 30.21
N ARG C 44 -22.25 -23.77 30.25
CA ARG C 44 -22.62 -25.09 30.79
C ARG C 44 -22.96 -24.94 32.28
N ALA C 45 -22.29 -24.01 32.98
CA ALA C 45 -22.55 -23.74 34.38
C ALA C 45 -23.93 -23.17 34.58
N VAL C 46 -24.34 -22.24 33.71
CA VAL C 46 -25.67 -21.65 33.75
C VAL C 46 -26.72 -22.75 33.53
N HIS C 47 -26.44 -23.64 32.58
CA HIS C 47 -27.37 -24.71 32.21
C HIS C 47 -27.47 -25.74 33.36
N LEU C 48 -26.33 -26.10 33.96
CA LEU C 48 -26.26 -26.93 35.16
C LEU C 48 -27.22 -26.39 36.23
N LEU C 49 -27.07 -25.11 36.57
CA LEU C 49 -27.83 -24.50 37.66
C LEU C 49 -29.34 -24.38 37.34
N ALA C 50 -29.65 -24.13 36.05
CA ALA C 50 -31.03 -24.04 35.61
C ALA C 50 -31.72 -25.41 35.72
N THR C 51 -30.97 -26.47 35.44
CA THR C 51 -31.43 -27.84 35.57
C THR C 51 -31.72 -28.19 37.01
N LEU C 52 -30.77 -27.86 37.91
CA LEU C 52 -30.94 -28.02 39.34
C LEU C 52 -32.11 -27.22 39.90
N ARG C 53 -32.32 -26.02 39.38
CA ARG C 53 -33.44 -25.14 39.80
C ARG C 53 -34.76 -25.81 39.40
N GLN C 54 -34.83 -26.38 38.19
CA GLN C 54 -36.04 -27.03 37.70
C GLN C 54 -36.37 -28.27 38.56
N ARG C 55 -35.37 -29.13 38.79
CA ARG C 55 -35.53 -30.43 39.48
C ARG C 55 -35.66 -30.24 41.00
N LEU C 56 -35.01 -29.23 41.61
CA LEU C 56 -35.05 -29.06 43.06
C LEU C 56 -35.75 -27.85 43.62
N SER C 57 -36.18 -26.93 42.73
CA SER C 57 -36.77 -25.66 43.12
C SER C 57 -35.85 -24.86 44.03
N ARG C 58 -34.54 -24.93 43.74
CA ARG C 58 -33.45 -24.22 44.49
C ARG C 58 -32.56 -23.46 43.51
N ARG C 59 -32.49 -22.13 43.63
CA ARG C 59 -31.69 -21.25 42.74
C ARG C 59 -30.32 -20.99 43.38
N VAL C 60 -29.27 -21.62 42.85
CA VAL C 60 -27.88 -21.27 43.21
C VAL C 60 -27.42 -20.17 42.24
N PRO C 61 -27.02 -18.98 42.72
CA PRO C 61 -26.51 -17.92 41.84
C PRO C 61 -25.25 -18.39 41.07
N LEU C 62 -25.13 -17.99 39.81
CA LEU C 62 -23.98 -18.39 39.00
C LEU C 62 -22.62 -17.91 39.60
N GLN C 63 -22.61 -16.67 40.12
CA GLN C 63 -21.36 -16.08 40.69
C GLN C 63 -20.82 -16.96 41.82
N ALA C 64 -21.73 -17.33 42.74
CA ALA C 64 -21.44 -18.21 43.89
C ALA C 64 -20.82 -19.52 43.49
N PHE C 65 -21.40 -20.18 42.48
CA PHE C 65 -20.91 -21.46 42.02
C PHE C 65 -19.65 -21.33 41.16
N ALA C 66 -19.78 -20.68 40.00
CA ALA C 66 -18.69 -20.66 39.01
C ALA C 66 -17.52 -19.70 39.38
N GLY C 67 -17.80 -18.75 40.27
CA GLY C 67 -16.81 -17.83 40.82
C GLY C 67 -16.29 -18.21 42.20
N GLY C 68 -16.51 -19.48 42.58
CA GLY C 68 -15.90 -20.11 43.73
C GLY C 68 -15.10 -21.28 43.17
N PRO C 69 -14.68 -22.24 44.01
CA PRO C 69 -13.96 -23.41 43.52
C PRO C 69 -14.79 -24.25 42.53
N ALA C 70 -16.12 -24.24 42.67
CA ALA C 70 -17.02 -24.91 41.72
C ALA C 70 -16.82 -26.44 41.68
N THR C 71 -16.44 -26.98 42.84
CA THR C 71 -16.34 -28.41 43.06
C THR C 71 -17.73 -28.99 43.33
N PRO C 72 -17.92 -30.32 43.19
CA PRO C 72 -19.17 -30.96 43.60
C PRO C 72 -19.50 -30.62 45.05
N GLU C 73 -18.49 -30.59 45.93
CA GLU C 73 -18.64 -30.21 47.35
C GLU C 73 -19.16 -28.79 47.55
N ALA C 74 -18.57 -27.83 46.81
CA ALA C 74 -18.98 -26.42 46.92
C ALA C 74 -20.44 -26.26 46.46
N LEU C 75 -20.80 -26.95 45.36
CA LEU C 75 -22.15 -26.87 44.80
C LEU C 75 -23.18 -27.52 45.75
N LEU C 76 -22.80 -28.69 46.30
CA LEU C 76 -23.62 -29.39 47.29
C LEU C 76 -23.97 -28.43 48.42
N GLU C 77 -22.95 -27.74 48.95
CA GLU C 77 -23.12 -26.81 50.04
C GLU C 77 -24.01 -25.62 49.69
N LEU C 78 -23.82 -25.10 48.48
CA LEU C 78 -24.63 -23.99 47.98
C LEU C 78 -26.10 -24.42 47.83
N LEU C 79 -26.32 -25.63 47.30
CA LEU C 79 -27.67 -26.21 47.18
C LEU C 79 -28.36 -26.30 48.57
N ARG C 80 -27.67 -26.84 49.58
CA ARG C 80 -28.17 -26.95 50.98
C ARG C 80 -28.51 -25.56 51.51
N GLN C 81 -27.65 -24.57 51.25
CA GLN C 81 -27.87 -23.20 51.74
C GLN C 81 -29.07 -22.51 51.08
N ALA C 82 -29.52 -22.99 49.91
CA ALA C 82 -30.49 -22.25 49.10
C ALA C 82 -31.94 -22.32 49.59
N ALA C 83 -32.57 -21.15 49.68
CA ALA C 83 -33.94 -21.05 50.16
C ALA C 83 -34.90 -21.62 49.12
N PRO C 84 -36.07 -22.16 49.54
CA PRO C 84 -37.14 -22.51 48.60
C PRO C 84 -37.51 -21.37 47.63
N GLU C 85 -37.71 -21.70 46.36
CA GLU C 85 -38.36 -20.83 45.39
C GLU C 85 -39.83 -21.26 45.25
N ALA C 96 -49.80 -8.88 23.00
CA ALA C 96 -48.72 -9.43 22.16
C ALA C 96 -47.76 -8.35 21.70
N GLY C 97 -46.50 -8.46 22.12
CA GLY C 97 -45.49 -7.42 21.91
C GLY C 97 -44.14 -8.00 21.49
N LEU C 98 -43.24 -7.09 21.07
CA LEU C 98 -41.83 -7.40 20.85
C LEU C 98 -41.04 -7.23 22.13
N SER C 99 -40.08 -8.13 22.35
CA SER C 99 -39.08 -8.00 23.42
C SER C 99 -38.17 -6.83 23.09
N LEU C 100 -37.39 -6.42 24.10
CA LEU C 100 -36.43 -5.34 23.86
C LEU C 100 -35.32 -5.80 22.90
N ALA C 101 -34.92 -7.07 22.97
CA ALA C 101 -33.94 -7.65 22.05
C ALA C 101 -34.43 -7.57 20.60
N GLU C 102 -35.70 -7.92 20.38
CA GLU C 102 -36.35 -7.77 19.08
C GLU C 102 -36.49 -6.31 18.67
N ARG C 103 -36.98 -5.49 19.59
CA ARG C 103 -37.34 -4.08 19.34
C ARG C 103 -36.08 -3.27 18.98
N ARG C 104 -34.93 -3.52 19.62
CA ARG C 104 -33.73 -2.68 19.37
C ARG C 104 -33.27 -2.88 17.92
N LEU C 105 -33.39 -4.10 17.37
CA LEU C 105 -33.08 -4.32 15.98
C LEU C 105 -34.15 -3.73 15.04
N TRP C 106 -35.42 -3.91 15.41
CA TRP C 106 -36.51 -3.37 14.60
C TRP C 106 -36.40 -1.83 14.53
N VAL C 107 -36.14 -1.19 15.68
CA VAL C 107 -36.02 0.28 15.76
C VAL C 107 -34.85 0.79 14.94
N ALA C 108 -33.68 0.16 15.13
CA ALA C 108 -32.49 0.49 14.36
C ALA C 108 -32.76 0.46 12.85
N GLN C 109 -33.55 -0.53 12.40
CA GLN C 109 -33.89 -0.66 10.98
C GLN C 109 -34.76 0.51 10.51
N GLN C 110 -35.73 0.91 11.35
CA GLN C 110 -36.60 2.05 11.03
C GLN C 110 -35.83 3.38 10.87
N LEU C 111 -34.80 3.59 11.69
CA LEU C 111 -33.97 4.78 11.61
C LEU C 111 -33.10 4.85 10.38
N ALA C 112 -32.85 3.71 9.73
CA ALA C 112 -32.08 3.63 8.48
C ALA C 112 -32.70 2.59 7.55
N PRO C 113 -33.86 2.86 6.94
CA PRO C 113 -34.63 1.86 6.21
C PRO C 113 -33.88 1.19 5.04
N GLU C 114 -32.92 1.89 4.44
CA GLU C 114 -32.14 1.37 3.30
C GLU C 114 -30.89 0.63 3.73
N ASP C 115 -30.55 0.71 5.01
CA ASP C 115 -29.40 -0.02 5.55
C ASP C 115 -29.78 -1.51 5.64
N THR C 116 -29.02 -2.36 4.96
CA THR C 116 -29.26 -3.80 4.90
C THR C 116 -28.32 -4.61 5.80
N SER C 117 -27.70 -3.95 6.77
CA SER C 117 -26.77 -4.61 7.68
C SER C 117 -27.41 -5.42 8.82
N TYR C 118 -28.75 -5.50 8.83
CA TYR C 118 -29.53 -6.38 9.73
C TYR C 118 -30.10 -7.57 8.95
N ASN C 119 -29.71 -7.75 7.68
CA ASN C 119 -30.08 -8.93 6.92
C ASN C 119 -29.12 -10.05 7.23
N LEU C 120 -29.60 -11.11 7.87
CA LEU C 120 -28.77 -12.28 8.10
C LEU C 120 -28.97 -13.25 6.96
N LEU C 121 -27.87 -13.87 6.52
CA LEU C 121 -27.86 -14.85 5.45
C LEU C 121 -27.22 -16.10 5.98
N ALA C 122 -27.96 -17.21 5.96
CA ALA C 122 -27.46 -18.50 6.35
C ALA C 122 -27.55 -19.45 5.17
N HIS C 123 -26.47 -20.19 4.98
CA HIS C 123 -26.35 -21.18 3.92
C HIS C 123 -26.33 -22.53 4.61
N LEU C 124 -27.35 -23.34 4.31
CA LEU C 124 -27.44 -24.71 4.77
C LEU C 124 -27.12 -25.61 3.62
N ARG C 125 -26.16 -26.50 3.82
CA ARG C 125 -25.75 -27.55 2.84
C ARG C 125 -26.33 -28.88 3.31
N ILE C 126 -27.09 -29.53 2.45
CA ILE C 126 -27.85 -30.69 2.82
C ILE C 126 -27.48 -31.84 1.87
N VAL C 127 -27.14 -33.00 2.43
CA VAL C 127 -26.82 -34.18 1.63
C VAL C 127 -27.69 -35.34 2.09
N GLY C 128 -28.47 -35.90 1.15
CA GLY C 128 -29.22 -37.13 1.37
C GLY C 128 -30.73 -37.02 1.42
N ALA C 129 -31.29 -35.85 1.08
CA ALA C 129 -32.74 -35.67 1.12
C ALA C 129 -33.23 -35.21 -0.24
N THR C 130 -34.49 -35.52 -0.56
CA THR C 130 -35.06 -35.03 -1.82
C THR C 130 -35.53 -33.59 -1.64
N ALA C 131 -35.77 -32.91 -2.75
CA ALA C 131 -36.25 -31.54 -2.78
C ALA C 131 -37.61 -31.41 -2.15
N ASP C 132 -38.50 -32.36 -2.45
CA ASP C 132 -39.84 -32.39 -1.87
C ASP C 132 -39.80 -32.52 -0.35
N ALA C 133 -38.95 -33.41 0.14
CA ALA C 133 -38.77 -33.61 1.58
C ALA C 133 -38.28 -32.31 2.25
N ILE C 134 -37.30 -31.65 1.62
CA ILE C 134 -36.72 -30.42 2.15
C ILE C 134 -37.79 -29.35 2.23
N GLU C 135 -38.52 -29.18 1.14
CA GLU C 135 -39.58 -28.17 1.09
C GLU C 135 -40.66 -28.40 2.14
N GLN C 136 -41.07 -29.66 2.30
CA GLN C 136 -42.08 -30.00 3.29
C GLN C 136 -41.56 -29.76 4.71
N ALA C 137 -40.31 -30.16 4.97
CA ALA C 137 -39.70 -29.92 6.28
C ALA C 137 -39.60 -28.40 6.58
N LEU C 138 -39.24 -27.60 5.57
CA LEU C 138 -39.17 -26.15 5.72
C LEU C 138 -40.51 -25.55 6.09
N ARG C 139 -41.57 -26.02 5.44
CA ARG C 139 -42.95 -25.53 5.74
C ARG C 139 -43.28 -25.89 7.19
N GLN C 140 -42.93 -27.09 7.64
CA GLN C 140 -43.17 -27.47 9.04
C GLN C 140 -42.40 -26.57 10.01
N LEU C 141 -41.12 -26.33 9.73
CA LEU C 141 -40.31 -25.45 10.57
C LEU C 141 -40.84 -24.04 10.61
N LEU C 142 -41.34 -23.55 9.46
CA LEU C 142 -41.97 -22.23 9.43
C LEU C 142 -43.22 -22.19 10.29
N GLU C 143 -44.04 -23.23 10.20
CA GLU C 143 -45.25 -23.36 11.03
C GLU C 143 -44.87 -23.34 12.50
N ARG C 144 -43.84 -24.11 12.84
CA ARG C 144 -43.38 -24.30 14.25
C ARG C 144 -42.78 -23.01 14.83
N HIS C 145 -42.03 -22.24 14.04
CA HIS C 145 -41.29 -21.09 14.57
C HIS C 145 -41.86 -19.78 14.06
N VAL C 146 -42.78 -19.22 14.84
CA VAL C 146 -43.59 -18.09 14.42
C VAL C 146 -42.76 -16.84 14.13
N ALA C 147 -41.56 -16.74 14.72
CA ALA C 147 -40.72 -15.56 14.51
C ALA C 147 -40.40 -15.38 13.03
N LEU C 148 -40.34 -16.48 12.29
CA LEU C 148 -40.01 -16.46 10.88
C LEU C 148 -41.13 -16.02 9.95
N ARG C 149 -42.33 -15.76 10.50
CA ARG C 149 -43.56 -15.49 9.71
C ARG C 149 -44.49 -14.53 10.46
N ARG C 150 -43.95 -13.40 10.93
CA ARG C 150 -44.78 -12.32 11.51
C ARG C 150 -44.51 -11.03 10.73
N ARG C 151 -45.50 -10.16 10.69
CA ARG C 151 -45.31 -8.75 10.27
C ARG C 151 -45.35 -7.93 11.56
N VAL C 152 -44.82 -6.71 11.49
CA VAL C 152 -44.85 -5.80 12.60
C VAL C 152 -45.61 -4.55 12.19
N GLU C 153 -46.76 -4.35 12.83
CA GLU C 153 -47.68 -3.22 12.59
C GLU C 153 -47.31 -2.12 13.58
N THR C 154 -47.41 -0.86 13.15
CA THR C 154 -46.80 0.25 13.91
C THR C 154 -47.82 0.98 14.77
N PRO C 159 -45.15 -0.87 18.21
CA PRO C 159 -44.88 -1.96 17.25
C PRO C 159 -45.44 -3.28 17.76
N GLN C 160 -46.34 -3.90 16.99
CA GLN C 160 -47.07 -5.10 17.43
C GLN C 160 -46.89 -6.19 16.40
N PRO C 161 -46.34 -7.37 16.77
CA PRO C 161 -46.16 -8.46 15.81
C PRO C 161 -47.47 -9.22 15.56
N HIS C 162 -47.70 -9.66 14.33
CA HIS C 162 -48.89 -10.40 13.94
C HIS C 162 -48.47 -11.52 13.02
N ALA C 163 -48.95 -12.72 13.35
CA ALA C 163 -48.57 -13.92 12.66
C ALA C 163 -49.11 -13.91 11.23
N LEU C 164 -48.31 -14.42 10.29
CA LEU C 164 -48.71 -14.68 8.93
C LEU C 164 -48.70 -16.18 8.73
N ALA C 165 -49.26 -16.64 7.60
CA ALA C 165 -49.30 -18.07 7.32
C ALA C 165 -47.94 -18.55 6.86
N ALA C 166 -47.60 -19.78 7.24
CA ALA C 166 -46.36 -20.42 6.81
C ALA C 166 -46.25 -20.47 5.29
N HIS C 167 -47.39 -20.68 4.61
CA HIS C 167 -47.38 -20.84 3.14
C HIS C 167 -47.08 -19.51 2.46
N ALA C 168 -47.28 -18.39 3.16
CA ALA C 168 -46.97 -17.07 2.64
C ALA C 168 -45.48 -16.70 2.61
N VAL C 169 -44.61 -17.53 3.19
CA VAL C 169 -43.19 -17.21 3.29
C VAL C 169 -42.54 -17.60 1.98
N PRO C 170 -41.93 -16.68 1.22
CA PRO C 170 -41.33 -16.98 -0.07
C PRO C 170 -40.31 -18.13 0.00
N LEU C 171 -40.47 -19.09 -0.91
CA LEU C 171 -39.63 -20.27 -1.00
C LEU C 171 -39.47 -20.57 -2.46
N GLN C 172 -38.37 -20.12 -3.06
CA GLN C 172 -38.07 -20.35 -4.44
C GLN C 172 -37.20 -21.60 -4.55
N ARG C 173 -37.62 -22.52 -5.42
CA ARG C 173 -36.88 -23.77 -5.72
C ARG C 173 -36.32 -23.71 -7.13
N LEU C 174 -35.02 -23.98 -7.29
CA LEU C 174 -34.37 -23.97 -8.59
C LEU C 174 -33.57 -25.24 -8.76
N LEU C 175 -33.50 -25.71 -10.01
CA LEU C 175 -32.72 -26.88 -10.37
C LEU C 175 -31.44 -26.42 -11.05
N ALA C 176 -30.30 -26.87 -10.52
CA ALA C 176 -29.00 -26.60 -11.14
C ALA C 176 -28.60 -27.83 -11.94
N SER C 177 -27.95 -27.61 -13.08
CA SER C 177 -27.57 -28.70 -13.97
C SER C 177 -26.35 -29.46 -13.45
N ASP C 178 -25.55 -28.84 -12.58
CA ASP C 178 -24.36 -29.46 -11.99
C ASP C 178 -23.86 -28.63 -10.78
N ALA C 179 -22.79 -29.10 -10.13
CA ALA C 179 -22.32 -28.52 -8.88
C ALA C 179 -21.88 -27.06 -9.03
N VAL C 180 -21.23 -26.75 -10.15
CA VAL C 180 -20.74 -25.41 -10.41
C VAL C 180 -21.91 -24.45 -10.67
N HIS C 181 -22.90 -24.91 -11.45
CA HIS C 181 -24.11 -24.14 -11.67
C HIS C 181 -24.79 -23.81 -10.34
N ALA C 182 -24.85 -24.79 -9.44
CA ALA C 182 -25.45 -24.61 -8.10
C ALA C 182 -24.70 -23.52 -7.34
N GLU C 183 -23.37 -23.55 -7.38
CA GLU C 183 -22.55 -22.51 -6.74
C GLU C 183 -22.89 -21.12 -7.27
N ARG C 184 -23.04 -21.01 -8.59
CA ARG C 184 -23.33 -19.71 -9.26
C ARG C 184 -24.73 -19.23 -8.84
N LEU C 185 -25.71 -20.14 -8.79
CA LEU C 185 -27.04 -19.79 -8.34
C LEU C 185 -27.01 -19.27 -6.90
N LEU C 186 -26.25 -19.94 -6.04
CA LEU C 186 -26.09 -19.52 -4.65
C LEU C 186 -25.43 -18.14 -4.51
N GLU C 187 -24.34 -17.92 -5.26
CA GLU C 187 -23.64 -16.65 -5.25
C GLU C 187 -24.55 -15.51 -5.70
N ASP C 188 -25.35 -15.77 -6.72
CA ASP C 188 -26.34 -14.84 -7.20
C ASP C 188 -27.36 -14.51 -6.11
N GLY C 189 -27.81 -15.55 -5.40
CA GLY C 189 -28.72 -15.39 -4.28
C GLY C 189 -28.14 -14.54 -3.18
N VAL C 190 -26.87 -14.81 -2.86
CA VAL C 190 -26.21 -14.08 -1.79
C VAL C 190 -26.19 -12.60 -2.10
N ARG C 191 -25.85 -12.28 -3.34
CA ARG C 191 -25.78 -10.86 -3.78
C ARG C 191 -27.17 -10.23 -3.72
N ARG C 192 -28.18 -10.91 -4.26
CA ARG C 192 -29.58 -10.42 -4.27
C ARG C 192 -30.10 -10.26 -2.83
N GLU C 193 -29.93 -11.27 -1.97
CA GLU C 193 -30.53 -11.22 -0.63
C GLU C 193 -29.80 -10.25 0.28
N GLY C 194 -28.48 -10.10 0.07
CA GLY C 194 -27.69 -9.12 0.77
C GLY C 194 -28.15 -7.69 0.51
N ALA C 195 -28.66 -7.43 -0.70
CA ALA C 195 -29.10 -6.09 -1.09
C ALA C 195 -30.59 -5.82 -0.83
N ARG C 196 -31.34 -6.86 -0.49
CA ARG C 196 -32.82 -6.77 -0.40
C ARG C 196 -33.24 -6.00 0.86
N VAL C 197 -34.16 -5.05 0.72
CA VAL C 197 -34.76 -4.38 1.84
C VAL C 197 -36.01 -5.14 2.22
N PHE C 198 -36.04 -5.70 3.43
CA PHE C 198 -37.23 -6.37 3.94
C PHE C 198 -38.32 -5.36 4.25
N ASP C 199 -39.54 -5.64 3.82
CA ASP C 199 -40.72 -4.86 4.22
C ASP C 199 -41.33 -5.55 5.45
N LEU C 200 -40.86 -5.14 6.62
CA LEU C 200 -41.19 -5.79 7.88
C LEU C 200 -42.65 -5.62 8.35
N ALA C 201 -43.29 -4.56 7.85
CA ALA C 201 -44.69 -4.23 8.17
C ALA C 201 -45.71 -5.09 7.42
N HIS C 202 -45.34 -5.62 6.25
CA HIS C 202 -46.29 -6.38 5.42
C HIS C 202 -45.93 -7.81 5.08
N GLU C 203 -44.65 -8.17 5.22
CA GLU C 203 -44.20 -9.49 4.83
C GLU C 203 -43.42 -10.19 5.92
N ALA C 204 -43.31 -11.51 5.77
CA ALA C 204 -42.53 -12.31 6.68
C ALA C 204 -41.10 -11.81 6.65
N PRO C 205 -40.36 -11.87 7.78
CA PRO C 205 -38.97 -11.42 7.82
C PRO C 205 -37.96 -12.47 7.31
N ALA C 206 -38.45 -13.55 6.68
CA ALA C 206 -37.64 -14.58 6.10
C ALA C 206 -37.99 -14.89 4.65
N ARG C 207 -36.96 -15.29 3.91
CA ARG C 207 -37.07 -15.75 2.51
C ARG C 207 -36.14 -16.95 2.34
N LEU C 208 -36.57 -17.90 1.52
CA LEU C 208 -35.85 -19.14 1.31
C LEU C 208 -35.58 -19.35 -0.16
N LEU C 209 -34.33 -19.68 -0.48
CA LEU C 209 -33.92 -20.16 -1.77
C LEU C 209 -33.39 -21.58 -1.61
N LEU C 210 -34.00 -22.53 -2.32
CA LEU C 210 -33.58 -23.91 -2.35
C LEU C 210 -33.05 -24.29 -3.73
N VAL C 211 -31.77 -24.64 -3.79
CA VAL C 211 -31.13 -25.06 -5.02
C VAL C 211 -30.76 -26.53 -4.91
N VAL C 212 -31.34 -27.32 -5.82
CA VAL C 212 -31.12 -28.75 -5.92
C VAL C 212 -30.25 -28.99 -7.16
N THR C 213 -29.31 -29.90 -7.06
CA THR C 213 -28.41 -30.24 -8.15
C THR C 213 -28.85 -31.57 -8.76
N ARG C 214 -29.19 -31.53 -10.04
CA ARG C 214 -29.54 -32.71 -10.89
C ARG C 214 -28.50 -33.82 -10.66
N ASP C 215 -28.97 -35.05 -10.41
CA ASP C 215 -28.12 -36.25 -10.31
C ASP C 215 -27.10 -36.16 -9.18
N SER C 216 -27.52 -35.62 -8.05
CA SER C 216 -26.69 -35.44 -6.87
C SER C 216 -27.59 -35.49 -5.68
N ALA C 217 -27.04 -35.91 -4.54
CA ALA C 217 -27.77 -35.93 -3.28
C ALA C 217 -27.67 -34.59 -2.54
N ARG C 218 -26.91 -33.63 -3.10
CA ARG C 218 -26.63 -32.33 -2.44
C ARG C 218 -27.74 -31.32 -2.76
N ALA C 219 -28.26 -30.65 -1.73
CA ALA C 219 -29.09 -29.47 -1.88
C ALA C 219 -28.45 -28.33 -1.09
N ASP C 220 -28.77 -27.11 -1.49
CA ASP C 220 -28.32 -25.90 -0.83
C ASP C 220 -29.51 -25.01 -0.53
N LEU C 221 -29.56 -24.51 0.70
CA LEU C 221 -30.59 -23.62 1.16
C LEU C 221 -29.96 -22.31 1.59
N LEU C 222 -30.42 -21.20 1.02
CA LEU C 222 -30.08 -19.87 1.48
C LEU C 222 -31.30 -19.32 2.20
N LEU C 223 -31.15 -19.17 3.52
CA LEU C 223 -32.13 -18.54 4.36
C LEU C 223 -31.69 -17.10 4.51
N SER C 224 -32.54 -16.18 4.09
CA SER C 224 -32.36 -14.76 4.29
C SER C 224 -33.38 -14.35 5.34
N VAL C 225 -32.91 -13.73 6.43
CA VAL C 225 -33.78 -13.42 7.56
C VAL C 225 -33.32 -12.17 8.28
N HIS C 226 -34.27 -11.27 8.56
CA HIS C 226 -33.99 -10.06 9.27
C HIS C 226 -33.59 -10.41 10.71
N HIS C 227 -32.60 -9.67 11.22
CA HIS C 227 -32.01 -9.92 12.52
C HIS C 227 -33.00 -9.81 13.70
N TYR C 228 -34.05 -8.99 13.57
CA TYR C 228 -35.08 -8.82 14.63
C TYR C 228 -35.79 -10.16 14.85
N ALA C 229 -35.73 -11.07 13.87
CA ALA C 229 -36.40 -12.36 13.92
C ALA C 229 -35.50 -13.59 14.04
N PHE C 230 -34.21 -13.39 14.32
CA PHE C 230 -33.28 -14.51 14.26
C PHE C 230 -32.02 -14.15 15.04
N ASP C 231 -31.20 -15.16 15.33
CA ASP C 231 -29.91 -14.94 15.94
C ASP C 231 -29.09 -16.20 15.78
N ASP C 232 -27.89 -16.19 16.36
CA ASP C 232 -26.95 -17.27 16.19
C ASP C 232 -27.43 -18.64 16.69
N VAL C 233 -27.94 -18.70 17.92
CA VAL C 233 -28.47 -19.94 18.45
C VAL C 233 -29.66 -20.43 17.61
N SER C 234 -30.44 -19.48 17.05
CA SER C 234 -31.60 -19.82 16.24
C SER C 234 -31.20 -20.66 15.04
N LEU C 235 -30.04 -20.34 14.45
CA LEU C 235 -29.54 -21.12 13.35
C LEU C 235 -29.24 -22.54 13.75
N ALA C 236 -28.59 -22.71 14.92
CA ALA C 236 -28.26 -24.06 15.40
C ALA C 236 -29.56 -24.87 15.63
N VAL C 237 -30.56 -24.21 16.23
CA VAL C 237 -31.85 -24.85 16.45
C VAL C 237 -32.50 -25.25 15.12
N PHE C 238 -32.56 -24.27 14.19
CA PHE C 238 -33.18 -24.49 12.91
C PHE C 238 -32.55 -25.66 12.13
N ALA C 239 -31.21 -25.67 12.07
CA ALA C 239 -30.48 -26.71 11.35
C ALA C 239 -30.63 -28.10 11.99
N ALA C 240 -30.62 -28.17 13.33
CA ALA C 240 -30.74 -29.44 14.04
C ALA C 240 -32.14 -30.02 13.78
N GLU C 241 -33.16 -29.16 13.87
CA GLU C 241 -34.54 -29.58 13.65
C GLU C 241 -34.82 -29.96 12.19
N LEU C 242 -34.18 -29.25 11.25
CA LEU C 242 -34.27 -29.60 9.85
C LEU C 242 -33.76 -31.02 9.63
N LYS C 243 -32.61 -31.34 10.22
CA LYS C 243 -32.02 -32.68 10.12
C LYS C 243 -32.94 -33.77 10.71
N THR C 244 -33.49 -33.50 11.89
CA THR C 244 -34.42 -34.40 12.53
C THR C 244 -35.59 -34.72 11.58
N LEU C 245 -36.22 -33.68 11.00
CA LEU C 245 -37.33 -33.87 10.08
C LEU C 245 -36.94 -34.63 8.84
N LEU C 246 -35.80 -34.29 8.23
CA LEU C 246 -35.35 -34.99 7.04
C LEU C 246 -34.99 -36.46 7.31
N ASP C 247 -34.57 -36.77 8.54
CA ASP C 247 -34.32 -38.15 8.94
C ASP C 247 -35.60 -38.96 9.23
N GLY C 248 -36.73 -38.27 9.39
CA GLY C 248 -38.01 -38.87 9.69
C GLY C 248 -38.35 -38.84 11.17
N GLY C 249 -37.53 -38.16 11.98
CA GLY C 249 -37.76 -38.03 13.40
C GLY C 249 -38.87 -37.04 13.71
N ARG C 250 -39.26 -36.97 14.98
CA ARG C 250 -40.35 -36.09 15.48
C ARG C 250 -39.76 -34.96 16.32
N LEU C 251 -40.45 -33.83 16.33
CA LEU C 251 -40.09 -32.70 17.16
C LEU C 251 -41.03 -32.60 18.36
N GLY C 252 -40.45 -32.36 19.53
CA GLY C 252 -41.20 -32.14 20.74
C GLY C 252 -41.94 -30.83 20.65
N VAL C 253 -42.97 -30.71 21.49
CA VAL C 253 -43.70 -29.47 21.69
C VAL C 253 -42.71 -28.40 22.19
N LEU C 254 -42.87 -27.17 21.71
CA LEU C 254 -42.06 -26.06 22.16
C LEU C 254 -42.53 -25.60 23.52
N ALA C 255 -41.58 -25.30 24.40
CA ALA C 255 -41.88 -24.87 25.75
C ALA C 255 -42.34 -23.41 25.85
N SER C 256 -42.13 -22.61 24.80
CA SER C 256 -42.46 -21.18 24.82
C SER C 256 -42.55 -20.59 23.41
N THR C 257 -42.73 -19.26 23.35
CA THR C 257 -42.81 -18.48 22.12
C THR C 257 -42.16 -17.12 22.33
N PRO C 258 -41.81 -16.39 21.25
CA PRO C 258 -41.28 -15.04 21.38
C PRO C 258 -42.22 -14.08 22.12
N GLU C 259 -43.54 -14.18 21.87
CA GLU C 259 -44.52 -13.32 22.54
C GLU C 259 -44.55 -13.54 24.05
N GLN C 260 -44.40 -14.80 24.48
CA GLN C 260 -44.37 -15.16 25.88
C GLN C 260 -43.09 -14.66 26.54
N VAL C 261 -41.96 -14.78 25.82
CA VAL C 261 -40.69 -14.21 26.29
C VAL C 261 -40.87 -12.73 26.52
N ALA C 262 -41.50 -12.05 25.56
CA ALA C 262 -41.75 -10.62 25.68
C ALA C 262 -42.64 -10.27 26.88
N ALA C 263 -43.68 -11.06 27.11
CA ALA C 263 -44.63 -10.87 28.24
C ALA C 263 -43.93 -11.01 29.58
N ARG C 264 -43.17 -12.08 29.74
CA ARG C 264 -42.31 -12.27 30.96
C ARG C 264 -41.43 -11.03 31.16
N GLU C 265 -40.88 -10.46 30.10
CA GLU C 265 -39.98 -9.33 30.24
C GLU C 265 -40.75 -8.09 30.67
N ARG C 266 -41.96 -7.92 30.12
CA ARG C 266 -42.86 -6.79 30.48
C ARG C 266 -43.14 -6.87 32.00
N ALA C 267 -43.36 -8.08 32.52
CA ALA C 267 -43.61 -8.27 33.94
C ALA C 267 -42.35 -7.98 34.75
N ALA C 268 -41.20 -8.51 34.33
CA ALA C 268 -39.97 -8.30 35.06
C ALA C 268 -39.58 -6.81 35.09
N LEU C 269 -39.88 -6.09 34.02
CA LEU C 269 -39.67 -4.63 33.97
C LEU C 269 -40.57 -3.89 34.97
N ALA C 270 -41.87 -4.21 34.94
CA ALA C 270 -42.86 -3.66 35.88
C ALA C 270 -42.46 -3.90 37.35
N SER C 271 -42.00 -5.13 37.65
CA SER C 271 -41.58 -5.51 38.99
C SER C 271 -40.38 -4.73 39.55
N GLY C 272 -39.61 -4.07 38.68
CA GLY C 272 -38.42 -3.33 39.08
C GLY C 272 -37.14 -4.14 39.28
N ARG C 273 -37.25 -5.48 39.25
CA ARG C 273 -36.11 -6.41 39.51
C ARG C 273 -34.97 -6.15 38.51
N LEU C 274 -35.29 -5.92 37.24
CA LEU C 274 -34.26 -5.67 36.22
C LEU C 274 -33.58 -4.32 36.43
N ASP C 275 -34.38 -3.29 36.67
CA ASP C 275 -33.88 -1.93 36.89
C ASP C 275 -32.96 -1.78 38.11
N ARG C 276 -33.23 -2.54 39.18
CA ARG C 276 -32.39 -2.53 40.40
C ARG C 276 -31.00 -3.11 40.08
N VAL C 277 -30.93 -4.16 39.24
CA VAL C 277 -29.62 -4.68 38.82
C VAL C 277 -28.89 -3.62 37.98
N ALA C 278 -29.61 -3.00 37.05
CA ALA C 278 -29.05 -1.98 36.20
C ALA C 278 -28.51 -0.78 37.01
N GLU C 279 -29.28 -0.36 38.01
CA GLU C 279 -28.90 0.77 38.87
C GLU C 279 -27.60 0.50 39.61
N ARG C 280 -27.44 -0.73 40.11
CA ARG C 280 -26.19 -1.22 40.77
C ARG C 280 -25.01 -1.13 39.77
N TRP C 281 -25.19 -1.57 38.53
CA TRP C 281 -24.14 -1.55 37.52
C TRP C 281 -23.75 -0.16 37.10
N ALA C 282 -24.76 0.74 37.06
CA ALA C 282 -24.56 2.13 36.66
C ALA C 282 -23.48 2.82 37.49
N GLU C 283 -23.42 2.48 38.79
CA GLU C 283 -22.42 3.00 39.72
C GLU C 283 -21.02 2.81 39.16
N ARG C 284 -20.63 1.55 38.90
CA ARG C 284 -19.29 1.17 38.40
C ARG C 284 -19.06 1.77 37.01
N LEU C 285 -20.13 1.91 36.21
CA LEU C 285 -20.00 2.32 34.80
C LEU C 285 -19.95 3.82 34.59
N LEU C 286 -20.44 4.58 35.58
CA LEU C 286 -20.65 6.02 35.42
C LEU C 286 -19.42 6.77 34.91
N PRO C 287 -18.22 6.56 35.47
CA PRO C 287 -17.03 7.27 35.01
C PRO C 287 -16.84 7.12 33.49
N LEU C 288 -17.08 5.90 32.98
CA LEU C 288 -16.87 5.59 31.57
C LEU C 288 -17.99 6.09 30.63
N ALA C 289 -19.09 6.64 31.18
CA ALA C 289 -20.28 6.92 30.38
C ALA C 289 -20.16 8.21 29.56
N GLY C 307 -16.16 -1.51 7.23
CA GLY C 307 -16.13 -2.94 7.63
C GLY C 307 -15.09 -3.93 7.10
N GLN C 308 -14.23 -4.47 7.98
CA GLN C 308 -13.16 -5.40 7.63
C GLN C 308 -13.09 -6.55 8.62
N ARG C 309 -13.02 -7.77 8.10
CA ARG C 309 -13.10 -9.03 8.89
C ARG C 309 -11.82 -9.83 8.70
N LEU C 310 -11.26 -10.36 9.78
CA LEU C 310 -10.08 -11.18 9.70
C LEU C 310 -10.20 -12.34 10.66
N ALA C 311 -10.00 -13.56 10.15
CA ALA C 311 -10.23 -14.78 10.89
C ALA C 311 -8.93 -15.54 10.96
N LEU C 312 -8.32 -15.57 12.16
CA LEU C 312 -7.00 -16.16 12.37
C LEU C 312 -7.10 -17.29 13.37
N PRO C 313 -6.43 -18.44 13.10
CA PRO C 313 -6.43 -19.55 14.04
C PRO C 313 -5.58 -19.12 15.25
N VAL C 314 -6.00 -19.50 16.45
CA VAL C 314 -5.26 -19.20 17.65
C VAL C 314 -4.18 -20.28 17.73
N SER C 315 -2.91 -19.87 17.89
CA SER C 315 -1.80 -20.80 17.97
C SER C 315 -2.03 -21.78 19.12
N ALA C 316 -1.52 -23.01 18.98
CA ALA C 316 -1.68 -24.05 19.99
C ALA C 316 -1.13 -23.62 21.35
N ALA C 317 0.01 -22.94 21.35
CA ALA C 317 0.67 -22.45 22.55
C ALA C 317 -0.17 -21.35 23.26
N VAL C 318 -0.83 -20.49 22.48
CA VAL C 318 -1.73 -19.46 23.03
C VAL C 318 -2.98 -20.11 23.63
N HIS C 319 -3.52 -21.12 22.95
CA HIS C 319 -4.68 -21.89 23.44
C HIS C 319 -4.36 -22.50 24.79
N ALA C 320 -3.22 -23.18 24.87
CA ALA C 320 -2.75 -23.82 26.10
C ALA C 320 -2.49 -22.80 27.21
N ALA C 321 -1.80 -21.70 26.87
CA ALA C 321 -1.55 -20.63 27.81
C ALA C 321 -2.85 -20.11 28.42
N CYS C 322 -3.83 -19.88 27.56
CA CYS C 322 -5.13 -19.36 27.97
C CYS C 322 -5.81 -20.28 28.97
N ARG C 323 -5.77 -21.59 28.69
CA ARG C 323 -6.41 -22.66 29.52
C ARG C 323 -5.66 -22.80 30.85
N ALA C 324 -4.32 -22.76 30.81
CA ALA C 324 -3.50 -22.84 32.01
C ALA C 324 -3.81 -21.67 32.98
N LEU C 325 -3.73 -20.45 32.45
CA LEU C 325 -4.10 -19.22 33.17
C LEU C 325 -5.48 -19.31 33.79
N ALA C 326 -6.44 -19.86 33.04
CA ALA C 326 -7.82 -19.99 33.49
C ALA C 326 -7.92 -20.92 34.68
N GLU C 327 -7.28 -22.09 34.59
CA GLU C 327 -7.35 -23.09 35.64
C GLU C 327 -6.66 -22.60 36.91
N ARG C 328 -5.52 -21.92 36.76
CA ARG C 328 -4.75 -21.33 37.88
C ARG C 328 -5.58 -20.29 38.64
N THR C 329 -6.53 -19.63 37.98
CA THR C 329 -7.31 -18.56 38.61
C THR C 329 -8.78 -18.89 38.81
N SER C 330 -9.16 -20.14 38.49
CA SER C 330 -10.55 -20.60 38.54
C SER C 330 -11.56 -19.73 37.78
N VAL C 331 -11.15 -19.23 36.61
CA VAL C 331 -12.06 -18.54 35.69
C VAL C 331 -12.13 -19.31 34.37
N SER C 332 -13.09 -18.94 33.52
CA SER C 332 -13.27 -19.57 32.21
C SER C 332 -12.12 -19.17 31.28
N PRO C 333 -11.70 -20.05 30.36
CA PRO C 333 -10.77 -19.66 29.30
C PRO C 333 -11.19 -18.37 28.58
N PHE C 334 -12.49 -18.19 28.33
CA PHE C 334 -12.96 -16.97 27.69
C PHE C 334 -12.59 -15.70 28.50
N SER C 335 -12.69 -15.79 29.83
CA SER C 335 -12.34 -14.72 30.74
C SER C 335 -10.89 -14.24 30.52
N ALA C 336 -9.98 -15.20 30.36
CA ALA C 336 -8.59 -14.93 30.08
C ALA C 336 -8.42 -14.27 28.72
N ALA C 337 -9.15 -14.79 27.71
CA ALA C 337 -9.08 -14.24 26.37
C ALA C 337 -9.59 -12.82 26.36
N LEU C 338 -10.67 -12.57 27.11
CA LEU C 338 -11.27 -11.25 27.18
C LEU C 338 -10.32 -10.25 27.87
N GLN C 339 -9.71 -10.69 28.97
CA GLN C 339 -8.72 -9.87 29.67
C GLN C 339 -7.64 -9.37 28.74
N ALA C 340 -7.03 -10.31 28.00
CA ALA C 340 -5.95 -9.97 27.10
C ALA C 340 -6.42 -9.02 26.01
N PHE C 341 -7.66 -9.21 25.53
CA PHE C 341 -8.23 -8.35 24.50
C PHE C 341 -8.32 -6.92 25.04
N ALA C 342 -8.91 -6.78 26.22
CA ALA C 342 -9.07 -5.49 26.86
C ALA C 342 -7.73 -4.81 27.15
N GLU C 343 -6.72 -5.61 27.55
CA GLU C 343 -5.41 -5.08 27.92
C GLU C 343 -4.71 -4.54 26.71
N VAL C 344 -4.74 -5.32 25.63
CA VAL C 344 -4.14 -4.93 24.37
C VAL C 344 -4.81 -3.68 23.81
N LEU C 345 -6.15 -3.67 23.76
CA LEU C 345 -6.85 -2.51 23.24
C LEU C 345 -6.66 -1.28 24.12
N GLY C 346 -6.60 -1.48 25.43
CA GLY C 346 -6.37 -0.40 26.37
C GLY C 346 -5.04 0.29 26.16
N ALA C 347 -3.99 -0.53 25.98
CA ALA C 347 -2.64 -0.04 25.69
C ALA C 347 -2.61 0.66 24.33
N GLU C 348 -3.27 0.07 23.33
CA GLU C 348 -3.29 0.65 21.99
C GLU C 348 -3.91 2.03 21.99
N LEU C 349 -5.04 2.18 22.70
CA LEU C 349 -5.78 3.44 22.77
C LEU C 349 -5.23 4.40 23.84
N GLY C 350 -4.37 3.89 24.73
CA GLY C 350 -3.76 4.70 25.76
C GLY C 350 -4.70 5.13 26.89
N VAL C 351 -5.58 4.22 27.33
CA VAL C 351 -6.52 4.47 28.42
C VAL C 351 -6.32 3.51 29.59
N ASP C 352 -6.70 3.99 30.77
CA ASP C 352 -6.58 3.30 32.06
C ASP C 352 -7.78 2.39 32.35
N ASP C 353 -8.93 2.72 31.73
CA ASP C 353 -10.18 1.98 31.87
C ASP C 353 -10.83 1.85 30.51
N LEU C 354 -11.38 0.67 30.24
CA LEU C 354 -11.93 0.33 28.94
C LEU C 354 -13.33 -0.29 29.09
N LEU C 355 -14.28 0.23 28.32
CA LEU C 355 -15.64 -0.29 28.21
C LEU C 355 -15.64 -1.36 27.12
N VAL C 356 -15.93 -2.60 27.50
CA VAL C 356 -16.00 -3.74 26.60
C VAL C 356 -17.39 -4.38 26.65
N GLY C 357 -18.07 -4.40 25.49
CA GLY C 357 -19.33 -5.09 25.33
C GLY C 357 -19.13 -6.57 25.35
N VAL C 358 -20.05 -7.28 25.99
CA VAL C 358 -20.06 -8.73 25.99
C VAL C 358 -21.37 -9.20 25.37
N ALA C 359 -21.26 -10.01 24.32
CA ALA C 359 -22.39 -10.51 23.59
C ALA C 359 -22.92 -11.72 24.32
N LEU C 360 -24.21 -11.69 24.65
CA LEU C 360 -24.84 -12.74 25.42
C LEU C 360 -26.01 -13.29 24.63
N ALA C 361 -26.18 -14.61 24.69
CA ALA C 361 -27.23 -15.31 23.97
C ALA C 361 -28.62 -14.92 24.49
N GLY C 362 -28.70 -14.56 25.77
CA GLY C 362 -29.90 -14.00 26.39
C GLY C 362 -31.03 -15.00 26.54
N ARG C 363 -30.67 -16.27 26.64
CA ARG C 363 -31.63 -17.39 26.83
C ARG C 363 -31.44 -17.90 28.26
N SER C 364 -32.05 -17.19 29.22
CA SER C 364 -31.81 -17.37 30.65
C SER C 364 -32.56 -18.57 31.26
N ARG C 365 -33.59 -19.06 30.57
CA ARG C 365 -34.48 -20.15 31.04
C ARG C 365 -34.37 -21.34 30.08
N LEU C 366 -34.55 -22.54 30.62
CA LEU C 366 -34.55 -23.75 29.84
C LEU C 366 -35.57 -23.67 28.69
N GLU C 367 -36.73 -23.07 28.95
CA GLU C 367 -37.80 -22.88 27.97
C GLU C 367 -37.42 -22.02 26.74
N MET C 368 -36.31 -21.27 26.84
CA MET C 368 -35.83 -20.40 25.80
C MET C 368 -34.80 -21.05 24.89
N GLN C 369 -34.29 -22.23 25.27
CA GLN C 369 -33.15 -22.85 24.59
C GLN C 369 -33.43 -23.33 23.17
N GLY C 370 -34.67 -23.69 22.90
CA GLY C 370 -35.07 -24.25 21.62
C GLY C 370 -35.86 -23.31 20.75
N LEU C 371 -35.88 -22.04 21.12
CA LEU C 371 -36.69 -21.03 20.43
C LEU C 371 -35.94 -20.46 19.26
N VAL C 372 -36.71 -19.99 18.26
CA VAL C 372 -36.19 -19.26 17.12
C VAL C 372 -36.70 -17.81 17.25
N GLY C 373 -35.77 -16.88 17.10
CA GLY C 373 -36.02 -15.46 17.35
C GLY C 373 -34.72 -14.75 17.69
N CYS C 374 -34.84 -13.47 18.03
CA CYS C 374 -33.71 -12.67 18.46
C CYS C 374 -33.79 -12.51 19.97
N PHE C 375 -32.84 -13.14 20.68
CA PHE C 375 -32.74 -13.03 22.14
C PHE C 375 -31.43 -12.39 22.61
N VAL C 376 -30.53 -12.06 21.67
CA VAL C 376 -29.20 -11.60 22.01
C VAL C 376 -29.23 -10.26 22.70
N ASN C 377 -28.29 -10.12 23.65
CA ASN C 377 -28.16 -8.91 24.44
C ASN C 377 -26.68 -8.57 24.46
N LEU C 378 -26.37 -7.30 24.62
CA LEU C 378 -24.99 -6.88 24.69
C LEU C 378 -24.93 -6.06 25.94
N LEU C 379 -24.07 -6.47 26.89
CA LEU C 379 -23.95 -5.77 28.16
C LEU C 379 -22.53 -5.29 28.42
N PRO C 380 -22.35 -4.12 29.05
CA PRO C 380 -21.03 -3.54 29.24
C PRO C 380 -20.27 -4.12 30.44
N LEU C 381 -18.96 -4.30 30.26
CA LEU C 381 -17.99 -4.62 31.28
C LEU C 381 -16.97 -3.47 31.32
N ALA C 382 -16.64 -3.00 32.51
CA ALA C 382 -15.56 -2.02 32.72
C ALA C 382 -14.32 -2.81 33.08
N VAL C 383 -13.24 -2.63 32.32
CA VAL C 383 -11.99 -3.31 32.60
C VAL C 383 -10.99 -2.23 32.99
N GLY C 384 -10.50 -2.31 34.22
CA GLY C 384 -9.43 -1.46 34.70
C GLY C 384 -8.08 -2.01 34.27
N LEU C 385 -7.25 -1.12 33.73
CA LEU C 385 -5.90 -1.47 33.31
C LEU C 385 -4.94 -0.85 34.32
N ARG C 386 -4.77 -1.57 35.44
CA ARG C 386 -3.93 -1.20 36.61
C ARG C 386 -2.65 -2.02 36.61
N PRO C 387 -1.48 -1.48 36.17
CA PRO C 387 -0.23 -2.23 36.20
C PRO C 387 0.25 -2.59 37.62
N GLU C 388 -0.27 -1.89 38.65
CA GLU C 388 0.04 -2.20 40.05
C GLU C 388 -0.45 -3.58 40.53
N GLN C 389 -1.58 -4.03 39.99
CA GLN C 389 -2.21 -5.28 40.43
C GLN C 389 -1.65 -6.45 39.66
N SER C 390 -1.68 -7.63 40.28
CA SER C 390 -1.25 -8.86 39.63
C SER C 390 -2.17 -9.22 38.45
N VAL C 391 -1.58 -9.94 37.49
CA VAL C 391 -2.29 -10.55 36.38
C VAL C 391 -3.48 -11.34 36.92
N GLU C 392 -3.26 -12.14 37.97
CA GLU C 392 -4.25 -13.07 38.52
C GLU C 392 -5.45 -12.31 39.08
N TRP C 393 -5.20 -11.16 39.70
CA TRP C 393 -6.24 -10.41 40.36
C TRP C 393 -7.13 -9.75 39.30
N ARG C 394 -6.50 -9.16 38.26
CA ARG C 394 -7.17 -8.51 37.13
C ARG C 394 -8.07 -9.54 36.43
N LEU C 395 -7.56 -10.77 36.28
CA LEU C 395 -8.28 -11.87 35.67
C LEU C 395 -9.47 -12.27 36.50
N ARG C 396 -9.27 -12.43 37.81
CA ARG C 396 -10.37 -12.83 38.72
C ARG C 396 -11.47 -11.77 38.69
N GLN C 397 -11.08 -10.50 38.57
CA GLN C 397 -12.04 -9.41 38.49
C GLN C 397 -12.87 -9.49 37.20
N VAL C 398 -12.17 -9.71 36.07
CA VAL C 398 -12.81 -9.86 34.77
C VAL C 398 -13.78 -11.04 34.79
N GLY C 399 -13.29 -12.19 35.29
CA GLY C 399 -14.07 -13.39 35.37
C GLY C 399 -15.34 -13.21 36.18
N HIS C 400 -15.21 -12.50 37.31
CA HIS C 400 -16.33 -12.30 38.20
C HIS C 400 -17.36 -11.36 37.59
N ASP C 401 -16.88 -10.28 36.97
CA ASP C 401 -17.79 -9.35 36.29
C ASP C 401 -18.53 -10.01 35.11
N LEU C 402 -17.85 -10.93 34.42
CA LEU C 402 -18.44 -11.74 33.37
C LEU C 402 -19.60 -12.60 33.89
N LEU C 403 -19.35 -13.31 34.99
CA LEU C 403 -20.39 -14.17 35.60
C LEU C 403 -21.56 -13.34 36.08
N GLU C 404 -21.28 -12.12 36.55
CA GLU C 404 -22.33 -11.19 36.93
C GLU C 404 -23.26 -10.87 35.72
N LEU C 405 -22.66 -10.57 34.56
CA LEU C 405 -23.43 -10.23 33.38
C LEU C 405 -24.21 -11.44 32.86
N LEU C 406 -23.57 -12.60 32.90
CA LEU C 406 -24.18 -13.84 32.45
C LEU C 406 -25.39 -14.20 33.34
N GLU C 407 -25.20 -14.10 34.65
CA GLU C 407 -26.26 -14.36 35.60
C GLU C 407 -27.46 -13.47 35.30
N HIS C 408 -27.21 -12.21 34.91
CA HIS C 408 -28.25 -11.24 34.70
C HIS C 408 -28.41 -10.86 33.25
N GLN C 409 -28.21 -11.83 32.35
CA GLN C 409 -28.30 -11.57 30.93
C GLN C 409 -29.73 -11.25 30.46
N ASP C 410 -30.73 -11.45 31.33
CA ASP C 410 -32.09 -11.01 31.10
C ASP C 410 -32.28 -9.50 31.33
N VAL C 411 -31.28 -8.82 31.88
CA VAL C 411 -31.35 -7.36 32.03
C VAL C 411 -31.02 -6.70 30.70
N PRO C 412 -32.00 -6.05 30.02
CA PRO C 412 -31.74 -5.47 28.72
C PRO C 412 -30.82 -4.24 28.81
N LEU C 413 -30.01 -4.06 27.77
CA LEU C 413 -29.09 -2.94 27.66
C LEU C 413 -29.78 -1.63 27.96
N GLU C 414 -31.03 -1.50 27.51
CA GLU C 414 -31.82 -0.27 27.70
C GLU C 414 -32.02 0.11 29.18
N CYS C 415 -32.09 -0.88 30.08
CA CYS C 415 -32.18 -0.59 31.51
C CYS C 415 -30.90 0.05 32.04
N VAL C 416 -29.75 -0.42 31.53
CA VAL C 416 -28.46 0.09 31.95
C VAL C 416 -28.32 1.52 31.46
N THR C 417 -28.72 1.74 30.19
CA THR C 417 -28.68 3.05 29.58
C THR C 417 -29.53 4.03 30.40
N GLN C 418 -30.74 3.60 30.75
CA GLN C 418 -31.66 4.42 31.50
C GLN C 418 -31.11 4.78 32.86
N ALA C 419 -30.58 3.79 33.57
CA ALA C 419 -29.97 3.99 34.88
C ALA C 419 -28.82 5.02 34.82
N LEU C 420 -28.06 4.99 33.73
CA LEU C 420 -26.95 5.94 33.54
C LEU C 420 -27.44 7.37 33.29
N ARG C 421 -28.50 7.53 32.50
CA ARG C 421 -29.15 8.84 32.22
C ARG C 421 -29.68 9.44 33.53
N GLN C 422 -30.28 8.61 34.40
CA GLN C 422 -30.79 9.09 35.67
C GLN C 422 -29.69 9.53 36.65
N ARG C 423 -28.43 9.33 36.26
CA ARG C 423 -27.24 9.74 37.06
C ARG C 423 -26.41 10.74 36.25
N GLY C 424 -27.00 11.37 35.21
CA GLY C 424 -26.39 12.46 34.50
C GLY C 424 -25.67 12.19 33.19
N ALA C 425 -25.32 10.93 32.90
CA ALA C 425 -24.65 10.58 31.63
C ALA C 425 -25.60 10.69 30.44
N SER C 426 -25.03 10.96 29.26
CA SER C 426 -25.76 11.06 28.01
C SER C 426 -26.27 9.69 27.57
N GLY C 427 -25.40 8.69 27.67
CA GLY C 427 -25.69 7.33 27.28
C GLY C 427 -24.53 6.42 27.64
N LEU C 428 -24.45 5.30 26.94
CA LEU C 428 -23.45 4.29 27.18
C LEU C 428 -22.70 4.00 25.89
N PRO C 429 -21.55 4.64 25.63
CA PRO C 429 -20.88 4.51 24.33
C PRO C 429 -20.06 3.21 24.19
N ILE C 430 -20.72 2.07 23.95
CA ILE C 430 -19.99 0.81 23.72
C ILE C 430 -19.46 0.77 22.29
N ARG C 431 -18.12 0.78 22.14
CA ARG C 431 -17.45 0.83 20.83
C ARG C 431 -16.71 -0.48 20.53
N ILE C 432 -16.38 -1.25 21.55
CA ILE C 432 -15.62 -2.47 21.42
C ILE C 432 -16.39 -3.59 22.11
N ALA C 433 -16.27 -4.81 21.59
CA ALA C 433 -17.02 -5.94 22.10
C ALA C 433 -16.32 -7.25 21.85
N CYS C 434 -16.71 -8.24 22.62
CA CYS C 434 -16.11 -9.56 22.65
C CYS C 434 -17.25 -10.58 22.79
N GLY C 435 -17.08 -11.76 22.17
CA GLY C 435 -18.06 -12.81 22.22
C GLY C 435 -17.43 -14.14 21.87
N ALA C 436 -18.20 -15.22 22.06
CA ALA C 436 -17.83 -16.57 21.66
C ALA C 436 -19.04 -17.34 21.12
N HIS C 437 -18.78 -18.19 20.12
CA HIS C 437 -19.75 -18.92 19.32
C HIS C 437 -19.40 -20.37 19.57
N ASN C 438 -20.43 -21.21 19.72
CA ASN C 438 -20.19 -22.61 19.97
C ASN C 438 -19.83 -23.35 18.67
N GLY C 448 -27.32 -40.54 8.90
CA GLY C 448 -28.51 -39.99 8.26
C GLY C 448 -28.19 -38.84 7.31
N VAL C 449 -29.16 -37.94 7.12
CA VAL C 449 -28.98 -36.76 6.30
C VAL C 449 -27.97 -35.80 6.92
N ARG C 450 -27.04 -35.29 6.12
CA ARG C 450 -26.00 -34.31 6.55
C ARG C 450 -26.58 -32.90 6.38
N VAL C 451 -26.56 -32.10 7.44
CA VAL C 451 -26.97 -30.70 7.41
C VAL C 451 -25.88 -29.86 8.04
N GLU C 452 -25.29 -28.98 7.26
CA GLU C 452 -24.31 -28.00 7.74
C GLU C 452 -24.92 -26.63 7.55
N ALA C 453 -24.74 -25.74 8.54
CA ALA C 453 -25.32 -24.41 8.51
C ALA C 453 -24.26 -23.39 8.92
N ASP C 454 -24.15 -22.31 8.14
CA ASP C 454 -23.17 -21.24 8.40
C ASP C 454 -23.76 -19.91 7.96
N PHE C 455 -23.56 -18.88 8.78
CA PHE C 455 -23.85 -17.51 8.38
C PHE C 455 -22.79 -17.05 7.39
N ILE C 456 -23.22 -16.25 6.41
CA ILE C 456 -22.34 -15.50 5.54
C ILE C 456 -22.25 -14.14 6.21
N PRO C 457 -21.06 -13.72 6.69
CA PRO C 457 -20.97 -12.53 7.54
C PRO C 457 -21.52 -11.26 6.88
N VAL C 458 -22.21 -10.45 7.68
CA VAL C 458 -22.67 -9.14 7.31
C VAL C 458 -21.45 -8.24 7.09
N PRO C 459 -21.36 -7.52 5.96
CA PRO C 459 -20.25 -6.58 5.75
C PRO C 459 -20.49 -5.30 6.55
N GLY C 460 -19.47 -4.49 6.75
CA GLY C 460 -19.65 -3.31 7.59
C GLY C 460 -19.76 -3.72 9.06
N ALA C 461 -20.04 -2.75 9.92
CA ALA C 461 -19.74 -2.89 11.32
C ALA C 461 -20.37 -1.72 12.02
N ARG C 462 -21.12 -2.02 13.09
CA ARG C 462 -21.70 -1.00 14.00
C ARG C 462 -20.66 -0.69 15.08
N LEU C 463 -19.99 -1.70 15.62
CA LEU C 463 -18.93 -1.48 16.58
C LEU C 463 -17.58 -1.25 15.89
N ASP C 464 -16.72 -0.44 16.53
CA ASP C 464 -15.38 -0.10 16.03
C ASP C 464 -14.58 -1.37 15.85
N LEU C 465 -14.68 -2.28 16.82
CA LEU C 465 -13.92 -3.53 16.80
C LEU C 465 -14.57 -4.58 17.67
N THR C 466 -14.63 -5.81 17.16
CA THR C 466 -15.07 -6.96 17.93
C THR C 466 -14.14 -8.10 17.74
N LEU C 467 -14.03 -8.94 18.78
CA LEU C 467 -13.34 -10.20 18.74
C LEU C 467 -14.37 -11.26 19.11
N TRP C 468 -14.50 -12.27 18.24
CA TRP C 468 -15.32 -13.45 18.48
C TRP C 468 -14.38 -14.63 18.48
N LEU C 469 -14.45 -15.44 19.54
CA LEU C 469 -13.75 -16.69 19.58
C LEU C 469 -14.69 -17.83 19.18
N GLU C 470 -14.24 -18.65 18.23
CA GLU C 470 -15.01 -19.81 17.76
C GLU C 470 -14.24 -21.04 18.15
N ASP C 471 -14.92 -21.95 18.87
CA ASP C 471 -14.39 -23.23 19.27
C ASP C 471 -14.69 -24.21 18.16
N GLN C 472 -13.65 -24.95 17.75
CA GLN C 472 -13.67 -25.80 16.58
C GLN C 472 -12.72 -26.98 16.76
N PRO C 473 -12.94 -28.13 16.09
CA PRO C 473 -12.14 -29.34 16.29
C PRO C 473 -10.62 -29.10 16.36
N GLN C 474 -10.06 -28.36 15.40
CA GLN C 474 -8.60 -28.11 15.36
C GLN C 474 -8.06 -27.20 16.47
N GLY C 475 -8.94 -26.43 17.13
CA GLY C 475 -8.56 -25.43 18.11
C GLY C 475 -9.49 -24.24 18.05
N TRP C 476 -9.00 -23.06 18.45
CA TRP C 476 -9.82 -21.84 18.42
C TRP C 476 -9.52 -21.01 17.21
N LEU C 477 -10.56 -20.32 16.77
CA LEU C 477 -10.46 -19.36 15.72
C LEU C 477 -10.82 -17.99 16.26
N ALA C 478 -9.95 -17.01 16.00
CA ALA C 478 -10.16 -15.63 16.40
C ALA C 478 -10.70 -14.86 15.20
N VAL C 479 -11.91 -14.31 15.33
CA VAL C 479 -12.55 -13.54 14.29
C VAL C 479 -12.64 -12.10 14.74
N TRP C 480 -11.81 -11.25 14.12
CA TRP C 480 -11.77 -9.83 14.39
C TRP C 480 -12.55 -9.11 13.31
N THR C 481 -13.42 -8.19 13.71
CA THR C 481 -14.11 -7.33 12.79
C THR C 481 -13.97 -5.88 13.21
N GLY C 482 -13.42 -5.06 12.32
CA GLY C 482 -13.28 -3.63 12.56
C GLY C 482 -13.93 -2.77 11.50
N VAL C 483 -14.38 -1.58 11.91
CA VAL C 483 -14.63 -0.46 11.00
C VAL C 483 -13.30 -0.10 10.28
N SER C 484 -13.28 -0.28 8.96
CA SER C 484 -12.09 -0.12 8.11
C SER C 484 -11.32 1.17 8.34
N ALA C 485 -12.05 2.27 8.46
CA ALA C 485 -11.51 3.61 8.72
C ALA C 485 -10.75 3.76 10.04
N ILE C 486 -10.97 2.83 10.97
CA ILE C 486 -10.30 2.85 12.26
C ILE C 486 -9.39 1.66 12.45
N PHE C 487 -9.90 0.45 12.22
CA PHE C 487 -9.12 -0.78 12.35
C PHE C 487 -9.16 -1.48 11.01
N ASP C 488 -8.19 -1.13 10.14
CA ASP C 488 -7.99 -1.84 8.87
C ASP C 488 -7.32 -3.19 9.12
N LEU C 489 -7.20 -3.98 8.05
CA LEU C 489 -6.68 -5.33 8.11
C LEU C 489 -5.34 -5.46 8.82
N HIS C 490 -4.41 -4.57 8.49
CA HIS C 490 -3.04 -4.64 9.00
C HIS C 490 -2.99 -4.29 10.47
N ARG C 491 -3.76 -3.29 10.89
CA ARG C 491 -3.89 -2.92 12.33
C ARG C 491 -4.50 -4.10 13.10
N ILE C 492 -5.52 -4.76 12.55
CA ILE C 492 -6.11 -5.92 13.21
C ILE C 492 -5.09 -7.03 13.35
N GLU C 493 -4.33 -7.32 12.28
CA GLU C 493 -3.26 -8.33 12.33
C GLU C 493 -2.28 -8.04 13.45
N ARG C 494 -1.87 -6.78 13.59
CA ARG C 494 -0.94 -6.32 14.66
C ARG C 494 -1.63 -6.53 16.02
N LEU C 495 -2.91 -6.20 16.13
CA LEU C 495 -3.59 -6.37 17.42
C LEU C 495 -3.71 -7.85 17.77
N HIS C 496 -3.94 -8.71 16.77
CA HIS C 496 -4.04 -10.15 17.00
C HIS C 496 -2.71 -10.69 17.54
N GLN C 497 -1.60 -10.27 16.92
CA GLN C 497 -0.28 -10.69 17.41
C GLN C 497 -0.06 -10.19 18.84
N ALA C 498 -0.39 -8.92 19.10
CA ALA C 498 -0.28 -8.38 20.45
C ALA C 498 -1.12 -9.19 21.45
N TRP C 499 -2.33 -9.57 21.04
CA TRP C 499 -3.24 -10.35 21.87
C TRP C 499 -2.64 -11.73 22.21
N GLU C 500 -2.06 -12.39 21.20
CA GLU C 500 -1.38 -13.68 21.41
C GLU C 500 -0.21 -13.55 22.39
N ARG C 501 0.65 -12.53 22.17
CA ARG C 501 1.82 -12.27 23.05
C ARG C 501 1.32 -11.98 24.46
N ARG C 502 0.24 -11.21 24.59
CA ARG C 502 -0.29 -10.79 25.91
C ARG C 502 -0.73 -12.02 26.70
N LEU C 503 -1.37 -12.97 26.03
CA LEU C 503 -1.82 -14.18 26.69
C LEU C 503 -0.64 -15.01 27.16
N LEU C 504 0.39 -15.15 26.30
CA LEU C 504 1.59 -15.90 26.66
C LEU C 504 2.29 -15.24 27.86
N ALA C 505 2.49 -13.93 27.79
CA ALA C 505 3.06 -13.13 28.89
C ALA C 505 2.27 -13.33 30.20
N ASN C 506 0.97 -13.07 30.17
CA ASN C 506 0.08 -13.26 31.32
C ASN C 506 0.20 -14.65 31.94
N ALA C 507 0.49 -15.67 31.11
CA ALA C 507 0.62 -17.05 31.55
C ALA C 507 2.00 -17.38 32.11
N GLY C 508 3.00 -16.56 31.76
CA GLY C 508 4.39 -16.83 32.05
C GLY C 508 4.89 -17.82 31.06
N PRO D 12 -2.04 -14.65 -52.07
CA PRO D 12 -1.99 -13.98 -50.76
C PRO D 12 -3.36 -13.65 -50.15
N LEU D 13 -4.36 -13.27 -50.97
CA LEU D 13 -5.70 -12.97 -50.49
C LEU D 13 -6.38 -14.23 -49.96
N GLU D 14 -6.33 -15.30 -50.74
CA GLU D 14 -6.94 -16.56 -50.34
C GLU D 14 -6.29 -17.11 -49.06
N GLN D 15 -4.96 -16.97 -48.99
CA GLN D 15 -4.17 -17.41 -47.85
C GLN D 15 -4.60 -16.67 -46.56
N ALA D 16 -4.68 -15.33 -46.65
CA ALA D 16 -5.06 -14.46 -45.54
C ALA D 16 -6.50 -14.77 -45.14
N LEU D 17 -7.37 -14.91 -46.14
CA LEU D 17 -8.77 -15.25 -45.93
C LEU D 17 -8.87 -16.57 -45.17
N HIS D 18 -8.19 -17.59 -45.70
CA HIS D 18 -8.13 -18.91 -45.08
C HIS D 18 -7.71 -18.85 -43.59
N GLN D 19 -6.62 -18.14 -43.32
CA GLN D 19 -6.08 -18.04 -41.95
C GLN D 19 -7.02 -17.31 -40.99
N ALA D 20 -7.56 -16.17 -41.46
CA ALA D 20 -8.43 -15.34 -40.64
C ALA D 20 -9.75 -16.08 -40.34
N TRP D 21 -10.29 -16.77 -41.35
CA TRP D 21 -11.54 -17.53 -41.23
C TRP D 21 -11.38 -18.66 -40.23
N GLN D 22 -10.25 -19.37 -40.31
CA GLN D 22 -9.89 -20.45 -39.39
C GLN D 22 -9.74 -19.96 -37.95
N ALA D 23 -9.03 -18.83 -37.77
CA ALA D 23 -8.83 -18.23 -36.46
C ALA D 23 -10.16 -17.90 -35.78
N GLN D 24 -11.14 -17.45 -36.57
CA GLN D 24 -12.44 -17.06 -36.06
C GLN D 24 -13.35 -18.24 -35.69
N LEU D 25 -13.39 -19.25 -36.56
CA LEU D 25 -14.34 -20.36 -36.43
C LEU D 25 -13.73 -21.70 -36.02
N GLY D 26 -12.41 -21.74 -35.82
CA GLY D 26 -11.68 -22.95 -35.44
C GLY D 26 -11.75 -24.09 -36.45
N ALA D 27 -11.94 -23.75 -37.74
CA ALA D 27 -12.01 -24.73 -38.83
C ALA D 27 -11.88 -24.02 -40.17
N PRO D 28 -11.29 -24.65 -41.20
CA PRO D 28 -11.01 -23.97 -42.46
C PRO D 28 -12.29 -23.65 -43.25
N PRO D 29 -12.25 -22.66 -44.17
CA PRO D 29 -13.41 -22.31 -44.98
C PRO D 29 -13.80 -23.46 -45.91
N ARG D 30 -15.11 -23.69 -46.07
CA ARG D 30 -15.70 -24.64 -47.05
C ARG D 30 -16.33 -23.83 -48.19
N ALA D 31 -16.05 -24.22 -49.43
CA ALA D 31 -16.64 -23.61 -50.60
C ALA D 31 -18.16 -23.60 -50.44
N GLY D 32 -18.77 -22.45 -50.76
CA GLY D 32 -20.21 -22.28 -50.73
C GLY D 32 -20.91 -22.25 -49.37
N GLN D 33 -20.14 -22.39 -48.28
CA GLN D 33 -20.69 -22.33 -46.93
C GLN D 33 -20.56 -20.93 -46.30
N GLY D 34 -21.72 -20.28 -46.10
CA GLY D 34 -21.82 -18.97 -45.47
C GLY D 34 -21.19 -18.95 -44.09
N PHE D 35 -20.68 -17.77 -43.73
CA PHE D 35 -19.97 -17.54 -42.47
C PHE D 35 -20.82 -17.92 -41.24
N TYR D 36 -22.10 -17.51 -41.24
CA TYR D 36 -23.12 -17.84 -40.21
C TYR D 36 -23.34 -19.36 -40.18
N ALA D 37 -23.62 -19.96 -41.34
CA ALA D 37 -23.73 -21.42 -41.49
C ALA D 37 -22.53 -22.18 -40.90
N ALA D 38 -21.33 -21.61 -41.01
CA ALA D 38 -20.09 -22.24 -40.50
C ALA D 38 -19.83 -22.07 -39.00
N GLY D 39 -20.71 -21.35 -38.30
CA GLY D 39 -20.59 -21.15 -36.85
C GLY D 39 -20.34 -19.71 -36.44
N GLY D 40 -20.37 -18.80 -37.42
CA GLY D 40 -20.02 -17.40 -37.21
C GLY D 40 -21.13 -16.57 -36.60
N ASP D 41 -20.81 -15.37 -36.13
CA ASP D 41 -21.81 -14.38 -35.74
C ASP D 41 -21.32 -13.03 -36.27
N SER D 42 -22.11 -11.98 -36.04
CA SER D 42 -21.84 -10.67 -36.60
C SER D 42 -20.54 -10.06 -36.02
N LEU D 43 -20.27 -10.34 -34.73
CA LEU D 43 -19.10 -9.78 -34.08
C LEU D 43 -17.81 -10.43 -34.60
N ARG D 44 -17.84 -11.75 -34.78
CA ARG D 44 -16.71 -12.52 -35.37
C ARG D 44 -16.50 -12.04 -36.81
N ALA D 45 -17.56 -11.63 -37.50
CA ALA D 45 -17.47 -11.09 -38.84
C ALA D 45 -16.68 -9.77 -38.86
N VAL D 46 -16.98 -8.89 -37.90
CA VAL D 46 -16.24 -7.64 -37.74
C VAL D 46 -14.75 -7.92 -37.48
N HIS D 47 -14.48 -8.93 -36.64
CA HIS D 47 -13.12 -9.28 -36.24
C HIS D 47 -12.36 -9.89 -37.45
N LEU D 48 -13.04 -10.75 -38.21
CA LEU D 48 -12.53 -11.29 -39.46
C LEU D 48 -12.04 -10.16 -40.37
N LEU D 49 -12.92 -9.18 -40.61
CA LEU D 49 -12.64 -8.09 -41.54
C LEU D 49 -11.52 -7.16 -41.02
N ALA D 50 -11.48 -6.95 -39.71
CA ALA D 50 -10.45 -6.13 -39.08
C ALA D 50 -9.07 -6.80 -39.24
N THR D 51 -9.05 -8.13 -39.14
CA THR D 51 -7.84 -8.93 -39.33
C THR D 51 -7.35 -8.84 -40.76
N LEU D 52 -8.26 -9.02 -41.71
CA LEU D 52 -7.98 -8.87 -43.14
C LEU D 52 -7.49 -7.46 -43.49
N ARG D 53 -8.07 -6.44 -42.84
CA ARG D 53 -7.68 -5.02 -43.06
C ARG D 53 -6.25 -4.82 -42.55
N GLN D 54 -5.90 -5.40 -41.41
CA GLN D 54 -4.57 -5.25 -40.83
C GLN D 54 -3.52 -5.93 -41.71
N ARG D 55 -3.80 -7.18 -42.11
CA ARG D 55 -2.85 -8.03 -42.88
C ARG D 55 -2.76 -7.57 -44.35
N LEU D 56 -3.85 -7.10 -44.95
CA LEU D 56 -3.86 -6.76 -46.38
C LEU D 56 -4.03 -5.29 -46.74
N SER D 57 -4.29 -4.43 -45.75
CA SER D 57 -4.60 -3.01 -45.98
C SER D 57 -5.79 -2.83 -46.93
N ARG D 58 -6.78 -3.74 -46.82
CA ARG D 58 -8.01 -3.76 -47.65
C ARG D 58 -9.25 -3.80 -46.74
N ARG D 59 -10.10 -2.77 -46.81
CA ARG D 59 -11.32 -2.63 -45.97
C ARG D 59 -12.52 -3.16 -46.74
N VAL D 60 -12.99 -4.37 -46.39
CA VAL D 60 -14.26 -4.91 -46.86
C VAL D 60 -15.38 -4.39 -45.98
N PRO D 61 -16.40 -3.68 -46.54
CA PRO D 61 -17.55 -3.21 -45.75
C PRO D 61 -18.27 -4.38 -45.06
N LEU D 62 -18.69 -4.18 -43.81
CA LEU D 62 -19.39 -5.21 -43.06
C LEU D 62 -20.73 -5.61 -43.76
N GLN D 63 -21.48 -4.61 -44.27
CA GLN D 63 -22.77 -4.82 -44.94
C GLN D 63 -22.62 -5.79 -46.09
N ALA D 64 -21.64 -5.50 -46.96
CA ALA D 64 -21.31 -6.31 -48.14
C ALA D 64 -21.04 -7.77 -47.80
N PHE D 65 -20.21 -8.00 -46.77
CA PHE D 65 -19.87 -9.35 -46.37
C PHE D 65 -21.00 -10.03 -45.60
N ALA D 66 -21.30 -9.49 -44.41
CA ALA D 66 -22.24 -10.14 -43.46
C ALA D 66 -23.72 -10.01 -43.87
N GLY D 67 -24.03 -9.05 -44.75
CA GLY D 67 -25.37 -8.86 -45.33
C GLY D 67 -25.59 -9.54 -46.68
N GLY D 68 -24.60 -10.32 -47.13
CA GLY D 68 -24.67 -11.04 -48.39
C GLY D 68 -24.56 -12.52 -48.08
N PRO D 69 -24.20 -13.37 -49.07
CA PRO D 69 -24.06 -14.79 -48.83
C PRO D 69 -23.00 -15.12 -47.76
N ALA D 70 -21.96 -14.27 -47.67
CA ALA D 70 -20.90 -14.43 -46.68
C ALA D 70 -20.13 -15.77 -46.81
N THR D 71 -20.02 -16.26 -48.04
CA THR D 71 -19.23 -17.44 -48.35
C THR D 71 -17.75 -17.04 -48.49
N PRO D 72 -16.81 -18.01 -48.38
CA PRO D 72 -15.40 -17.72 -48.68
C PRO D 72 -15.24 -17.08 -50.06
N GLU D 73 -16.00 -17.57 -51.05
CA GLU D 73 -16.01 -17.02 -52.43
C GLU D 73 -16.44 -15.56 -52.49
N ALA D 74 -17.54 -15.23 -51.79
CA ALA D 74 -18.05 -13.85 -51.78
C ALA D 74 -17.02 -12.91 -51.15
N LEU D 75 -16.40 -13.36 -50.05
CA LEU D 75 -15.41 -12.56 -49.33
C LEU D 75 -14.13 -12.37 -50.17
N LEU D 76 -13.69 -13.46 -50.81
CA LEU D 76 -12.54 -13.43 -51.73
C LEU D 76 -12.74 -12.33 -52.77
N GLU D 77 -13.94 -12.33 -53.38
CA GLU D 77 -14.30 -11.37 -54.41
C GLU D 77 -14.33 -9.93 -53.88
N LEU D 78 -14.88 -9.76 -52.68
CA LEU D 78 -14.94 -8.46 -52.03
C LEU D 78 -13.55 -7.94 -51.72
N LEU D 79 -12.66 -8.83 -51.24
CA LEU D 79 -11.26 -8.49 -51.00
C LEU D 79 -10.58 -7.97 -52.28
N ARG D 80 -10.71 -8.71 -53.38
CA ARG D 80 -10.15 -8.33 -54.71
C ARG D 80 -10.70 -6.96 -55.13
N GLN D 81 -12.00 -6.75 -54.99
CA GLN D 81 -12.60 -5.45 -55.37
C GLN D 81 -12.09 -4.35 -54.45
N ALA D 82 -11.71 -4.72 -53.22
CA ALA D 82 -11.24 -3.72 -52.23
C ALA D 82 -9.78 -3.41 -52.50
N ALA D 83 -9.46 -2.13 -52.68
CA ALA D 83 -8.07 -1.79 -53.05
C ALA D 83 -7.31 -1.30 -51.81
N PRO D 84 -6.05 -1.73 -51.62
CA PRO D 84 -5.26 -1.24 -50.51
C PRO D 84 -5.17 0.29 -50.56
N GLY D 97 -7.02 11.23 -20.64
CA GLY D 97 -8.44 11.30 -20.33
C GLY D 97 -9.16 9.95 -20.36
N LEU D 98 -10.43 9.98 -19.95
CA LEU D 98 -11.36 8.85 -20.04
C LEU D 98 -12.18 8.95 -21.32
N SER D 99 -12.45 7.80 -21.93
CA SER D 99 -13.39 7.69 -23.04
C SER D 99 -14.80 7.95 -22.54
N LEU D 100 -15.73 8.18 -23.47
CA LEU D 100 -17.13 8.37 -23.10
C LEU D 100 -17.72 7.08 -22.48
N ALA D 101 -17.32 5.92 -22.99
CA ALA D 101 -17.72 4.63 -22.43
C ALA D 101 -17.31 4.50 -20.95
N GLU D 102 -16.06 4.89 -20.65
CA GLU D 102 -15.55 4.94 -19.29
C GLU D 102 -16.25 6.00 -18.45
N ARG D 103 -16.37 7.19 -19.03
CA ARG D 103 -16.87 8.41 -18.33
C ARG D 103 -18.35 8.22 -17.95
N ARG D 104 -19.18 7.58 -18.77
CA ARG D 104 -20.63 7.48 -18.45
C ARG D 104 -20.81 6.61 -17.18
N LEU D 105 -19.98 5.58 -16.99
CA LEU D 105 -20.02 4.81 -15.75
C LEU D 105 -19.41 5.59 -14.57
N TRP D 106 -18.29 6.28 -14.82
CA TRP D 106 -17.63 7.05 -13.78
C TRP D 106 -18.57 8.17 -13.29
N VAL D 107 -19.22 8.86 -14.22
CA VAL D 107 -20.14 9.95 -13.90
C VAL D 107 -21.35 9.45 -13.13
N ALA D 108 -21.97 8.37 -13.60
CA ALA D 108 -23.09 7.76 -12.91
C ALA D 108 -22.75 7.46 -11.45
N GLN D 109 -21.53 6.97 -11.20
CA GLN D 109 -21.08 6.67 -9.85
C GLN D 109 -20.95 7.92 -9.00
N GLN D 110 -20.42 9.01 -9.57
CA GLN D 110 -20.30 10.28 -8.85
C GLN D 110 -21.64 10.87 -8.41
N LEU D 111 -22.68 10.71 -9.24
CA LEU D 111 -24.02 11.20 -8.91
C LEU D 111 -24.69 10.41 -7.80
N ALA D 112 -24.23 9.18 -7.56
CA ALA D 112 -24.77 8.33 -6.49
C ALA D 112 -23.63 7.56 -5.82
N PRO D 113 -22.78 8.22 -5.02
CA PRO D 113 -21.54 7.61 -4.51
C PRO D 113 -21.74 6.33 -3.68
N GLU D 114 -22.89 6.17 -3.02
CA GLU D 114 -23.19 5.01 -2.19
C GLU D 114 -23.86 3.88 -2.96
N ASP D 115 -24.26 4.15 -4.21
CA ASP D 115 -24.83 3.12 -5.07
C ASP D 115 -23.70 2.18 -5.52
N THR D 116 -23.83 0.89 -5.20
CA THR D 116 -22.82 -0.12 -5.51
C THR D 116 -23.18 -0.99 -6.73
N SER D 117 -24.14 -0.52 -7.56
CA SER D 117 -24.63 -1.31 -8.68
C SER D 117 -23.71 -1.26 -9.93
N TYR D 118 -22.56 -0.59 -9.83
CA TYR D 118 -21.49 -0.59 -10.86
C TYR D 118 -20.30 -1.45 -10.41
N ASN D 119 -20.44 -2.17 -9.29
CA ASN D 119 -19.42 -3.11 -8.87
C ASN D 119 -19.60 -4.43 -9.61
N LEU D 120 -18.63 -4.80 -10.44
CA LEU D 120 -18.66 -6.07 -11.10
C LEU D 120 -17.89 -7.08 -10.29
N LEU D 121 -18.44 -8.30 -10.21
CA LEU D 121 -17.83 -9.40 -9.47
C LEU D 121 -17.73 -10.58 -10.40
N ALA D 122 -16.49 -11.03 -10.62
CA ALA D 122 -16.21 -12.16 -11.47
C ALA D 122 -15.54 -13.23 -10.64
N HIS D 123 -16.03 -14.46 -10.79
CA HIS D 123 -15.52 -15.62 -10.12
C HIS D 123 -14.83 -16.47 -11.18
N LEU D 124 -13.52 -16.64 -10.99
CA LEU D 124 -12.72 -17.53 -11.82
C LEU D 124 -12.41 -18.77 -11.02
N ARG D 125 -12.72 -19.93 -11.60
CA ARG D 125 -12.42 -21.27 -11.04
C ARG D 125 -11.23 -21.82 -11.82
N ILE D 126 -10.15 -22.16 -11.11
CA ILE D 126 -8.92 -22.55 -11.72
C ILE D 126 -8.54 -23.95 -11.20
N VAL D 127 -8.26 -24.88 -12.12
CA VAL D 127 -7.82 -26.21 -11.76
C VAL D 127 -6.46 -26.50 -12.43
N GLY D 128 -5.47 -26.83 -11.61
CA GLY D 128 -4.18 -27.33 -12.07
C GLY D 128 -2.97 -26.43 -11.90
N ALA D 129 -3.11 -25.31 -11.18
CA ALA D 129 -2.00 -24.40 -10.95
C ALA D 129 -1.77 -24.22 -9.47
N THR D 130 -0.53 -23.89 -9.07
CA THR D 130 -0.23 -23.62 -7.67
C THR D 130 -0.63 -22.20 -7.35
N ALA D 131 -0.73 -21.91 -6.05
CA ALA D 131 -1.07 -20.59 -5.53
C ALA D 131 -0.06 -19.54 -5.93
N ASP D 132 1.22 -19.90 -5.83
CA ASP D 132 2.32 -19.00 -6.20
C ASP D 132 2.26 -18.63 -7.68
N ALA D 133 2.01 -19.64 -8.52
CA ALA D 133 1.92 -19.44 -9.96
C ALA D 133 0.74 -18.47 -10.27
N ILE D 134 -0.41 -18.70 -9.63
CA ILE D 134 -1.59 -17.89 -9.86
C ILE D 134 -1.31 -16.45 -9.46
N GLU D 135 -0.75 -16.28 -8.26
CA GLU D 135 -0.47 -14.95 -7.75
C GLU D 135 0.49 -14.19 -8.64
N GLN D 136 1.54 -14.88 -9.10
CA GLN D 136 2.53 -14.26 -9.99
C GLN D 136 1.90 -13.90 -11.34
N ALA D 137 1.09 -14.79 -11.89
CA ALA D 137 0.38 -14.51 -13.14
C ALA D 137 -0.57 -13.30 -13.00
N LEU D 138 -1.26 -13.21 -11.86
CA LEU D 138 -2.17 -12.09 -11.60
C LEU D 138 -1.43 -10.77 -11.56
N ARG D 139 -0.25 -10.76 -10.91
CA ARG D 139 0.58 -9.53 -10.84
C ARG D 139 1.00 -9.15 -12.25
N GLN D 140 1.36 -10.12 -13.10
CA GLN D 140 1.71 -9.81 -14.49
C GLN D 140 0.53 -9.21 -15.25
N LEU D 141 -0.65 -9.81 -15.09
CA LEU D 141 -1.86 -9.31 -15.74
C LEU D 141 -2.19 -7.90 -15.29
N LEU D 142 -2.00 -7.63 -13.99
CA LEU D 142 -2.23 -6.28 -13.48
C LEU D 142 -1.26 -5.28 -14.09
N GLU D 143 0.02 -5.67 -14.18
CA GLU D 143 1.05 -4.84 -14.82
C GLU D 143 0.65 -4.57 -16.28
N ARG D 144 0.20 -5.61 -16.98
CA ARG D 144 -0.16 -5.54 -18.42
C ARG D 144 -1.41 -4.67 -18.67
N HIS D 145 -2.42 -4.73 -17.80
CA HIS D 145 -3.71 -4.09 -18.05
C HIS D 145 -3.95 -2.92 -17.11
N VAL D 146 -3.57 -1.74 -17.56
CA VAL D 146 -3.49 -0.57 -16.73
C VAL D 146 -4.85 -0.14 -16.20
N ALA D 147 -5.93 -0.51 -16.89
CA ALA D 147 -7.28 -0.13 -16.46
C ALA D 147 -7.57 -0.63 -15.07
N LEU D 148 -6.95 -1.75 -14.68
CA LEU D 148 -7.17 -2.35 -13.38
C LEU D 148 -6.43 -1.66 -12.22
N ARG D 149 -5.61 -0.66 -12.51
CA ARG D 149 -4.69 -0.04 -11.51
C ARG D 149 -4.50 1.45 -11.81
N ARG D 150 -5.58 2.18 -12.01
CA ARG D 150 -5.54 3.65 -12.16
C ARG D 150 -6.45 4.27 -11.12
N ARG D 151 -6.10 5.47 -10.67
CA ARG D 151 -7.04 6.36 -9.94
C ARG D 151 -7.53 7.41 -10.92
N VAL D 152 -8.67 8.02 -10.62
CA VAL D 152 -9.22 9.08 -11.42
C VAL D 152 -9.34 10.33 -10.57
N GLU D 153 -8.55 11.36 -10.89
CA GLU D 153 -8.56 12.65 -10.20
C GLU D 153 -9.49 13.60 -10.93
N THR D 154 -10.20 14.45 -10.18
CA THR D 154 -11.04 15.47 -10.76
C THR D 154 -10.30 16.79 -10.69
N PRO D 159 -12.02 14.77 -15.35
CA PRO D 159 -11.53 13.50 -14.79
C PRO D 159 -10.28 13.02 -15.53
N GLN D 160 -9.18 12.80 -14.80
CA GLN D 160 -7.92 12.38 -15.39
C GLN D 160 -7.43 11.11 -14.72
N PRO D 161 -7.21 10.01 -15.48
CA PRO D 161 -6.68 8.78 -14.92
C PRO D 161 -5.17 8.89 -14.69
N HIS D 162 -4.67 8.24 -13.63
CA HIS D 162 -3.29 8.16 -13.32
C HIS D 162 -3.00 6.73 -12.90
N ALA D 163 -1.96 6.16 -13.51
CA ALA D 163 -1.56 4.81 -13.26
C ALA D 163 -1.02 4.68 -11.84
N LEU D 164 -1.34 3.56 -11.19
CA LEU D 164 -0.75 3.17 -9.93
C LEU D 164 0.09 1.95 -10.21
N ALA D 165 0.97 1.59 -9.28
CA ALA D 165 1.74 0.35 -9.39
C ALA D 165 0.85 -0.88 -9.29
N ALA D 166 1.23 -1.94 -9.98
CA ALA D 166 0.53 -3.22 -9.93
C ALA D 166 0.37 -3.73 -8.50
N HIS D 167 1.39 -3.50 -7.67
CA HIS D 167 1.39 -3.99 -6.31
C HIS D 167 0.36 -3.28 -5.44
N ALA D 168 -0.07 -2.08 -5.86
CA ALA D 168 -1.12 -1.33 -5.19
C ALA D 168 -2.56 -1.90 -5.34
N VAL D 169 -2.74 -2.92 -6.17
CA VAL D 169 -4.04 -3.59 -6.28
C VAL D 169 -4.09 -4.62 -5.16
N PRO D 170 -5.05 -4.53 -4.21
CA PRO D 170 -5.18 -5.52 -3.14
C PRO D 170 -5.34 -6.94 -3.70
N LEU D 171 -4.58 -7.88 -3.15
CA LEU D 171 -4.63 -9.27 -3.49
C LEU D 171 -4.49 -10.03 -2.20
N GLN D 172 -5.62 -10.51 -1.68
CA GLN D 172 -5.64 -11.31 -0.48
C GLN D 172 -5.65 -12.78 -0.88
N ARG D 173 -4.70 -13.54 -0.32
CA ARG D 173 -4.57 -14.99 -0.54
C ARG D 173 -4.94 -15.71 0.75
N LEU D 174 -5.86 -16.67 0.68
CA LEU D 174 -6.33 -17.41 1.84
C LEU D 174 -6.30 -18.89 1.53
N LEU D 175 -6.01 -19.69 2.56
CA LEU D 175 -5.99 -21.12 2.47
C LEU D 175 -7.25 -21.66 3.11
N ALA D 176 -8.01 -22.45 2.36
CA ALA D 176 -9.21 -23.09 2.86
C ALA D 176 -8.85 -24.54 3.20
N SER D 177 -9.45 -25.07 4.25
CA SER D 177 -9.15 -26.40 4.72
C SER D 177 -9.79 -27.48 3.84
N ASP D 178 -10.85 -27.11 3.11
CA ASP D 178 -11.58 -28.04 2.23
C ASP D 178 -12.51 -27.27 1.29
N ALA D 179 -13.19 -28.00 0.41
CA ALA D 179 -14.00 -27.40 -0.65
C ALA D 179 -15.14 -26.53 -0.13
N VAL D 180 -15.75 -26.97 0.97
CA VAL D 180 -16.87 -26.24 1.56
C VAL D 180 -16.38 -24.95 2.23
N HIS D 181 -15.25 -25.03 2.94
CA HIS D 181 -14.62 -23.86 3.51
C HIS D 181 -14.33 -22.82 2.42
N ALA D 182 -13.81 -23.29 1.27
CA ALA D 182 -13.49 -22.43 0.14
C ALA D 182 -14.76 -21.71 -0.36
N GLU D 183 -15.86 -22.45 -0.49
CA GLU D 183 -17.16 -21.88 -0.84
C GLU D 183 -17.58 -20.77 0.10
N ARG D 184 -17.43 -21.01 1.41
CA ARG D 184 -17.84 -20.04 2.46
C ARG D 184 -16.98 -18.78 2.33
N LEU D 185 -15.67 -18.94 2.13
CA LEU D 185 -14.79 -17.78 1.97
C LEU D 185 -15.19 -16.96 0.73
N LEU D 186 -15.51 -17.66 -0.36
CA LEU D 186 -15.99 -17.00 -1.57
C LEU D 186 -17.31 -16.25 -1.39
N GLU D 187 -18.28 -16.90 -0.75
CA GLU D 187 -19.58 -16.28 -0.48
C GLU D 187 -19.42 -15.04 0.39
N ASP D 188 -18.53 -15.11 1.38
CA ASP D 188 -18.20 -13.97 2.21
C ASP D 188 -17.67 -12.85 1.37
N GLY D 189 -16.76 -13.17 0.45
CA GLY D 189 -16.20 -12.20 -0.47
C GLY D 189 -17.25 -11.55 -1.33
N VAL D 190 -18.16 -12.36 -1.85
CA VAL D 190 -19.21 -11.85 -2.73
C VAL D 190 -20.03 -10.81 -2.00
N ARG D 191 -20.41 -11.13 -0.77
CA ARG D 191 -21.23 -10.20 0.04
C ARG D 191 -20.45 -8.91 0.35
N ARG D 192 -19.19 -9.06 0.78
CA ARG D 192 -18.32 -7.92 1.14
C ARG D 192 -18.06 -7.06 -0.10
N GLU D 193 -17.69 -7.67 -1.24
CA GLU D 193 -17.29 -6.88 -2.40
C GLU D 193 -18.51 -6.24 -3.08
N GLY D 194 -19.67 -6.91 -3.01
CA GLY D 194 -20.92 -6.34 -3.46
C GLY D 194 -21.32 -5.08 -2.72
N ALA D 195 -20.95 -4.98 -1.44
CA ALA D 195 -21.32 -3.84 -0.60
C ALA D 195 -20.25 -2.74 -0.57
N ARG D 196 -19.07 -3.01 -1.11
CA ARG D 196 -17.92 -2.09 -1.03
C ARG D 196 -18.14 -0.85 -1.91
N VAL D 197 -17.88 0.33 -1.37
CA VAL D 197 -17.83 1.53 -2.13
C VAL D 197 -16.36 1.71 -2.53
N PHE D 198 -16.07 1.64 -3.83
CA PHE D 198 -14.72 1.84 -4.32
C PHE D 198 -14.42 3.33 -4.21
N ASP D 199 -13.21 3.65 -3.72
CA ASP D 199 -12.72 5.01 -3.74
C ASP D 199 -11.91 5.20 -5.03
N LEU D 200 -12.60 5.64 -6.09
CA LEU D 200 -12.01 5.67 -7.43
C LEU D 200 -10.96 6.76 -7.64
N ALA D 201 -11.00 7.79 -6.77
CA ALA D 201 -10.04 8.90 -6.80
C ALA D 201 -8.67 8.55 -6.22
N HIS D 202 -8.62 7.58 -5.29
CA HIS D 202 -7.38 7.29 -4.55
C HIS D 202 -6.87 5.88 -4.61
N GLU D 203 -7.69 4.94 -5.07
CA GLU D 203 -7.31 3.53 -5.09
C GLU D 203 -7.55 2.90 -6.44
N ALA D 204 -6.92 1.76 -6.68
CA ALA D 204 -7.17 0.98 -7.89
C ALA D 204 -8.65 0.59 -7.90
N PRO D 205 -9.27 0.47 -9.10
CA PRO D 205 -10.68 0.11 -9.20
C PRO D 205 -10.91 -1.41 -9.15
N ALA D 206 -9.87 -2.19 -8.80
CA ALA D 206 -9.94 -3.63 -8.73
C ALA D 206 -9.38 -4.14 -7.40
N ARG D 207 -9.95 -5.27 -6.96
CA ARG D 207 -9.49 -6.02 -5.77
C ARG D 207 -9.59 -7.50 -6.11
N LEU D 208 -8.68 -8.29 -5.56
CA LEU D 208 -8.57 -9.69 -5.82
C LEU D 208 -8.58 -10.49 -4.54
N LEU D 209 -9.38 -11.54 -4.53
CA LEU D 209 -9.41 -12.55 -3.48
C LEU D 209 -9.07 -13.88 -4.10
N LEU D 210 -7.98 -14.50 -3.63
CA LEU D 210 -7.53 -15.80 -4.11
C LEU D 210 -7.63 -16.82 -3.00
N VAL D 211 -8.50 -17.81 -3.20
CA VAL D 211 -8.71 -18.86 -2.23
C VAL D 211 -8.21 -20.16 -2.81
N VAL D 212 -7.20 -20.74 -2.16
CA VAL D 212 -6.68 -22.06 -2.52
C VAL D 212 -7.16 -23.06 -1.49
N THR D 213 -7.47 -24.26 -1.97
CA THR D 213 -7.98 -25.33 -1.14
C THR D 213 -6.87 -26.34 -0.92
N ARG D 214 -6.52 -26.54 0.35
CA ARG D 214 -5.54 -27.55 0.82
C ARG D 214 -5.87 -28.90 0.17
N ASP D 215 -4.87 -29.60 -0.40
CA ASP D 215 -5.03 -30.98 -0.88
C ASP D 215 -6.03 -31.08 -2.03
N SER D 216 -5.98 -30.08 -2.93
CA SER D 216 -6.84 -30.01 -4.08
C SER D 216 -6.09 -29.21 -5.13
N ALA D 217 -6.42 -29.45 -6.40
CA ALA D 217 -5.84 -28.68 -7.51
C ALA D 217 -6.67 -27.41 -7.81
N ARG D 218 -7.80 -27.23 -7.10
CA ARG D 218 -8.77 -26.15 -7.39
C ARG D 218 -8.39 -24.88 -6.64
N ALA D 219 -8.38 -23.75 -7.35
CA ALA D 219 -8.30 -22.44 -6.75
C ALA D 219 -9.50 -21.63 -7.24
N ASP D 220 -9.87 -20.63 -6.44
CA ASP D 220 -10.95 -19.73 -6.76
C ASP D 220 -10.47 -18.29 -6.63
N LEU D 221 -10.79 -17.48 -7.65
CA LEU D 221 -10.46 -16.09 -7.67
C LEU D 221 -11.75 -15.29 -7.77
N LEU D 222 -11.93 -14.34 -6.84
CA LEU D 222 -12.95 -13.33 -6.94
C LEU D 222 -12.31 -12.03 -7.30
N LEU D 223 -12.61 -11.57 -8.50
CA LEU D 223 -12.19 -10.29 -9.00
C LEU D 223 -13.35 -9.35 -8.80
N SER D 224 -13.12 -8.32 -8.00
CA SER D 224 -14.07 -7.25 -7.80
C SER D 224 -13.51 -6.04 -8.53
N VAL D 225 -14.32 -5.45 -9.42
CA VAL D 225 -13.85 -4.35 -10.23
C VAL D 225 -14.99 -3.41 -10.60
N HIS D 226 -14.72 -2.10 -10.47
CA HIS D 226 -15.69 -1.11 -10.88
C HIS D 226 -15.87 -1.16 -12.38
N HIS D 227 -17.14 -1.00 -12.79
CA HIS D 227 -17.54 -1.10 -14.20
C HIS D 227 -16.83 -0.11 -15.14
N TYR D 228 -16.42 1.07 -14.65
CA TYR D 228 -15.73 2.10 -15.48
C TYR D 228 -14.40 1.51 -15.98
N ALA D 229 -13.89 0.47 -15.33
CA ALA D 229 -12.59 -0.15 -15.63
C ALA D 229 -12.66 -1.56 -16.18
N PHE D 230 -13.86 -2.03 -16.57
CA PHE D 230 -13.99 -3.42 -16.95
C PHE D 230 -15.27 -3.60 -17.75
N ASP D 231 -15.39 -4.74 -18.42
CA ASP D 231 -16.61 -5.10 -19.12
C ASP D 231 -16.57 -6.57 -19.44
N ASP D 232 -17.60 -7.06 -20.14
CA ASP D 232 -17.74 -8.47 -20.44
C ASP D 232 -16.59 -9.08 -21.26
N VAL D 233 -16.21 -8.45 -22.36
CA VAL D 233 -15.08 -8.93 -23.16
C VAL D 233 -13.79 -8.92 -22.34
N SER D 234 -13.65 -7.94 -21.44
CA SER D 234 -12.46 -7.83 -20.60
C SER D 234 -12.26 -9.08 -19.76
N LEU D 235 -13.37 -9.65 -19.28
CA LEU D 235 -13.28 -10.88 -18.51
C LEU D 235 -12.76 -12.03 -19.37
N ALA D 236 -13.26 -12.13 -20.62
CA ALA D 236 -12.83 -13.20 -21.50
C ALA D 236 -11.32 -13.04 -21.80
N VAL D 237 -10.88 -11.80 -22.05
CA VAL D 237 -9.47 -11.50 -22.26
C VAL D 237 -8.64 -11.90 -21.02
N PHE D 238 -9.07 -11.43 -19.85
CA PHE D 238 -8.37 -11.69 -18.62
C PHE D 238 -8.21 -13.20 -18.33
N ALA D 239 -9.31 -13.95 -18.47
CA ALA D 239 -9.30 -15.38 -18.22
C ALA D 239 -8.43 -16.16 -19.22
N ALA D 240 -8.49 -15.77 -20.50
CA ALA D 240 -7.72 -16.45 -21.54
C ALA D 240 -6.22 -16.21 -21.28
N GLU D 241 -5.86 -14.97 -20.96
CA GLU D 241 -4.46 -14.62 -20.72
C GLU D 241 -3.93 -15.24 -19.43
N LEU D 242 -4.79 -15.35 -18.40
CA LEU D 242 -4.43 -16.04 -17.19
C LEU D 242 -4.06 -17.48 -17.51
N LYS D 243 -4.88 -18.16 -18.32
CA LYS D 243 -4.64 -19.54 -18.73
C LYS D 243 -3.32 -19.70 -19.50
N THR D 244 -3.07 -18.80 -20.46
CA THR D 244 -1.82 -18.79 -21.20
C THR D 244 -0.62 -18.73 -20.24
N LEU D 245 -0.63 -17.79 -19.30
CA LEU D 245 0.46 -17.67 -18.32
C LEU D 245 0.62 -18.93 -17.46
N LEU D 246 -0.49 -19.44 -16.93
CA LEU D 246 -0.44 -20.64 -16.08
C LEU D 246 0.01 -21.89 -16.85
N ASP D 247 -0.24 -21.92 -18.17
CA ASP D 247 0.25 -23.00 -19.03
C ASP D 247 1.73 -22.89 -19.39
N GLY D 248 2.33 -21.74 -19.12
CA GLY D 248 3.73 -21.48 -19.42
C GLY D 248 3.95 -20.76 -20.73
N GLY D 249 2.87 -20.25 -21.34
CA GLY D 249 2.96 -19.46 -22.56
C GLY D 249 3.35 -18.02 -22.27
N ARG D 250 3.51 -17.25 -23.34
CA ARG D 250 3.95 -15.83 -23.32
C ARG D 250 2.82 -14.96 -23.88
N LEU D 251 2.74 -13.71 -23.44
CA LEU D 251 1.78 -12.78 -23.98
C LEU D 251 2.50 -11.73 -24.80
N GLY D 252 2.00 -11.48 -26.00
CA GLY D 252 2.56 -10.47 -26.87
C GLY D 252 2.27 -9.09 -26.34
N VAL D 253 3.09 -8.12 -26.74
CA VAL D 253 2.91 -6.74 -26.34
C VAL D 253 1.56 -6.25 -26.89
N LEU D 254 0.86 -5.43 -26.10
CA LEU D 254 -0.45 -4.90 -26.49
C LEU D 254 -0.25 -3.75 -27.45
N ALA D 255 -1.08 -3.70 -28.49
CA ALA D 255 -0.99 -2.66 -29.49
C ALA D 255 -1.61 -1.33 -29.06
N SER D 256 -2.37 -1.30 -27.95
CA SER D 256 -2.97 -0.05 -27.46
C SER D 256 -3.25 -0.06 -25.96
N THR D 257 -3.88 1.03 -25.50
CA THR D 257 -4.23 1.27 -24.11
C THR D 257 -5.55 2.03 -24.04
N PRO D 258 -6.23 2.05 -22.88
CA PRO D 258 -7.46 2.83 -22.72
C PRO D 258 -7.24 4.33 -22.98
N GLU D 259 -6.11 4.91 -22.55
CA GLU D 259 -5.81 6.33 -22.78
C GLU D 259 -5.72 6.65 -24.29
N GLN D 260 -5.12 5.75 -25.06
CA GLN D 260 -4.99 5.90 -26.49
C GLN D 260 -6.35 5.79 -27.17
N VAL D 261 -7.18 4.83 -26.73
CA VAL D 261 -8.54 4.73 -27.21
C VAL D 261 -9.27 6.04 -26.97
N ALA D 262 -9.11 6.60 -25.77
CA ALA D 262 -9.75 7.87 -25.43
C ALA D 262 -9.27 9.03 -26.32
N ALA D 263 -7.96 9.09 -26.59
CA ALA D 263 -7.35 10.11 -27.44
C ALA D 263 -7.87 10.06 -28.86
N ARG D 264 -7.90 8.85 -29.44
CA ARG D 264 -8.53 8.62 -30.77
C ARG D 264 -9.97 9.13 -30.75
N GLU D 265 -10.71 8.92 -29.66
CA GLU D 265 -12.11 9.33 -29.61
C GLU D 265 -12.21 10.85 -29.57
N ARG D 266 -11.31 11.49 -28.82
CA ARG D 266 -11.23 12.98 -28.73
C ARG D 266 -11.02 13.53 -30.15
N ALA D 267 -10.16 12.89 -30.94
CA ALA D 267 -9.90 13.29 -32.31
C ALA D 267 -11.13 13.08 -33.19
N ALA D 268 -11.74 11.89 -33.10
CA ALA D 268 -12.90 11.58 -33.92
C ALA D 268 -14.09 12.51 -33.60
N LEU D 269 -14.22 12.91 -32.34
CA LEU D 269 -15.24 13.88 -31.94
C LEU D 269 -14.98 15.26 -32.56
N ALA D 270 -13.73 15.75 -32.43
CA ALA D 270 -13.28 17.01 -33.03
C ALA D 270 -13.54 17.05 -34.55
N SER D 271 -13.21 15.94 -35.23
CA SER D 271 -13.36 15.80 -36.66
C SER D 271 -14.81 15.87 -37.17
N GLY D 272 -15.78 15.66 -36.28
CA GLY D 272 -17.20 15.64 -36.63
C GLY D 272 -17.75 14.36 -37.25
N ARG D 273 -16.86 13.40 -37.54
CA ARG D 273 -17.20 12.09 -38.20
C ARG D 273 -18.26 11.36 -37.37
N LEU D 274 -18.14 11.34 -36.04
CA LEU D 274 -19.09 10.60 -35.20
C LEU D 274 -20.45 11.29 -35.16
N ASP D 275 -20.44 12.61 -35.00
CA ASP D 275 -21.68 13.40 -34.97
C ASP D 275 -22.53 13.33 -36.27
N ARG D 276 -21.85 13.24 -37.42
CA ARG D 276 -22.53 13.12 -38.73
C ARG D 276 -23.25 11.77 -38.82
N VAL D 277 -22.66 10.69 -38.31
CA VAL D 277 -23.33 9.40 -38.28
C VAL D 277 -24.56 9.48 -37.37
N ALA D 278 -24.37 10.08 -36.19
CA ALA D 278 -25.45 10.24 -35.23
C ALA D 278 -26.61 11.04 -35.83
N GLU D 279 -26.29 12.13 -36.54
CA GLU D 279 -27.30 12.99 -37.14
C GLU D 279 -28.16 12.25 -38.15
N ARG D 280 -27.53 11.40 -38.97
CA ARG D 280 -28.21 10.50 -39.93
C ARG D 280 -29.18 9.57 -39.18
N TRP D 281 -28.75 8.95 -38.08
CA TRP D 281 -29.59 8.03 -37.32
C TRP D 281 -30.75 8.72 -36.64
N ALA D 282 -30.50 9.97 -36.19
CA ALA D 282 -31.49 10.78 -35.48
C ALA D 282 -32.77 10.93 -36.28
N GLU D 283 -32.64 11.03 -37.61
CA GLU D 283 -33.76 11.14 -38.53
C GLU D 283 -34.76 10.01 -38.30
N ARG D 284 -34.30 8.77 -38.45
CA ARG D 284 -35.15 7.54 -38.29
C ARG D 284 -35.64 7.44 -36.84
N LEU D 285 -34.86 7.92 -35.86
CA LEU D 285 -35.19 7.72 -34.44
C LEU D 285 -36.14 8.76 -33.86
N LEU D 286 -36.22 9.92 -34.53
CA LEU D 286 -36.91 11.08 -33.98
C LEU D 286 -38.34 10.81 -33.53
N PRO D 287 -39.19 10.13 -34.34
CA PRO D 287 -40.56 9.82 -33.92
C PRO D 287 -40.58 9.16 -32.54
N LEU D 288 -39.67 8.22 -32.29
CA LEU D 288 -39.63 7.46 -31.05
C LEU D 288 -39.04 8.19 -29.85
N ALA D 289 -38.48 9.39 -30.06
CA ALA D 289 -37.95 10.21 -28.96
C ALA D 289 -39.11 10.94 -28.32
N GLY D 307 -36.27 -5.48 -9.59
CA GLY D 307 -35.46 -6.42 -10.37
C GLY D 307 -35.68 -7.95 -10.26
N GLN D 308 -36.03 -8.59 -11.38
CA GLN D 308 -36.30 -10.02 -11.48
C GLN D 308 -35.61 -10.61 -12.71
N ARG D 309 -34.90 -11.72 -12.50
CA ARG D 309 -34.00 -12.35 -13.51
C ARG D 309 -34.48 -13.76 -13.78
N LEU D 310 -34.56 -14.16 -15.04
CA LEU D 310 -34.98 -15.50 -15.39
C LEU D 310 -34.15 -16.00 -16.55
N ALA D 311 -33.53 -17.17 -16.36
CA ALA D 311 -32.60 -17.71 -17.35
C ALA D 311 -33.14 -19.05 -17.84
N LEU D 312 -33.60 -19.06 -19.09
CA LEU D 312 -34.26 -20.23 -19.67
C LEU D 312 -33.49 -20.71 -20.89
N PRO D 313 -33.30 -22.04 -21.06
CA PRO D 313 -32.62 -22.55 -22.25
C PRO D 313 -33.56 -22.34 -23.44
N VAL D 314 -33.01 -21.96 -24.59
CA VAL D 314 -33.79 -21.83 -25.81
C VAL D 314 -33.93 -23.24 -26.36
N SER D 315 -35.17 -23.66 -26.64
CA SER D 315 -35.43 -25.01 -27.16
C SER D 315 -34.63 -25.21 -28.44
N ALA D 316 -34.24 -26.47 -28.69
CA ALA D 316 -33.45 -26.84 -29.87
C ALA D 316 -34.14 -26.41 -31.19
N ALA D 317 -35.46 -26.61 -31.25
CA ALA D 317 -36.27 -26.28 -32.40
C ALA D 317 -36.36 -24.76 -32.66
N VAL D 318 -36.40 -23.97 -31.58
CA VAL D 318 -36.39 -22.51 -31.69
C VAL D 318 -35.02 -22.03 -32.19
N HIS D 319 -33.94 -22.64 -31.67
CA HIS D 319 -32.59 -22.31 -32.11
C HIS D 319 -32.43 -22.56 -33.61
N ALA D 320 -32.86 -23.75 -34.05
CA ALA D 320 -32.81 -24.13 -35.46
C ALA D 320 -33.68 -23.22 -36.34
N ALA D 321 -34.90 -22.93 -35.88
CA ALA D 321 -35.82 -22.02 -36.59
C ALA D 321 -35.14 -20.67 -36.81
N CYS D 322 -34.52 -20.16 -35.74
CA CYS D 322 -33.87 -18.86 -35.78
C CYS D 322 -32.76 -18.83 -36.83
N ARG D 323 -31.95 -19.89 -36.86
CA ARG D 323 -30.78 -20.04 -37.78
C ARG D 323 -31.26 -20.20 -39.23
N ALA D 324 -32.32 -20.99 -39.44
CA ALA D 324 -32.90 -21.17 -40.76
C ALA D 324 -33.39 -19.84 -41.34
N LEU D 325 -34.23 -19.14 -40.58
CA LEU D 325 -34.74 -17.81 -40.91
C LEU D 325 -33.60 -16.84 -41.25
N ALA D 326 -32.52 -16.89 -40.47
CA ALA D 326 -31.38 -16.03 -40.66
C ALA D 326 -30.69 -16.28 -41.99
N GLU D 327 -30.43 -17.55 -42.30
CA GLU D 327 -29.73 -17.92 -43.53
C GLU D 327 -30.57 -17.58 -44.76
N ARG D 328 -31.89 -17.80 -44.68
CA ARG D 328 -32.85 -17.49 -45.77
C ARG D 328 -32.85 -15.99 -46.07
N THR D 329 -32.54 -15.12 -45.10
CA THR D 329 -32.64 -13.68 -45.28
C THR D 329 -31.29 -12.97 -45.25
N SER D 330 -30.20 -13.75 -45.16
CA SER D 330 -28.83 -13.24 -45.05
C SER D 330 -28.62 -12.22 -43.93
N VAL D 331 -29.23 -12.50 -42.78
CA VAL D 331 -28.95 -11.75 -41.53
C VAL D 331 -28.40 -12.71 -40.48
N SER D 332 -27.89 -12.13 -39.38
CA SER D 332 -27.38 -12.92 -38.26
C SER D 332 -28.54 -13.59 -37.52
N PRO D 333 -28.32 -14.80 -36.94
CA PRO D 333 -29.30 -15.40 -36.03
C PRO D 333 -29.76 -14.42 -34.94
N PHE D 334 -28.85 -13.61 -34.40
CA PHE D 334 -29.22 -12.62 -33.39
C PHE D 334 -30.29 -11.64 -33.91
N SER D 335 -30.16 -11.22 -35.18
CA SER D 335 -31.11 -10.32 -35.84
C SER D 335 -32.53 -10.90 -35.79
N ALA D 336 -32.64 -12.20 -36.07
CA ALA D 336 -33.91 -12.91 -36.00
C ALA D 336 -34.46 -12.93 -34.56
N ALA D 337 -33.56 -13.20 -33.61
CA ALA D 337 -33.94 -13.25 -32.19
C ALA D 337 -34.43 -11.88 -31.75
N LEU D 338 -33.74 -10.83 -32.20
CA LEU D 338 -34.09 -9.47 -31.84
C LEU D 338 -35.44 -9.07 -32.43
N GLN D 339 -35.66 -9.43 -33.70
CA GLN D 339 -36.93 -9.17 -34.36
C GLN D 339 -38.10 -9.72 -33.54
N ALA D 340 -38.01 -10.99 -33.17
CA ALA D 340 -39.05 -11.67 -32.44
C ALA D 340 -39.26 -11.01 -31.07
N PHE D 341 -38.16 -10.57 -30.44
CA PHE D 341 -38.24 -9.92 -29.14
C PHE D 341 -39.05 -8.62 -29.27
N ALA D 342 -38.69 -7.81 -30.27
CA ALA D 342 -39.36 -6.57 -30.53
C ALA D 342 -40.85 -6.79 -30.88
N GLU D 343 -41.14 -7.84 -31.64
CA GLU D 343 -42.50 -8.11 -32.12
C GLU D 343 -43.38 -8.51 -30.96
N VAL D 344 -42.88 -9.39 -30.10
CA VAL D 344 -43.59 -9.82 -28.91
C VAL D 344 -43.84 -8.66 -27.95
N LEU D 345 -42.79 -7.87 -27.66
CA LEU D 345 -42.96 -6.73 -26.78
C LEU D 345 -43.87 -5.65 -27.39
N GLY D 346 -43.78 -5.47 -28.69
CA GLY D 346 -44.59 -4.50 -29.42
C GLY D 346 -46.06 -4.81 -29.32
N ALA D 347 -46.41 -6.09 -29.50
CA ALA D 347 -47.78 -6.58 -29.36
C ALA D 347 -48.25 -6.42 -27.93
N GLU D 348 -47.39 -6.79 -26.97
CA GLU D 348 -47.75 -6.72 -25.56
C GLU D 348 -48.09 -5.26 -25.17
N LEU D 349 -47.26 -4.31 -25.60
CA LEU D 349 -47.41 -2.90 -25.28
C LEU D 349 -48.37 -2.15 -26.21
N GLY D 350 -48.76 -2.80 -27.31
CA GLY D 350 -49.71 -2.23 -28.25
C GLY D 350 -49.20 -1.07 -29.09
N VAL D 351 -47.95 -1.17 -29.57
CA VAL D 351 -47.36 -0.14 -30.43
C VAL D 351 -46.92 -0.70 -31.79
N ASP D 352 -46.85 0.20 -32.79
CA ASP D 352 -46.45 -0.08 -34.17
C ASP D 352 -44.95 0.00 -34.42
N ASP D 353 -44.23 0.72 -33.54
CA ASP D 353 -42.79 0.92 -33.63
C ASP D 353 -42.20 0.84 -32.23
N LEU D 354 -41.03 0.21 -32.12
CA LEU D 354 -40.39 -0.04 -30.85
C LEU D 354 -38.91 0.33 -30.85
N LEU D 355 -38.51 1.10 -29.83
CA LEU D 355 -37.12 1.46 -29.58
C LEU D 355 -36.48 0.33 -28.76
N VAL D 356 -35.45 -0.31 -29.35
CA VAL D 356 -34.69 -1.38 -28.68
C VAL D 356 -33.21 -1.00 -28.60
N GLY D 357 -32.68 -0.95 -27.37
CA GLY D 357 -31.26 -0.76 -27.14
C GLY D 357 -30.50 -2.01 -27.56
N VAL D 358 -29.35 -1.84 -28.22
CA VAL D 358 -28.47 -2.95 -28.55
C VAL D 358 -27.13 -2.71 -27.86
N ALA D 359 -26.73 -3.69 -27.05
CA ALA D 359 -25.51 -3.61 -26.28
C ALA D 359 -24.38 -4.05 -27.19
N LEU D 360 -23.38 -3.18 -27.33
CA LEU D 360 -22.26 -3.41 -28.24
C LEU D 360 -20.97 -3.39 -27.47
N ALA D 361 -20.08 -4.32 -27.82
CA ALA D 361 -18.77 -4.45 -27.19
C ALA D 361 -17.92 -3.19 -27.40
N GLY D 362 -18.13 -2.50 -28.52
CA GLY D 362 -17.56 -1.19 -28.77
C GLY D 362 -16.06 -1.20 -29.04
N ARG D 363 -15.57 -2.35 -29.52
CA ARG D 363 -14.15 -2.56 -29.88
C ARG D 363 -14.02 -2.55 -31.42
N SER D 364 -13.98 -1.34 -31.98
CA SER D 364 -14.11 -1.09 -33.41
C SER D 364 -12.84 -1.36 -34.23
N ARG D 365 -11.68 -1.43 -33.57
CA ARG D 365 -10.36 -1.63 -34.24
C ARG D 365 -9.72 -2.91 -33.69
N LEU D 366 -8.89 -3.57 -34.49
CA LEU D 366 -8.21 -4.77 -34.09
C LEU D 366 -7.42 -4.58 -32.78
N GLU D 367 -6.77 -3.41 -32.64
CA GLU D 367 -5.98 -3.11 -31.46
C GLU D 367 -6.79 -2.93 -30.16
N MET D 368 -8.12 -2.87 -30.27
CA MET D 368 -9.02 -2.78 -29.11
C MET D 368 -9.50 -4.15 -28.60
N GLN D 369 -9.30 -5.19 -29.40
CA GLN D 369 -9.91 -6.50 -29.14
C GLN D 369 -9.32 -7.22 -27.94
N GLY D 370 -8.06 -6.95 -27.61
CA GLY D 370 -7.39 -7.60 -26.51
C GLY D 370 -7.18 -6.73 -25.29
N LEU D 371 -7.88 -5.59 -25.25
CA LEU D 371 -7.75 -4.65 -24.16
C LEU D 371 -8.64 -4.99 -23.00
N VAL D 372 -8.25 -4.53 -21.80
CA VAL D 372 -9.06 -4.59 -20.60
C VAL D 372 -9.46 -3.17 -20.27
N GLY D 373 -10.76 -2.99 -20.00
CA GLY D 373 -11.36 -1.68 -19.76
C GLY D 373 -12.84 -1.74 -20.07
N CYS D 374 -13.50 -0.58 -20.01
CA CYS D 374 -14.88 -0.45 -20.36
C CYS D 374 -14.99 0.18 -21.74
N PHE D 375 -15.43 -0.62 -22.72
CA PHE D 375 -15.64 -0.15 -24.09
C PHE D 375 -17.10 -0.25 -24.55
N VAL D 376 -17.98 -0.80 -23.69
CA VAL D 376 -19.34 -1.09 -24.06
C VAL D 376 -20.11 0.16 -24.34
N ASN D 377 -21.03 0.03 -25.31
CA ASN D 377 -21.80 1.11 -25.81
C ASN D 377 -23.19 0.56 -25.99
N LEU D 378 -24.20 1.42 -25.92
CA LEU D 378 -25.56 0.99 -26.11
C LEU D 378 -26.09 1.93 -27.16
N LEU D 379 -26.54 1.38 -28.28
CA LEU D 379 -27.07 2.20 -29.36
C LEU D 379 -28.50 1.78 -29.69
N PRO D 380 -29.37 2.76 -30.04
CA PRO D 380 -30.78 2.47 -30.30
C PRO D 380 -31.05 1.94 -31.71
N LEU D 381 -31.99 1.01 -31.80
CA LEU D 381 -32.52 0.47 -33.03
C LEU D 381 -34.04 0.74 -33.00
N ALA D 382 -34.60 1.22 -34.11
CA ALA D 382 -36.05 1.32 -34.30
C ALA D 382 -36.51 0.08 -35.03
N VAL D 383 -37.47 -0.64 -34.46
CA VAL D 383 -38.06 -1.79 -35.13
C VAL D 383 -39.52 -1.46 -35.44
N GLY D 384 -39.83 -1.46 -36.74
CA GLY D 384 -41.21 -1.28 -37.20
C GLY D 384 -41.96 -2.60 -37.16
N LEU D 385 -43.17 -2.55 -36.59
CA LEU D 385 -44.02 -3.74 -36.49
C LEU D 385 -45.26 -3.64 -37.38
N ARG D 386 -45.09 -3.17 -38.62
CA ARG D 386 -46.18 -2.92 -39.61
C ARG D 386 -46.61 -4.24 -40.25
N PRO D 387 -47.87 -4.68 -40.00
CA PRO D 387 -48.36 -5.97 -40.48
C PRO D 387 -48.42 -6.06 -42.02
N GLU D 388 -48.41 -4.93 -42.73
CA GLU D 388 -48.38 -4.90 -44.20
C GLU D 388 -47.12 -5.52 -44.83
N GLN D 389 -45.97 -5.38 -44.15
CA GLN D 389 -44.70 -5.87 -44.67
C GLN D 389 -44.48 -7.32 -44.30
N SER D 390 -43.75 -8.04 -45.15
CA SER D 390 -43.44 -9.44 -44.89
C SER D 390 -42.51 -9.58 -43.67
N VAL D 391 -42.58 -10.74 -43.03
CA VAL D 391 -41.64 -11.14 -41.99
C VAL D 391 -40.20 -10.95 -42.51
N GLU D 392 -39.94 -11.44 -43.74
CA GLU D 392 -38.59 -11.46 -44.31
C GLU D 392 -38.04 -10.06 -44.53
N TRP D 393 -38.93 -9.13 -44.90
CA TRP D 393 -38.53 -7.77 -45.21
C TRP D 393 -38.17 -7.03 -43.93
N ARG D 394 -39.01 -7.21 -42.90
CA ARG D 394 -38.82 -6.62 -41.55
C ARG D 394 -37.50 -7.14 -40.97
N LEU D 395 -37.21 -8.43 -41.18
CA LEU D 395 -35.99 -9.05 -40.72
C LEU D 395 -34.78 -8.48 -41.43
N ARG D 396 -34.85 -8.35 -42.77
CA ARG D 396 -33.75 -7.77 -43.58
C ARG D 396 -33.45 -6.35 -43.10
N GLN D 397 -34.49 -5.61 -42.75
CA GLN D 397 -34.34 -4.25 -42.25
C GLN D 397 -33.63 -4.23 -40.87
N VAL D 398 -34.07 -5.11 -39.96
CA VAL D 398 -33.46 -5.26 -38.64
C VAL D 398 -31.98 -5.64 -38.80
N GLY D 399 -31.71 -6.65 -39.63
CA GLY D 399 -30.36 -7.12 -39.89
C GLY D 399 -29.46 -6.02 -40.40
N HIS D 400 -29.99 -5.21 -41.32
CA HIS D 400 -29.23 -4.13 -41.92
C HIS D 400 -28.92 -3.04 -40.89
N ASP D 401 -29.93 -2.67 -40.09
CA ASP D 401 -29.75 -1.67 -39.05
C ASP D 401 -28.75 -2.13 -37.98
N LEU D 402 -28.74 -3.44 -37.68
CA LEU D 402 -27.80 -4.04 -36.78
C LEU D 402 -26.36 -3.91 -37.28
N LEU D 403 -26.14 -4.26 -38.56
CA LEU D 403 -24.81 -4.16 -39.17
C LEU D 403 -24.36 -2.70 -39.22
N GLU D 404 -25.31 -1.79 -39.41
CA GLU D 404 -25.02 -0.36 -39.36
C GLU D 404 -24.50 0.07 -37.98
N LEU D 405 -25.15 -0.39 -36.91
CA LEU D 405 -24.72 -0.04 -35.54
C LEU D 405 -23.37 -0.65 -35.24
N LEU D 406 -23.15 -1.88 -35.69
CA LEU D 406 -21.93 -2.58 -35.46
C LEU D 406 -20.76 -1.91 -36.19
N GLU D 407 -20.98 -1.57 -37.45
CA GLU D 407 -20.02 -0.83 -38.25
C GLU D 407 -19.60 0.45 -37.54
N HIS D 408 -20.56 1.13 -36.90
CA HIS D 408 -20.33 2.44 -36.29
C HIS D 408 -20.43 2.38 -34.78
N GLN D 409 -19.98 1.27 -34.19
CA GLN D 409 -20.10 1.11 -32.74
C GLN D 409 -19.19 2.05 -31.94
N ASP D 410 -18.26 2.72 -32.64
CA ASP D 410 -17.45 3.80 -32.08
C ASP D 410 -18.21 5.12 -31.90
N VAL D 411 -19.44 5.20 -32.43
CA VAL D 411 -20.27 6.38 -32.18
C VAL D 411 -20.90 6.29 -30.80
N PRO D 412 -20.51 7.15 -29.84
CA PRO D 412 -21.03 7.04 -28.48
C PRO D 412 -22.50 7.43 -28.40
N LEU D 413 -23.24 6.78 -27.50
CA LEU D 413 -24.64 7.04 -27.25
C LEU D 413 -24.89 8.53 -27.10
N GLU D 414 -23.95 9.24 -26.42
CA GLU D 414 -24.08 10.67 -26.20
C GLU D 414 -24.20 11.51 -27.49
N CYS D 415 -23.55 11.07 -28.58
CA CYS D 415 -23.70 11.76 -29.87
C CYS D 415 -25.11 11.62 -30.42
N VAL D 416 -25.71 10.44 -30.24
CA VAL D 416 -27.06 10.18 -30.73
C VAL D 416 -28.04 11.04 -29.93
N THR D 417 -27.83 11.09 -28.61
CA THR D 417 -28.65 11.88 -27.71
C THR D 417 -28.58 13.35 -28.12
N GLN D 418 -27.37 13.84 -28.37
CA GLN D 418 -27.14 15.22 -28.75
C GLN D 418 -27.84 15.54 -30.08
N ALA D 419 -27.69 14.66 -31.07
CA ALA D 419 -28.31 14.83 -32.37
C ALA D 419 -29.83 14.91 -32.26
N LEU D 420 -30.42 14.16 -31.33
CA LEU D 420 -31.86 14.17 -31.10
C LEU D 420 -32.32 15.48 -30.45
N ARG D 421 -31.55 16.01 -29.49
CA ARG D 421 -31.80 17.33 -28.84
C ARG D 421 -31.77 18.44 -29.90
N GLN D 422 -30.84 18.38 -30.83
CA GLN D 422 -30.74 19.38 -31.88
C GLN D 422 -31.88 19.31 -32.89
N ARG D 423 -32.77 18.34 -32.74
CA ARG D 423 -34.00 18.19 -33.55
C ARG D 423 -35.23 18.25 -32.65
N GLY D 424 -35.09 18.82 -31.44
CA GLY D 424 -36.22 19.13 -30.58
C GLY D 424 -36.57 18.18 -29.45
N ALA D 425 -36.11 16.93 -29.51
CA ALA D 425 -36.43 15.92 -28.48
C ALA D 425 -35.69 16.19 -27.18
N SER D 426 -36.27 15.77 -26.05
CA SER D 426 -35.63 15.94 -24.73
C SER D 426 -34.45 14.98 -24.58
N GLY D 427 -34.65 13.74 -25.03
CA GLY D 427 -33.59 12.74 -25.07
C GLY D 427 -34.06 11.50 -25.77
N LEU D 428 -33.49 10.36 -25.37
CA LEU D 428 -33.69 9.10 -26.03
C LEU D 428 -34.12 8.08 -24.97
N PRO D 429 -35.44 7.84 -24.80
CA PRO D 429 -35.92 7.01 -23.69
C PRO D 429 -35.81 5.51 -24.00
N ILE D 430 -34.61 4.94 -23.89
CA ILE D 430 -34.43 3.48 -24.06
C ILE D 430 -34.86 2.76 -22.79
N ARG D 431 -35.92 1.96 -22.90
CA ARG D 431 -36.52 1.21 -21.77
C ARG D 431 -36.27 -0.30 -21.95
N ILE D 432 -36.04 -0.75 -23.19
CA ILE D 432 -35.82 -2.14 -23.47
C ILE D 432 -34.51 -2.29 -24.23
N ALA D 433 -33.83 -3.42 -24.00
CA ALA D 433 -32.57 -3.69 -24.66
C ALA D 433 -32.35 -5.18 -24.85
N CYS D 434 -31.45 -5.47 -25.79
CA CYS D 434 -31.17 -6.82 -26.26
C CYS D 434 -29.63 -6.91 -26.41
N GLY D 435 -29.07 -8.08 -26.09
CA GLY D 435 -27.65 -8.29 -26.22
C GLY D 435 -27.32 -9.74 -26.30
N ALA D 436 -26.04 -10.03 -26.59
CA ALA D 436 -25.50 -11.39 -26.60
C ALA D 436 -24.07 -11.40 -26.05
N HIS D 437 -23.70 -12.49 -25.36
CA HIS D 437 -22.39 -12.61 -24.67
C HIS D 437 -21.48 -13.59 -25.34
N GLY D 448 -4.23 -28.57 -20.53
CA GLY D 448 -3.53 -27.76 -19.54
C GLY D 448 -4.42 -27.30 -18.40
N VAL D 449 -4.11 -26.13 -17.84
CA VAL D 449 -4.84 -25.58 -16.70
C VAL D 449 -6.26 -25.17 -17.14
N ARG D 450 -7.26 -25.53 -16.34
CA ARG D 450 -8.68 -25.18 -16.57
C ARG D 450 -8.96 -23.82 -15.91
N VAL D 451 -9.48 -22.87 -16.67
CA VAL D 451 -9.90 -21.57 -16.16
C VAL D 451 -11.31 -21.31 -16.65
N GLU D 452 -12.25 -21.20 -15.71
CA GLU D 452 -13.63 -20.84 -15.99
C GLU D 452 -13.89 -19.50 -15.32
N ALA D 453 -14.61 -18.61 -15.99
CA ALA D 453 -14.86 -17.26 -15.52
C ALA D 453 -16.32 -16.93 -15.75
N ASP D 454 -16.97 -16.36 -14.74
CA ASP D 454 -18.38 -15.96 -14.81
C ASP D 454 -18.58 -14.73 -13.93
N PHE D 455 -19.39 -13.78 -14.42
CA PHE D 455 -19.88 -12.69 -13.60
C PHE D 455 -20.98 -13.20 -12.68
N ILE D 456 -21.04 -12.65 -11.46
CA ILE D 456 -22.16 -12.82 -10.56
C ILE D 456 -23.05 -11.61 -10.82
N PRO D 457 -24.30 -11.80 -11.31
CA PRO D 457 -25.11 -10.66 -11.73
C PRO D 457 -25.31 -9.60 -10.64
N VAL D 458 -25.26 -8.33 -11.05
CA VAL D 458 -25.65 -7.22 -10.23
C VAL D 458 -27.16 -7.29 -10.06
N PRO D 459 -27.70 -7.19 -8.83
CA PRO D 459 -29.15 -7.20 -8.63
C PRO D 459 -29.78 -5.87 -9.05
N GLY D 460 -31.10 -5.86 -9.24
CA GLY D 460 -31.80 -4.67 -9.66
C GLY D 460 -31.97 -4.63 -11.16
N ALA D 461 -32.53 -3.52 -11.65
CA ALA D 461 -32.77 -3.35 -13.05
C ALA D 461 -32.91 -1.87 -13.31
N ARG D 462 -32.10 -1.35 -14.23
CA ARG D 462 -32.16 0.05 -14.69
C ARG D 462 -33.18 0.13 -15.84
N LEU D 463 -33.14 -0.82 -16.78
CA LEU D 463 -34.09 -0.90 -17.87
C LEU D 463 -35.32 -1.72 -17.45
N ASP D 464 -36.46 -1.44 -18.09
CA ASP D 464 -37.71 -2.16 -17.83
C ASP D 464 -37.54 -3.63 -18.12
N LEU D 465 -36.87 -3.95 -19.22
CA LEU D 465 -36.71 -5.32 -19.66
C LEU D 465 -35.52 -5.48 -20.62
N THR D 466 -34.72 -6.53 -20.39
CA THR D 466 -33.66 -6.88 -21.31
C THR D 466 -33.67 -8.35 -21.58
N LEU D 467 -33.25 -8.71 -22.79
CA LEU D 467 -33.02 -10.08 -23.19
C LEU D 467 -31.56 -10.19 -23.60
N TRP D 468 -30.83 -11.12 -22.98
CA TRP D 468 -29.46 -11.46 -23.31
C TRP D 468 -29.44 -12.88 -23.76
N LEU D 469 -28.84 -13.14 -24.93
CA LEU D 469 -28.64 -14.50 -25.39
C LEU D 469 -27.20 -14.90 -25.11
N GLU D 470 -27.03 -16.05 -24.44
CA GLU D 470 -25.73 -16.63 -24.16
C GLU D 470 -25.57 -17.90 -24.95
N LEU D 477 -29.02 -19.90 -24.36
CA LEU D 477 -29.65 -19.59 -23.09
C LEU D 477 -30.17 -18.15 -23.14
N ALA D 478 -31.47 -18.01 -22.82
CA ALA D 478 -32.14 -16.73 -22.81
C ALA D 478 -32.22 -16.21 -21.40
N VAL D 479 -31.61 -15.04 -21.17
CA VAL D 479 -31.59 -14.42 -19.86
C VAL D 479 -32.40 -13.14 -19.93
N TRP D 480 -33.59 -13.19 -19.30
CA TRP D 480 -34.50 -12.08 -19.22
C TRP D 480 -34.36 -11.40 -17.88
N THR D 481 -34.25 -10.07 -17.89
CA THR D 481 -34.25 -9.29 -16.67
C THR D 481 -35.29 -8.17 -16.77
N GLY D 482 -36.25 -8.18 -15.82
CA GLY D 482 -37.27 -7.15 -15.75
C GLY D 482 -37.35 -6.43 -14.42
N VAL D 483 -37.78 -5.18 -14.45
CA VAL D 483 -38.23 -4.45 -13.28
C VAL D 483 -39.46 -5.21 -12.70
N SER D 484 -39.33 -5.71 -11.46
CA SER D 484 -40.34 -6.54 -10.79
C SER D 484 -41.77 -6.00 -10.84
N ALA D 485 -41.90 -4.69 -10.60
CA ALA D 485 -43.17 -3.97 -10.62
C ALA D 485 -43.88 -3.98 -11.98
N ILE D 486 -43.15 -4.27 -13.06
CA ILE D 486 -43.72 -4.31 -14.39
C ILE D 486 -43.68 -5.73 -14.97
N PHE D 487 -42.51 -6.36 -14.93
CA PHE D 487 -42.32 -7.71 -15.47
C PHE D 487 -41.84 -8.61 -14.34
N ASP D 488 -42.80 -9.18 -13.61
CA ASP D 488 -42.54 -10.20 -12.60
C ASP D 488 -42.24 -11.53 -13.29
N LEU D 489 -41.89 -12.55 -12.49
CA LEU D 489 -41.46 -13.84 -12.98
C LEU D 489 -42.43 -14.50 -13.98
N HIS D 490 -43.72 -14.50 -13.63
CA HIS D 490 -44.73 -15.17 -14.43
C HIS D 490 -44.93 -14.48 -15.78
N ARG D 491 -44.93 -13.13 -15.78
CA ARG D 491 -45.03 -12.33 -17.02
C ARG D 491 -43.81 -12.61 -17.91
N ILE D 492 -42.61 -12.68 -17.32
CA ILE D 492 -41.41 -12.98 -18.09
C ILE D 492 -41.50 -14.36 -18.73
N GLU D 493 -41.93 -15.36 -17.93
CA GLU D 493 -42.14 -16.72 -18.46
C GLU D 493 -43.06 -16.73 -19.67
N ARG D 494 -44.17 -15.99 -19.58
CA ARG D 494 -45.16 -15.85 -20.68
C ARG D 494 -44.48 -15.15 -21.87
N LEU D 495 -43.68 -14.10 -21.62
CA LEU D 495 -42.99 -13.44 -22.73
C LEU D 495 -42.02 -14.36 -23.42
N HIS D 496 -41.30 -15.18 -22.64
CA HIS D 496 -40.34 -16.12 -23.20
C HIS D 496 -41.03 -17.13 -24.11
N GLN D 497 -42.17 -17.66 -23.66
CA GLN D 497 -42.95 -18.60 -24.47
C GLN D 497 -43.44 -17.92 -25.74
N ALA D 498 -43.97 -16.70 -25.61
CA ALA D 498 -44.42 -15.94 -26.79
C ALA D 498 -43.26 -15.72 -27.77
N TRP D 499 -42.08 -15.43 -27.23
CA TRP D 499 -40.88 -15.21 -28.05
C TRP D 499 -40.49 -16.46 -28.83
N GLU D 500 -40.51 -17.61 -28.15
CA GLU D 500 -40.24 -18.90 -28.80
C GLU D 500 -41.25 -19.20 -29.92
N ARG D 501 -42.55 -19.03 -29.63
CA ARG D 501 -43.64 -19.27 -30.61
C ARG D 501 -43.45 -18.31 -31.79
N ARG D 502 -43.12 -17.05 -31.51
CA ARG D 502 -42.99 -16.01 -32.57
C ARG D 502 -41.86 -16.41 -33.54
N LEU D 503 -40.75 -16.94 -33.02
CA LEU D 503 -39.64 -17.36 -33.85
C LEU D 503 -40.03 -18.51 -34.74
N LEU D 504 -40.73 -19.50 -34.16
CA LEU D 504 -41.19 -20.68 -34.90
C LEU D 504 -42.14 -20.23 -36.03
N ALA D 505 -43.13 -19.39 -35.69
CA ALA D 505 -44.07 -18.81 -36.65
C ALA D 505 -43.33 -18.09 -37.79
N ASN D 506 -42.49 -17.11 -37.44
CA ASN D 506 -41.69 -16.36 -38.41
C ASN D 506 -40.89 -17.26 -39.38
N ALA D 507 -40.49 -18.44 -38.91
CA ALA D 507 -39.71 -19.39 -39.70
C ALA D 507 -40.58 -20.25 -40.64
#